data_9EIT
#
_entry.id   9EIT
#
_cell.length_a   1.00
_cell.length_b   1.00
_cell.length_c   1.00
_cell.angle_alpha   90.00
_cell.angle_beta   90.00
_cell.angle_gamma   90.00
#
_symmetry.space_group_name_H-M   'P 1'
#
loop_
_entity.id
_entity.type
_entity.pdbx_description
1 polymer 'NCS.1 Heavy Chain'
2 polymer 'NCS.1 Light Chain'
3 polymer Neuraminidase
4 non-polymer 2-acetamido-2-deoxy-beta-D-glucopyranose
5 non-polymer 'CALCIUM ION'
6 water water
#
loop_
_entity_poly.entity_id
_entity_poly.type
_entity_poly.pdbx_seq_one_letter_code
_entity_poly.pdbx_strand_id
1 'polypeptide(L)'
;LVKPSETLSLTCSVSGESISSGGYYWTWIRQHPGKGLEWIGNIFDTGSTHYSPSLKTRLTISIDTSKNQFYLRLNSATAA
DTAVYYCARVGYSLETDRPYYFGLDVWGQGTTVTVSS
;
H,I,N,S
2 'polypeptide(L)'
;DIVMTQSPLSLPVTPGEPASISCRSSQSLLHSNGYTYLDWYLQKPGQSPQLLIYLASNRASGVPDRFSGSGSGTYFTLKI
SRVEAEDVGVYYCMQAVQTPWTFGQGTKVEIK
;
L,M,O,T
3 'polypeptide(L)'
;EFLNNTEPLCNVSGFAIVSKDNGIRIGSRGHVFVIREPFVACGPTECRTFFLTQGALLNDKHSNNTVKDRSPYRALMSVP
LGSSPNAYQAKFESVAWSATACHDGKKWLAVGISGADDDAYAVIHYGGMPTDVVRSWRKQILRTQESSCVCMNGNCYWVM
TDGPANSQASYKIFKSHEGMVTNEREVSFQGGHIEECSCYPNLGKVECVCRDNWNGMNRPILIFDEDLDYEVGYLCAGIP
TDTPRVQDSSFTGSCTNAVGGSGTNNYGVKGFGFRQGNSVWAGRTVSISSRSGFEILLIEDGWIRTSKTIVKKVEVLNNK
NWSGYSGAFTIPITMTSKQCLVPCFWLEMIRGKPEERTSIWTSSSSTVFCGVSSEVPGWSWDDGAILPFDIDK
;
A,D,G,P
#
loop_
_chem_comp.id
_chem_comp.type
_chem_comp.name
_chem_comp.formula
CA non-polymer 'CALCIUM ION' 'Ca 2'
NAG D-saccharide, beta linking 2-acetamido-2-deoxy-beta-D-glucopyranose 'C8 H15 N O6'
#
# COMPACT_ATOMS: atom_id res chain seq x y z
N LEU A 1 -34.37 61.12 27.10
CA LEU A 1 -35.25 61.37 25.91
C LEU A 1 -34.50 62.17 24.85
N VAL A 2 -34.85 61.94 23.59
CA VAL A 2 -34.23 62.60 22.45
C VAL A 2 -35.33 63.12 21.53
N LYS A 3 -35.18 64.38 21.04
CA LYS A 3 -36.19 64.95 20.15
C LYS A 3 -35.80 64.68 18.70
N PRO A 4 -36.79 64.63 17.80
CA PRO A 4 -36.48 64.28 16.41
C PRO A 4 -35.43 65.19 15.79
N SER A 5 -34.55 64.57 15.01
CA SER A 5 -33.43 65.16 14.29
C SER A 5 -32.30 65.67 15.19
N GLU A 6 -32.34 65.40 16.49
CA GLU A 6 -31.18 65.65 17.33
C GLU A 6 -30.14 64.55 17.16
N THR A 7 -28.95 64.79 17.69
CA THR A 7 -27.89 63.79 17.72
C THR A 7 -28.05 62.92 18.96
N LEU A 8 -28.35 61.63 18.77
CA LEU A 8 -28.32 60.67 19.86
C LEU A 8 -26.87 60.33 20.23
N SER A 9 -26.58 60.30 21.53
CA SER A 9 -25.26 59.89 22.01
C SER A 9 -25.39 59.00 23.24
N LEU A 10 -24.52 58.00 23.33
CA LEU A 10 -24.55 57.00 24.40
C LEU A 10 -23.14 56.65 24.84
N THR A 11 -23.00 56.30 26.12
CA THR A 11 -21.73 55.91 26.72
C THR A 11 -21.83 54.48 27.26
N CYS A 12 -20.81 53.67 27.00
CA CYS A 12 -20.69 52.33 27.55
C CYS A 12 -19.32 52.17 28.21
N SER A 13 -19.26 51.39 29.29
CA SER A 13 -18.08 51.32 30.14
C SER A 13 -17.63 49.88 30.32
N VAL A 14 -16.32 49.73 30.56
CA VAL A 14 -15.68 48.43 30.76
C VAL A 14 -14.98 48.44 32.11
N SER A 15 -15.07 47.32 32.83
CA SER A 15 -14.42 47.20 34.13
C SER A 15 -14.06 45.75 34.39
N GLY A 16 -13.15 45.56 35.35
CA GLY A 16 -12.55 44.27 35.60
C GLY A 16 -11.49 43.97 34.56
N GLU A 17 -11.93 43.88 33.30
CA GLU A 17 -11.03 44.00 32.17
C GLU A 17 -10.62 45.46 32.00
N SER A 18 -9.76 45.70 31.02
CA SER A 18 -9.51 47.04 30.51
C SER A 18 -9.75 47.04 29.01
N ILE A 19 -10.10 48.20 28.46
CA ILE A 19 -10.02 48.35 27.01
C ILE A 19 -8.55 48.26 26.63
N SER A 20 -8.28 47.58 25.51
CA SER A 20 -6.95 47.16 25.10
C SER A 20 -6.44 45.97 25.89
N SER A 21 -7.33 45.26 26.58
CA SER A 21 -7.02 43.94 27.14
C SER A 21 -7.87 42.89 26.44
N GLY A 22 -7.24 41.81 25.99
CA GLY A 22 -7.93 40.67 25.45
C GLY A 22 -8.27 40.75 23.98
N GLY A 23 -8.08 41.90 23.34
CA GLY A 23 -8.27 41.97 21.89
C GLY A 23 -9.70 41.74 21.42
N TYR A 24 -10.68 42.22 22.17
CA TYR A 24 -12.08 42.12 21.74
C TYR A 24 -12.45 43.23 20.78
N TYR A 25 -13.53 43.00 20.03
CA TYR A 25 -14.26 44.03 19.30
C TYR A 25 -15.51 44.41 20.10
N TRP A 26 -15.72 45.70 20.30
CA TRP A 26 -16.83 46.20 21.09
C TRP A 26 -17.97 46.63 20.16
N THR A 27 -19.18 46.18 20.47
CA THR A 27 -20.30 46.13 19.53
C THR A 27 -21.52 46.83 20.09
N TRP A 28 -22.28 47.52 19.25
CA TRP A 28 -23.57 48.08 19.63
C TRP A 28 -24.68 47.35 18.88
N ILE A 29 -25.71 46.94 19.60
CA ILE A 29 -26.84 46.16 19.08
C ILE A 29 -28.12 46.83 19.54
N ARG A 30 -29.20 46.65 18.77
CA ARG A 30 -30.41 47.45 18.93
C ARG A 30 -31.64 46.54 18.90
N GLN A 31 -32.71 46.96 19.57
CA GLN A 31 -33.93 46.16 19.65
C GLN A 31 -35.15 47.08 19.68
N HIS A 32 -35.83 47.20 18.54
CA HIS A 32 -37.06 47.98 18.49
C HIS A 32 -38.18 47.25 19.21
N PRO A 33 -39.15 47.98 19.76
CA PRO A 33 -40.19 47.33 20.59
C PRO A 33 -40.99 46.31 19.81
N GLY A 34 -40.95 45.07 20.30
CA GLY A 34 -41.66 43.95 19.71
C GLY A 34 -40.95 43.27 18.56
N LYS A 35 -39.81 43.79 18.12
CA LYS A 35 -39.07 43.24 17.00
C LYS A 35 -37.86 42.45 17.48
N GLY A 36 -37.18 41.83 16.52
CA GLY A 36 -35.92 41.16 16.77
C GLY A 36 -34.74 42.11 16.80
N LEU A 37 -33.57 41.53 17.04
CA LEU A 37 -32.35 42.30 17.23
C LEU A 37 -31.80 42.82 15.90
N GLU A 38 -30.98 43.86 16.00
CA GLU A 38 -30.28 44.48 14.87
C GLU A 38 -28.89 44.88 15.32
N TRP A 39 -27.93 44.90 14.38
CA TRP A 39 -26.52 45.12 14.68
C TRP A 39 -26.06 46.46 14.11
N ILE A 40 -25.42 47.28 14.94
CA ILE A 40 -24.99 48.63 14.54
C ILE A 40 -23.54 48.67 14.07
N GLY A 41 -22.58 48.22 14.87
CA GLY A 41 -21.20 48.27 14.42
C GLY A 41 -20.19 47.86 15.46
N ASN A 42 -18.95 47.69 15.01
CA ASN A 42 -17.81 47.23 15.80
C ASN A 42 -16.72 48.30 15.91
N ILE A 43 -15.99 48.28 17.02
CA ILE A 43 -14.72 49.00 17.17
C ILE A 43 -13.69 48.08 17.83
N PHE A 44 -12.51 47.99 17.22
CA PHE A 44 -11.37 47.29 17.80
C PHE A 44 -10.64 48.21 18.78
N ASP A 45 -9.81 47.62 19.63
CA ASP A 45 -9.11 48.41 20.65
C ASP A 45 -8.28 49.51 20.02
N THR A 46 -7.67 49.27 18.87
CA THR A 46 -6.83 50.26 18.21
C THR A 46 -7.61 51.13 17.23
N GLY A 47 -8.93 51.13 17.30
CA GLY A 47 -9.75 52.12 16.62
C GLY A 47 -10.30 51.74 15.26
N SER A 48 -9.88 50.62 14.67
CA SER A 48 -10.43 50.23 13.38
C SER A 48 -11.88 49.79 13.53
N THR A 49 -12.72 50.18 12.56
CA THR A 49 -14.17 50.25 12.74
C THR A 49 -14.90 49.54 11.60
N HIS A 50 -16.06 48.96 11.93
CA HIS A 50 -17.00 48.39 10.95
C HIS A 50 -18.39 48.95 11.22
N TYR A 51 -19.15 49.24 10.16
CA TYR A 51 -20.50 49.79 10.29
C TYR A 51 -21.50 48.98 9.46
N SER A 52 -22.72 48.90 9.99
CA SER A 52 -23.83 48.39 9.19
C SER A 52 -24.16 49.39 8.09
N PRO A 53 -24.47 48.93 6.87
CA PRO A 53 -24.63 49.89 5.77
C PRO A 53 -25.85 50.79 5.91
N SER A 54 -26.96 50.29 6.46
CA SER A 54 -28.16 51.09 6.57
C SER A 54 -27.96 52.32 7.44
N LEU A 55 -26.98 52.31 8.33
CA LEU A 55 -26.74 53.39 9.26
C LEU A 55 -25.45 54.14 9.00
N LYS A 56 -24.72 53.78 7.95
CA LYS A 56 -23.36 54.29 7.79
C LYS A 56 -23.32 55.78 7.54
N THR A 57 -24.40 56.38 7.03
CA THR A 57 -24.40 57.83 6.86
C THR A 57 -24.68 58.57 8.16
N ARG A 58 -25.20 57.89 9.17
CA ARG A 58 -25.58 58.53 10.43
C ARG A 58 -24.55 58.37 11.54
N LEU A 59 -23.78 57.28 11.56
CA LEU A 59 -23.04 56.85 12.74
C LEU A 59 -21.69 57.56 12.92
N THR A 60 -21.19 57.51 14.16
CA THR A 60 -19.81 57.75 14.53
C THR A 60 -19.54 57.04 15.86
N ILE A 61 -18.54 56.16 15.89
CA ILE A 61 -18.26 55.31 17.05
C ILE A 61 -16.77 55.41 17.40
N SER A 62 -16.46 55.51 18.70
CA SER A 62 -15.09 55.83 19.11
C SER A 62 -14.79 55.30 20.52
N ILE A 63 -13.51 55.33 20.88
CA ILE A 63 -13.00 54.77 22.13
C ILE A 63 -12.13 55.80 22.85
N ASP A 64 -12.13 55.71 24.19
CA ASP A 64 -11.16 56.42 25.04
C ASP A 64 -10.53 55.40 25.99
N THR A 65 -9.30 54.98 25.68
CA THR A 65 -8.63 53.95 26.46
C THR A 65 -8.22 54.43 27.85
N SER A 66 -8.10 55.73 28.06
CA SER A 66 -7.77 56.24 29.39
C SER A 66 -8.97 56.16 30.34
N LYS A 67 -10.18 56.30 29.81
CA LYS A 67 -11.39 56.21 30.61
C LYS A 67 -11.97 54.80 30.66
N ASN A 68 -11.49 53.89 29.81
CA ASN A 68 -12.12 52.58 29.63
C ASN A 68 -13.59 52.73 29.23
N GLN A 69 -13.87 53.64 28.31
CA GLN A 69 -15.22 53.90 27.83
C GLN A 69 -15.25 53.88 26.31
N PHE A 70 -16.37 53.50 25.71
CA PHE A 70 -16.57 53.63 24.27
C PHE A 70 -17.96 54.18 23.98
N TYR A 71 -18.07 54.89 22.84
CA TYR A 71 -19.12 55.86 22.60
C TYR A 71 -19.82 55.60 21.27
N LEU A 72 -21.14 55.80 21.25
CA LEU A 72 -21.95 55.76 20.04
C LEU A 72 -22.61 57.12 19.82
N ARG A 73 -22.46 57.66 18.61
CA ARG A 73 -23.15 58.88 18.20
C ARG A 73 -23.93 58.61 16.92
N LEU A 74 -25.21 58.98 16.90
CA LEU A 74 -26.09 58.73 15.76
C LEU A 74 -26.77 60.03 15.38
N ASN A 75 -26.36 60.60 14.25
CA ASN A 75 -26.90 61.89 13.82
C ASN A 75 -28.30 61.75 13.24
N SER A 76 -29.08 62.82 13.37
CA SER A 76 -30.40 62.95 12.74
C SER A 76 -31.33 61.79 13.10
N ALA A 77 -31.51 61.58 14.40
CA ALA A 77 -32.35 60.48 14.86
C ALA A 77 -33.82 60.69 14.49
N THR A 78 -34.42 59.67 13.87
CA THR A 78 -35.85 59.65 13.58
C THR A 78 -36.62 59.00 14.72
N ALA A 79 -37.95 59.14 14.67
CA ALA A 79 -38.79 58.46 15.64
C ALA A 79 -38.61 56.96 15.57
N ALA A 80 -38.29 56.43 14.39
CA ALA A 80 -38.11 54.99 14.24
C ALA A 80 -36.82 54.49 14.89
N ASP A 81 -35.90 55.39 15.23
CA ASP A 81 -34.69 54.98 15.93
C ASP A 81 -34.91 54.76 17.43
N THR A 82 -36.17 54.81 17.89
CA THR A 82 -36.52 54.39 19.23
C THR A 82 -36.23 52.90 19.42
N ALA A 83 -35.53 52.55 20.49
CA ALA A 83 -35.15 51.16 20.72
C ALA A 83 -34.50 51.03 22.09
N VAL A 84 -34.33 49.79 22.54
CA VAL A 84 -33.33 49.46 23.54
C VAL A 84 -32.00 49.30 22.84
N TYR A 85 -30.97 49.97 23.36
CA TYR A 85 -29.62 49.88 22.83
C TYR A 85 -28.74 49.12 23.82
N TYR A 86 -28.11 48.05 23.34
CA TYR A 86 -27.18 47.25 24.11
C TYR A 86 -25.77 47.45 23.59
N CYS A 87 -24.79 47.31 24.48
CA CYS A 87 -23.38 47.26 24.10
C CYS A 87 -22.78 45.96 24.58
N ALA A 88 -21.87 45.39 23.80
CA ALA A 88 -21.35 44.04 24.04
C ALA A 88 -19.89 43.97 23.62
N ARG A 89 -19.26 42.83 23.89
CA ARG A 89 -17.91 42.55 23.43
C ARG A 89 -17.91 41.20 22.72
N VAL A 90 -17.04 41.04 21.72
CA VAL A 90 -16.91 39.79 20.99
C VAL A 90 -15.48 39.61 20.54
N GLY A 91 -14.88 38.48 20.90
CA GLY A 91 -13.51 38.17 20.50
C GLY A 91 -13.42 37.34 19.24
N TYR A 92 -12.81 37.86 18.18
CA TYR A 92 -12.64 37.07 16.97
C TYR A 92 -11.52 37.66 16.13
N SER A 93 -10.97 36.82 15.25
CA SER A 93 -9.86 37.20 14.39
C SER A 93 -9.84 36.28 13.17
N LEU A 94 -9.69 36.86 11.99
CA LEU A 94 -9.73 36.11 10.75
C LEU A 94 -8.41 36.03 10.01
N GLU A 95 -7.41 36.83 10.40
CA GLU A 95 -6.16 36.86 9.65
C GLU A 95 -5.32 35.62 9.94
N THR A 96 -5.12 35.31 11.21
CA THR A 96 -4.05 34.43 11.64
C THR A 96 -4.27 33.00 11.13
N ASP A 97 -3.22 32.18 11.29
CA ASP A 97 -3.27 30.75 10.94
C ASP A 97 -3.94 29.91 12.01
N ARG A 98 -4.50 30.52 13.06
CA ARG A 98 -5.32 29.82 14.05
C ARG A 98 -6.50 30.72 14.39
N PRO A 99 -7.48 30.82 13.50
CA PRO A 99 -8.61 31.73 13.75
C PRO A 99 -9.45 31.30 14.93
N TYR A 100 -10.21 32.25 15.47
CA TYR A 100 -11.17 31.95 16.52
C TYR A 100 -12.34 32.92 16.47
N TYR A 101 -13.42 32.55 17.16
CA TYR A 101 -14.57 33.42 17.34
C TYR A 101 -15.32 32.95 18.57
N PHE A 102 -15.50 33.86 19.54
CA PHE A 102 -16.24 33.59 20.76
C PHE A 102 -17.38 34.62 20.85
N GLY A 103 -18.48 34.33 20.18
CA GLY A 103 -19.48 35.35 19.88
C GLY A 103 -20.13 36.08 21.04
N LEU A 104 -20.08 37.41 21.01
CA LEU A 104 -20.85 38.30 21.88
C LEU A 104 -21.06 37.71 23.27
N ASP A 105 -19.98 37.40 23.98
CA ASP A 105 -20.12 36.62 25.20
C ASP A 105 -20.54 37.42 26.42
N VAL A 106 -20.38 38.75 26.42
CA VAL A 106 -20.78 39.58 27.56
C VAL A 106 -21.55 40.79 27.06
N TRP A 107 -22.68 41.09 27.74
CA TRP A 107 -23.59 42.16 27.35
C TRP A 107 -23.85 43.08 28.53
N GLY A 108 -23.91 44.38 28.25
CA GLY A 108 -24.37 45.33 29.23
C GLY A 108 -25.89 45.43 29.27
N GLN A 109 -26.38 46.07 30.33
CA GLN A 109 -27.81 46.32 30.45
C GLN A 109 -28.24 47.34 29.41
N GLY A 110 -29.53 47.28 29.04
CA GLY A 110 -30.04 48.12 27.97
C GLY A 110 -30.39 49.52 28.39
N THR A 111 -30.32 50.43 27.42
CA THR A 111 -30.79 51.81 27.53
C THR A 111 -31.96 52.01 26.58
N THR A 112 -33.11 52.42 27.11
CA THR A 112 -34.33 52.55 26.30
C THR A 112 -34.43 53.98 25.75
N VAL A 113 -33.81 54.17 24.59
CA VAL A 113 -33.87 55.45 23.90
C VAL A 113 -35.26 55.64 23.30
N THR A 114 -35.92 56.74 23.67
CA THR A 114 -37.19 57.15 23.07
C THR A 114 -36.99 58.46 22.34
N VAL A 115 -37.29 58.46 21.04
CA VAL A 115 -37.08 59.63 20.19
C VAL A 115 -38.46 60.23 19.94
N SER A 116 -38.80 61.26 20.71
CA SER A 116 -40.11 61.90 20.57
C SER A 116 -40.07 63.30 21.15
N SER A 117 -41.00 64.14 20.69
CA SER A 117 -41.28 65.42 21.34
C SER A 117 -42.15 65.24 22.57
N ASP B 1 -26.88 41.57 2.60
CA ASP B 1 -26.94 40.89 3.93
C ASP B 1 -27.45 39.47 3.77
N ILE B 2 -27.05 38.58 4.68
CA ILE B 2 -27.69 37.27 4.74
C ILE B 2 -29.09 37.43 5.29
N VAL B 3 -30.09 36.98 4.54
CA VAL B 3 -31.46 36.95 5.05
C VAL B 3 -31.70 35.69 5.87
N MET B 4 -32.03 35.88 7.15
CA MET B 4 -32.01 34.82 8.15
C MET B 4 -33.44 34.50 8.57
N THR B 5 -33.89 33.28 8.30
CA THR B 5 -35.27 32.87 8.55
C THR B 5 -35.30 31.65 9.45
N GLN B 6 -36.35 31.54 10.27
CA GLN B 6 -36.38 30.66 11.43
C GLN B 6 -37.78 30.06 11.57
N SER B 7 -37.84 28.76 11.86
CA SER B 7 -39.01 27.92 11.56
C SER B 7 -40.22 28.25 12.43
N PRO B 8 -40.38 27.74 13.65
CA PRO B 8 -41.59 28.07 14.43
C PRO B 8 -41.49 29.47 15.02
N LEU B 9 -42.51 30.30 14.79
CA LEU B 9 -42.48 31.63 15.40
C LEU B 9 -42.82 31.56 16.87
N SER B 10 -43.65 30.59 17.26
CA SER B 10 -43.78 30.18 18.65
C SER B 10 -43.75 28.66 18.75
N LEU B 11 -43.05 28.15 19.75
CA LEU B 11 -42.93 26.71 19.96
C LEU B 11 -43.58 26.34 21.29
N PRO B 12 -44.70 25.62 21.30
CA PRO B 12 -45.24 25.12 22.56
C PRO B 12 -44.47 23.90 23.06
N VAL B 13 -44.24 23.87 24.38
CA VAL B 13 -43.35 22.88 24.99
C VAL B 13 -43.77 22.67 26.45
N THR B 14 -43.33 21.55 27.05
CA THR B 14 -43.63 21.29 28.45
C THR B 14 -42.47 20.57 29.11
N PRO B 15 -42.27 20.76 30.42
CA PRO B 15 -41.03 20.30 31.04
C PRO B 15 -40.83 18.79 30.92
N GLY B 16 -39.56 18.40 30.83
CA GLY B 16 -39.17 17.01 30.77
C GLY B 16 -39.05 16.44 29.38
N GLU B 17 -39.78 16.98 28.43
CA GLU B 17 -39.74 16.47 27.07
C GLU B 17 -38.59 17.10 26.28
N PRO B 18 -38.21 16.51 25.16
CA PRO B 18 -37.25 17.17 24.26
C PRO B 18 -37.90 18.23 23.39
N ALA B 19 -37.05 19.05 22.76
CA ALA B 19 -37.51 20.15 21.94
C ALA B 19 -36.47 20.51 20.89
N SER B 20 -36.92 21.15 19.81
CA SER B 20 -36.06 21.54 18.71
C SER B 20 -36.49 22.85 18.09
N ILE B 21 -35.50 23.66 17.68
CA ILE B 21 -35.69 24.91 16.95
C ILE B 21 -34.69 24.87 15.78
N SER B 22 -35.07 25.43 14.63
CA SER B 22 -34.16 25.37 13.47
C SER B 22 -34.18 26.66 12.67
N CYS B 23 -33.15 26.82 11.84
CA CYS B 23 -32.75 28.09 11.22
C CYS B 23 -32.21 27.82 9.81
N ARG B 24 -32.50 28.72 8.86
CA ARG B 24 -32.01 28.58 7.49
C ARG B 24 -31.60 29.94 6.94
N SER B 25 -30.47 29.97 6.23
CA SER B 25 -29.84 31.20 5.75
C SER B 25 -29.81 31.23 4.23
N SER B 26 -29.90 32.45 3.67
CA SER B 26 -30.05 32.62 2.23
C SER B 26 -28.77 32.38 1.46
N GLN B 27 -27.65 32.20 2.12
CA GLN B 27 -26.44 31.64 1.51
C GLN B 27 -25.76 30.80 2.56
N SER B 28 -24.90 29.88 2.11
CA SER B 28 -24.25 28.99 3.07
C SER B 28 -23.26 29.79 3.91
N LEU B 29 -23.22 29.46 5.19
CA LEU B 29 -22.43 30.21 6.16
C LEU B 29 -21.02 29.66 6.31
N LEU B 30 -20.62 28.71 5.49
CA LEU B 30 -19.25 28.21 5.47
C LEU B 30 -18.32 29.29 4.91
N HIS B 31 -17.52 29.90 5.78
CA HIS B 31 -16.63 30.99 5.43
C HIS B 31 -15.36 30.45 4.76
N SER B 32 -14.69 31.32 4.02
CA SER B 32 -13.56 30.88 3.21
C SER B 32 -12.42 30.28 4.01
N ASN B 33 -12.31 30.54 5.31
CA ASN B 33 -11.27 29.87 6.12
C ASN B 33 -11.77 28.57 6.74
N GLY B 34 -12.91 28.08 6.29
CA GLY B 34 -13.42 26.77 6.62
C GLY B 34 -14.35 26.68 7.82
N TYR B 35 -14.41 27.69 8.68
CA TYR B 35 -15.28 27.62 9.84
C TYR B 35 -16.67 28.13 9.49
N THR B 36 -17.66 27.70 10.28
CA THR B 36 -19.06 27.99 10.03
C THR B 36 -19.61 28.91 11.12
N TYR B 37 -19.71 30.21 10.82
CA TYR B 37 -20.00 31.26 11.82
C TYR B 37 -21.50 31.47 12.00
N LEU B 38 -22.12 30.62 12.83
CA LEU B 38 -23.50 30.84 13.28
C LEU B 38 -23.63 30.61 14.77
N ASP B 39 -24.47 31.42 15.42
CA ASP B 39 -24.66 31.41 16.87
C ASP B 39 -26.14 31.30 17.21
N TRP B 40 -26.41 30.98 18.48
CA TRP B 40 -27.76 31.04 19.03
C TRP B 40 -27.74 31.77 20.36
N TYR B 41 -28.67 32.71 20.51
CA TYR B 41 -28.77 33.56 21.69
C TYR B 41 -30.17 33.44 22.30
N LEU B 42 -30.25 33.56 23.62
CA LEU B 42 -31.49 33.41 24.38
C LEU B 42 -31.73 34.68 25.18
N GLN B 43 -32.91 35.26 25.03
CA GLN B 43 -33.35 36.42 25.78
C GLN B 43 -34.47 35.97 26.69
N LYS B 44 -34.23 36.03 27.99
CA LYS B 44 -35.23 35.62 28.97
C LYS B 44 -36.08 36.81 29.31
N PRO B 45 -37.26 36.61 29.91
CA PRO B 45 -38.09 37.80 30.15
C PRO B 45 -37.41 38.84 31.02
N GLY B 46 -37.38 40.08 30.53
CA GLY B 46 -36.86 41.19 31.29
C GLY B 46 -35.35 41.24 31.41
N GLN B 47 -34.62 40.65 30.48
CA GLN B 47 -33.16 40.70 30.51
C GLN B 47 -32.63 40.88 29.10
N SER B 48 -31.31 41.06 29.03
CA SER B 48 -30.58 41.08 27.79
C SER B 48 -30.42 39.68 27.23
N PRO B 49 -30.00 39.56 25.97
CA PRO B 49 -29.69 38.24 25.41
C PRO B 49 -28.58 37.53 26.15
N GLN B 50 -28.42 36.24 25.89
CA GLN B 50 -27.40 35.42 26.51
C GLN B 50 -26.87 34.44 25.47
N LEU B 51 -25.58 34.14 25.53
CA LEU B 51 -24.99 33.23 24.55
C LEU B 51 -25.26 31.78 24.92
N LEU B 52 -25.69 30.99 23.94
CA LEU B 52 -25.81 29.54 24.08
C LEU B 52 -24.79 28.78 23.25
N ILE B 53 -24.69 29.06 21.96
CA ILE B 53 -23.88 28.28 21.02
C ILE B 53 -23.12 29.26 20.13
N TYR B 54 -21.80 29.11 20.03
CA TYR B 54 -20.97 30.17 19.46
C TYR B 54 -20.32 29.81 18.13
N LEU B 55 -20.35 28.56 17.71
CA LEU B 55 -20.24 28.21 16.31
C LEU B 55 -21.23 27.07 16.10
N ALA B 56 -21.46 26.72 14.84
CA ALA B 56 -22.50 25.78 14.48
C ALA B 56 -22.73 24.68 15.54
N SER B 57 -21.67 24.09 16.10
CA SER B 57 -21.80 22.95 17.01
C SER B 57 -21.45 23.23 18.47
N ASN B 58 -20.78 24.34 18.76
CA ASN B 58 -20.01 24.54 19.99
C ASN B 58 -20.86 25.22 21.05
N ARG B 59 -20.95 24.62 22.24
CA ARG B 59 -21.61 25.28 23.35
C ARG B 59 -20.66 26.25 24.01
N ALA B 60 -21.21 27.32 24.57
CA ALA B 60 -20.44 28.30 25.31
C ALA B 60 -20.25 27.86 26.76
N SER B 61 -19.34 28.54 27.45
CA SER B 61 -19.02 28.19 28.82
C SER B 61 -20.02 28.79 29.80
N GLY B 62 -20.35 27.97 30.81
CA GLY B 62 -21.36 28.28 31.79
C GLY B 62 -22.77 27.94 31.37
N VAL B 63 -22.99 27.57 30.11
CA VAL B 63 -24.33 27.21 29.64
C VAL B 63 -24.66 25.81 30.16
N PRO B 64 -25.90 25.54 30.57
CA PRO B 64 -26.26 24.21 31.08
C PRO B 64 -26.00 23.10 30.07
N ASP B 65 -25.64 21.92 30.59
CA ASP B 65 -25.23 20.77 29.79
C ASP B 65 -26.33 20.23 28.89
N ARG B 66 -27.54 20.76 28.99
CA ARG B 66 -28.67 20.20 28.26
C ARG B 66 -28.78 20.61 26.79
N PHE B 67 -28.08 21.66 26.34
CA PHE B 67 -28.26 22.14 24.96
C PHE B 67 -27.32 21.39 23.99
N SER B 68 -27.68 21.41 22.70
CA SER B 68 -26.84 20.82 21.65
C SER B 68 -27.17 21.48 20.33
N GLY B 69 -26.21 21.47 19.40
CA GLY B 69 -26.39 22.09 18.11
C GLY B 69 -25.84 21.24 16.98
N SER B 70 -26.43 21.43 15.80
CA SER B 70 -26.08 20.62 14.63
C SER B 70 -26.40 21.39 13.36
N GLY B 71 -25.93 20.87 12.24
CA GLY B 71 -26.22 21.41 10.93
C GLY B 71 -24.98 21.91 10.21
N SER B 72 -25.13 22.12 8.90
CA SER B 72 -24.05 22.62 8.09
C SER B 72 -24.59 23.22 6.79
N GLY B 73 -23.81 24.14 6.23
CA GLY B 73 -24.21 24.90 5.06
C GLY B 73 -25.19 26.02 5.33
N THR B 74 -26.46 25.74 5.00
CA THR B 74 -27.59 26.65 5.13
C THR B 74 -28.49 26.34 6.31
N TYR B 75 -28.62 25.08 6.74
CA TYR B 75 -29.65 24.67 7.68
C TYR B 75 -29.02 24.26 9.00
N PHE B 76 -29.44 24.89 10.10
CA PHE B 76 -28.89 24.68 11.43
C PHE B 76 -30.01 24.47 12.45
N THR B 77 -29.72 23.69 13.49
CA THR B 77 -30.71 23.23 14.46
C THR B 77 -30.19 23.36 15.89
N LEU B 78 -31.05 23.84 16.79
CA LEU B 78 -30.78 23.85 18.23
C LEU B 78 -31.63 22.78 18.91
N LYS B 79 -30.98 21.91 19.66
CA LYS B 79 -31.62 20.79 20.35
C LYS B 79 -31.59 21.06 21.85
N ILE B 80 -32.72 20.81 22.51
CA ILE B 80 -32.79 20.80 23.96
C ILE B 80 -33.17 19.38 24.39
N SER B 81 -32.30 18.74 25.16
CA SER B 81 -32.50 17.33 25.48
C SER B 81 -33.65 17.12 26.46
N ARG B 82 -33.73 17.95 27.51
CA ARG B 82 -34.92 18.04 28.34
C ARG B 82 -35.15 19.50 28.65
N VAL B 83 -36.37 19.97 28.42
CA VAL B 83 -36.72 21.35 28.73
C VAL B 83 -37.04 21.47 30.21
N GLU B 84 -36.62 22.57 30.82
CA GLU B 84 -36.89 22.84 32.22
C GLU B 84 -37.31 24.29 32.37
N ALA B 85 -37.86 24.62 33.55
CA ALA B 85 -38.56 25.88 33.71
C ALA B 85 -37.68 27.10 33.50
N GLU B 86 -36.36 26.94 33.50
CA GLU B 86 -35.49 28.08 33.26
C GLU B 86 -35.30 28.41 31.79
N ASP B 87 -35.91 27.66 30.88
CA ASP B 87 -35.66 27.81 29.44
C ASP B 87 -36.65 28.73 28.72
N VAL B 88 -37.61 29.33 29.43
CA VAL B 88 -38.60 30.19 28.77
C VAL B 88 -37.94 31.47 28.26
N GLY B 89 -38.03 31.69 26.96
CA GLY B 89 -37.55 32.95 26.41
C GLY B 89 -37.78 33.04 24.92
N VAL B 90 -37.08 33.97 24.29
CA VAL B 90 -37.01 34.13 22.85
C VAL B 90 -35.62 33.69 22.43
N TYR B 91 -35.55 32.84 21.40
CA TYR B 91 -34.29 32.31 20.87
C TYR B 91 -34.01 32.96 19.51
N TYR B 92 -32.84 33.60 19.37
CA TYR B 92 -32.40 34.19 18.11
C TYR B 92 -31.19 33.45 17.58
N CYS B 93 -31.21 33.12 16.30
CA CYS B 93 -29.97 32.77 15.63
C CYS B 93 -29.23 34.02 15.18
N MET B 94 -27.95 33.84 14.86
CA MET B 94 -27.15 34.92 14.30
C MET B 94 -26.12 34.33 13.36
N GLN B 95 -25.66 35.14 12.41
CA GLN B 95 -24.53 34.78 11.55
C GLN B 95 -23.49 35.89 11.57
N ALA B 96 -22.22 35.50 11.60
CA ALA B 96 -21.11 36.44 11.66
C ALA B 96 -20.19 36.31 10.45
N VAL B 97 -20.71 35.91 9.30
CA VAL B 97 -19.89 35.71 8.11
C VAL B 97 -19.59 37.04 7.42
N GLN B 98 -20.58 37.92 7.30
CA GLN B 98 -20.46 39.10 6.44
C GLN B 98 -20.25 40.36 7.27
N THR B 99 -19.97 41.47 6.60
CA THR B 99 -19.64 42.66 7.37
C THR B 99 -20.81 43.22 8.16
N PRO B 100 -22.04 43.22 7.62
CA PRO B 100 -23.23 43.19 8.49
C PRO B 100 -23.61 41.81 9.00
N TRP B 101 -23.71 41.70 10.32
CA TRP B 101 -24.22 40.51 10.99
C TRP B 101 -25.74 40.61 11.08
N THR B 102 -26.44 39.47 10.98
CA THR B 102 -27.90 39.55 11.01
C THR B 102 -28.44 38.52 11.98
N PHE B 103 -29.49 38.90 12.69
CA PHE B 103 -30.16 38.01 13.62
C PHE B 103 -31.43 37.43 12.99
N GLY B 104 -31.90 36.31 13.53
CA GLY B 104 -33.14 35.72 13.09
C GLY B 104 -34.38 36.45 13.60
N GLN B 105 -35.55 35.84 13.32
CA GLN B 105 -36.82 36.51 13.54
C GLN B 105 -37.27 36.28 14.98
N GLY B 106 -36.69 35.28 15.64
CA GLY B 106 -36.88 35.03 17.06
C GLY B 106 -38.03 34.12 17.43
N THR B 107 -37.71 32.86 17.67
CA THR B 107 -38.68 31.88 18.16
C THR B 107 -38.98 32.10 19.64
N LYS B 108 -40.24 32.34 19.96
CA LYS B 108 -40.68 32.31 21.35
C LYS B 108 -40.94 30.88 21.77
N VAL B 109 -40.60 30.55 23.02
CA VAL B 109 -40.90 29.25 23.61
C VAL B 109 -41.89 29.46 24.73
N GLU B 110 -43.01 28.75 24.66
CA GLU B 110 -44.13 28.92 25.56
C GLU B 110 -44.48 27.58 26.19
N ILE B 111 -44.50 27.54 27.52
CA ILE B 111 -44.74 26.29 28.24
C ILE B 111 -46.24 26.02 28.29
N LYS B 112 -46.60 24.75 28.12
CA LYS B 112 -47.99 24.35 27.87
C LYS B 112 -48.46 23.35 28.91
N GLU C 1 22.00 6.29 27.44
CA GLU C 1 22.38 7.57 28.13
C GLU C 1 21.78 8.79 27.43
N PHE C 2 21.34 9.77 28.23
CA PHE C 2 20.73 10.99 27.72
C PHE C 2 21.66 11.72 26.74
N LEU C 3 21.03 12.49 25.84
CA LEU C 3 21.74 13.23 24.80
C LEU C 3 22.14 14.61 25.29
N ASN C 4 23.43 14.84 25.43
CA ASN C 4 23.92 16.19 25.63
C ASN C 4 23.57 17.09 24.44
N ASN C 5 23.51 18.39 24.71
CA ASN C 5 23.58 19.38 23.64
C ASN C 5 24.28 20.65 24.12
N THR C 6 25.11 20.55 25.15
CA THR C 6 25.90 21.67 25.66
C THR C 6 27.15 21.90 24.81
N GLU C 7 26.96 22.14 23.52
CA GLU C 7 28.05 22.27 22.57
C GLU C 7 27.71 23.33 21.53
N PRO C 8 28.71 24.01 20.98
CA PRO C 8 28.44 25.23 20.21
C PRO C 8 27.86 24.95 18.83
N LEU C 9 27.20 25.95 18.27
CA LEU C 9 26.59 25.77 16.97
C LEU C 9 27.65 25.93 15.90
N CYS C 10 27.59 25.09 14.88
CA CYS C 10 28.64 25.06 13.86
C CYS C 10 28.57 26.31 12.99
N ASN C 11 29.74 26.84 12.64
CA ASN C 11 29.83 27.85 11.58
C ASN C 11 29.60 27.21 10.21
N VAL C 12 28.69 27.78 9.44
CA VAL C 12 28.35 27.24 8.12
C VAL C 12 28.32 28.34 7.08
N SER C 13 28.71 27.96 5.85
CA SER C 13 28.96 28.90 4.76
C SER C 13 27.93 28.81 3.65
N GLY C 14 27.20 27.71 3.55
CA GLY C 14 26.08 27.60 2.62
C GLY C 14 25.28 26.37 2.98
N PHE C 15 24.06 26.31 2.47
CA PHE C 15 23.09 25.29 2.88
C PHE C 15 22.86 24.33 1.71
N ALA C 16 23.10 23.04 1.92
CA ALA C 16 22.94 22.02 0.89
C ALA C 16 21.67 21.21 1.12
N ILE C 17 21.02 20.80 0.03
CA ILE C 17 19.75 20.10 0.17
C ILE C 17 19.96 18.68 0.68
N VAL C 18 19.00 18.18 1.45
CA VAL C 18 19.10 16.88 2.09
C VAL C 18 17.94 15.95 1.71
N SER C 19 16.71 16.45 1.71
CA SER C 19 15.59 15.58 1.34
C SER C 19 14.44 16.41 0.79
N LYS C 20 13.46 15.72 0.21
CA LYS C 20 12.35 16.38 -0.47
C LYS C 20 11.22 15.37 -0.59
N ASP C 21 10.08 15.66 0.04
CA ASP C 21 9.02 14.65 0.17
C ASP C 21 8.51 14.21 -1.20
N ASN C 22 8.20 15.17 -2.07
CA ASN C 22 7.37 14.89 -3.25
C ASN C 22 6.00 14.37 -2.84
N GLY C 23 5.50 14.83 -1.71
CA GLY C 23 4.27 14.29 -1.17
C GLY C 23 3.08 14.49 -2.10
N ILE C 24 2.85 15.73 -2.52
CA ILE C 24 1.67 16.01 -3.33
C ILE C 24 1.80 15.37 -4.71
N ARG C 25 3.02 15.32 -5.23
CA ARG C 25 3.24 14.79 -6.58
C ARG C 25 3.04 13.28 -6.61
N ILE C 26 3.40 12.59 -5.52
CA ILE C 26 3.14 11.16 -5.42
C ILE C 26 1.67 10.90 -5.06
N GLY C 27 1.06 11.80 -4.29
CA GLY C 27 -0.28 11.61 -3.79
C GLY C 27 -1.37 11.59 -4.85
N SER C 28 -1.05 12.00 -6.08
CA SER C 28 -1.99 11.89 -7.18
C SER C 28 -2.44 10.46 -7.46
N ARG C 29 -1.61 9.45 -7.17
CA ARG C 29 -2.15 8.10 -7.18
C ARG C 29 -1.95 7.40 -5.85
N GLY C 30 -0.74 7.44 -5.32
CA GLY C 30 -0.47 6.80 -4.06
C GLY C 30 -1.35 7.30 -2.94
N HIS C 31 -1.24 6.60 -1.82
CA HIS C 31 -2.07 6.85 -0.64
C HIS C 31 -1.32 7.73 0.35
N VAL C 32 -1.46 9.04 0.18
CA VAL C 32 -0.72 10.06 0.92
C VAL C 32 -1.71 10.92 1.72
N PHE C 33 -1.34 11.24 2.96
CA PHE C 33 -2.20 12.04 3.83
C PHE C 33 -2.24 13.51 3.40
N VAL C 34 -3.35 14.17 3.70
CA VAL C 34 -3.45 15.62 3.68
C VAL C 34 -2.84 16.19 4.97
N ILE C 35 -1.85 17.06 4.82
CA ILE C 35 -1.13 17.68 5.92
C ILE C 35 -1.63 19.11 6.02
N ARG C 36 -1.20 19.86 7.02
CA ARG C 36 -1.09 21.29 6.78
C ARG C 36 0.31 21.82 7.06
N GLU C 37 0.94 21.44 8.17
CA GLU C 37 2.27 21.94 8.48
C GLU C 37 3.13 20.78 8.99
N PRO C 38 4.28 20.54 8.40
CA PRO C 38 5.18 19.50 8.90
C PRO C 38 6.27 20.08 9.78
N PHE C 39 7.15 19.18 10.23
CA PHE C 39 8.43 19.57 10.79
C PHE C 39 9.32 18.33 10.90
N VAL C 40 10.58 18.58 11.20
CA VAL C 40 11.59 17.54 11.32
C VAL C 40 12.19 17.57 12.71
N ALA C 41 12.65 16.41 13.20
CA ALA C 41 13.39 16.32 14.47
C ALA C 41 14.31 15.10 14.41
N CYS C 42 15.43 15.15 15.14
CA CYS C 42 16.49 14.14 14.98
C CYS C 42 16.84 13.46 16.29
N GLY C 43 16.86 12.12 16.27
CA GLY C 43 17.31 11.31 17.39
C GLY C 43 18.78 10.96 17.25
N PRO C 44 19.24 9.99 18.05
CA PRO C 44 20.65 9.56 17.90
C PRO C 44 20.85 8.57 16.78
N THR C 45 19.81 7.87 16.36
CA THR C 45 19.87 6.96 15.23
C THR C 45 19.41 7.55 13.89
N GLU C 46 18.29 8.28 13.86
CA GLU C 46 17.76 8.78 12.58
C GLU C 46 17.01 10.07 12.83
N CYS C 47 16.82 10.86 11.76
CA CYS C 47 15.89 11.97 11.87
C CYS C 47 14.55 11.58 11.27
N ARG C 48 13.49 12.31 11.66
CA ARG C 48 12.12 11.94 11.31
C ARG C 48 11.29 13.15 10.93
N THR C 49 10.48 13.00 9.88
CA THR C 49 9.50 14.00 9.50
C THR C 49 8.21 13.79 10.28
N PHE C 50 7.87 14.74 11.15
CA PHE C 50 6.58 14.77 11.80
C PHE C 50 5.62 15.65 11.00
N PHE C 51 4.33 15.39 11.14
CA PHE C 51 3.34 16.22 10.47
C PHE C 51 1.96 16.03 11.11
N LEU C 52 1.15 17.11 11.07
CA LEU C 52 -0.21 17.13 11.62
C LEU C 52 -1.14 16.73 10.49
N THR C 53 -1.52 15.45 10.43
CA THR C 53 -2.48 14.99 9.43
C THR C 53 -3.89 15.51 9.66
N GLN C 54 -4.62 15.68 8.57
CA GLN C 54 -6.01 16.07 8.65
C GLN C 54 -6.95 14.89 8.58
N GLY C 55 -6.48 13.68 8.88
CA GLY C 55 -7.40 12.57 8.99
C GLY C 55 -7.94 12.03 7.69
N ALA C 56 -7.31 12.36 6.56
CA ALA C 56 -7.88 11.97 5.28
C ALA C 56 -6.74 11.96 4.28
N LEU C 57 -6.95 11.29 3.15
CA LEU C 57 -5.98 11.22 2.06
C LEU C 57 -6.29 12.20 0.92
N LEU C 58 -5.28 12.41 0.07
CA LEU C 58 -5.46 13.19 -1.15
C LEU C 58 -6.39 12.48 -2.12
N ASN C 59 -7.16 13.26 -2.89
CA ASN C 59 -8.16 12.75 -3.83
C ASN C 59 -9.32 12.02 -3.17
N ASP C 60 -9.34 11.94 -1.85
CA ASP C 60 -10.46 11.34 -1.11
C ASP C 60 -11.49 12.42 -0.78
N LYS C 61 -12.77 12.03 -0.71
CA LYS C 61 -13.82 13.02 -0.53
C LYS C 61 -13.84 13.64 0.87
N HIS C 62 -13.10 13.06 1.82
CA HIS C 62 -12.81 13.61 3.15
C HIS C 62 -11.64 14.58 3.17
N SER C 63 -11.06 14.91 2.01
CA SER C 63 -10.16 16.04 1.91
C SER C 63 -10.89 17.36 1.72
N ASN C 64 -12.20 17.33 1.50
CA ASN C 64 -12.96 18.55 1.33
C ASN C 64 -12.94 19.39 2.59
N ASN C 65 -12.82 20.71 2.43
CA ASN C 65 -12.76 21.70 3.51
C ASN C 65 -11.63 21.45 4.50
N THR C 66 -10.54 20.84 4.08
CA THR C 66 -9.34 20.80 4.91
C THR C 66 -8.64 22.14 5.02
N VAL C 67 -9.23 23.28 4.64
CA VAL C 67 -8.67 24.55 5.10
C VAL C 67 -8.88 24.71 6.59
N LYS C 68 -9.92 24.09 7.14
CA LYS C 68 -10.24 24.23 8.55
C LYS C 68 -9.15 23.54 9.39
N ASP C 69 -8.43 24.32 10.19
CA ASP C 69 -7.14 23.94 10.76
C ASP C 69 -7.23 23.43 12.19
N ARG C 70 -8.43 23.33 12.77
CA ARG C 70 -8.60 22.72 14.08
C ARG C 70 -9.89 21.90 14.11
N SER C 71 -9.75 20.61 14.40
CA SER C 71 -10.87 19.68 14.40
C SER C 71 -10.48 18.46 15.21
N PRO C 72 -11.44 17.64 15.65
CA PRO C 72 -11.08 16.46 16.45
C PRO C 72 -10.36 15.38 15.67
N TYR C 73 -10.19 15.53 14.37
CA TYR C 73 -9.67 14.44 13.56
C TYR C 73 -8.16 14.49 13.36
N ARG C 74 -7.53 15.64 13.59
CA ARG C 74 -6.12 15.78 13.29
C ARG C 74 -5.29 14.91 14.23
N ALA C 75 -4.12 14.46 13.76
CA ALA C 75 -3.21 13.66 14.56
C ALA C 75 -1.78 13.86 14.09
N LEU C 76 -0.88 14.13 15.03
CA LEU C 76 0.57 14.03 14.80
C LEU C 76 1.02 12.62 14.43
N MET C 77 1.71 12.48 13.29
CA MET C 77 2.30 11.22 12.84
C MET C 77 3.73 11.45 12.36
N SER C 78 4.49 10.36 12.16
CA SER C 78 5.93 10.41 11.97
C SER C 78 6.40 9.46 10.88
N VAL C 79 7.34 9.92 10.05
CA VAL C 79 7.85 9.21 8.87
C VAL C 79 9.34 9.50 8.77
N PRO C 80 10.20 8.51 8.49
CA PRO C 80 11.65 8.76 8.49
C PRO C 80 12.08 9.68 7.37
N LEU C 81 13.01 10.58 7.69
CA LEU C 81 13.34 11.73 6.87
C LEU C 81 13.36 11.39 5.39
N GLY C 82 12.48 12.04 4.64
CA GLY C 82 12.51 12.04 3.20
C GLY C 82 11.47 11.15 2.55
N SER C 83 10.95 10.16 3.26
CA SER C 83 9.88 9.35 2.71
C SER C 83 8.58 10.13 2.70
N SER C 84 7.73 9.84 1.72
CA SER C 84 6.49 10.58 1.57
C SER C 84 5.59 10.32 2.79
N PRO C 85 4.65 11.21 3.07
CA PRO C 85 3.75 11.01 4.21
C PRO C 85 2.61 10.05 3.92
N ASN C 86 2.93 8.79 3.71
CA ASN C 86 1.92 7.87 3.20
C ASN C 86 1.25 7.10 4.32
N ALA C 87 0.14 6.44 3.97
CA ALA C 87 -0.72 5.84 4.97
C ALA C 87 -0.12 4.59 5.60
N TYR C 88 0.86 3.97 4.98
CA TYR C 88 1.32 2.66 5.43
C TYR C 88 2.71 2.66 6.03
N GLN C 89 3.45 3.77 5.94
CA GLN C 89 4.70 3.92 6.66
C GLN C 89 4.57 4.79 7.91
N ALA C 90 3.56 5.65 7.98
CA ALA C 90 3.46 6.62 9.06
C ALA C 90 3.15 5.95 10.39
N LYS C 91 3.95 6.29 11.40
CA LYS C 91 3.77 5.85 12.78
C LYS C 91 3.09 6.94 13.60
N PHE C 92 2.01 6.58 14.30
CA PHE C 92 1.20 7.55 15.04
C PHE C 92 1.93 8.00 16.30
N GLU C 93 1.81 9.28 16.60
CA GLU C 93 2.48 9.87 17.76
C GLU C 93 1.52 10.51 18.75
N SER C 94 0.48 11.21 18.30
CA SER C 94 -0.39 11.93 19.24
C SER C 94 -1.63 12.43 18.53
N VAL C 95 -2.72 12.59 19.29
CA VAL C 95 -3.89 13.34 18.82
C VAL C 95 -3.63 14.81 19.15
N ALA C 96 -3.75 15.68 18.16
CA ALA C 96 -3.22 17.02 18.29
C ALA C 96 -3.73 17.91 17.18
N TRP C 97 -4.03 19.17 17.49
CA TRP C 97 -4.08 20.21 16.46
C TRP C 97 -3.02 21.28 16.63
N SER C 98 -2.10 21.11 17.58
CA SER C 98 -0.83 21.81 17.60
C SER C 98 0.16 20.92 18.34
N ALA C 99 1.44 20.92 17.95
CA ALA C 99 2.32 19.94 18.56
C ALA C 99 3.79 20.33 18.46
N THR C 100 4.61 19.63 19.25
CA THR C 100 6.06 19.70 19.18
C THR C 100 6.64 18.37 19.65
N ALA C 101 7.79 17.97 19.08
CA ALA C 101 8.37 16.68 19.44
C ALA C 101 9.89 16.71 19.29
N CYS C 102 10.56 15.91 20.13
CA CYS C 102 12.02 15.86 20.17
C CYS C 102 12.49 14.61 20.91
N HIS C 103 13.75 14.25 20.72
CA HIS C 103 14.34 13.02 21.24
C HIS C 103 15.39 13.39 22.29
N ASP C 104 15.24 12.85 23.50
CA ASP C 104 16.13 13.23 24.60
C ASP C 104 17.29 12.28 24.79
N GLY C 105 17.54 11.39 23.83
CA GLY C 105 18.59 10.39 23.93
C GLY C 105 18.12 9.03 24.37
N LYS C 106 16.97 8.96 25.06
CA LYS C 106 16.34 7.69 25.40
C LYS C 106 15.10 7.42 24.54
N LYS C 107 14.11 8.29 24.57
CA LYS C 107 12.83 8.01 23.92
C LYS C 107 12.21 9.30 23.39
N TRP C 108 11.33 9.17 22.39
CA TRP C 108 10.78 10.38 21.81
C TRP C 108 9.80 11.02 22.80
N LEU C 109 9.85 12.35 22.92
CA LEU C 109 8.81 13.12 23.61
C LEU C 109 7.96 13.85 22.57
N ALA C 110 6.65 13.88 22.79
CA ALA C 110 5.76 14.55 21.83
C ALA C 110 4.58 15.18 22.56
N VAL C 111 4.40 16.48 22.39
CA VAL C 111 3.32 17.23 23.00
C VAL C 111 2.21 17.42 21.97
N GLY C 112 0.99 17.02 22.32
CA GLY C 112 -0.15 17.22 21.46
C GLY C 112 -1.31 17.93 22.12
N ILE C 113 -1.77 19.02 21.51
CA ILE C 113 -2.80 19.88 22.08
C ILE C 113 -4.16 19.51 21.48
N SER C 114 -5.18 19.37 22.32
CA SER C 114 -6.51 19.00 21.83
C SER C 114 -7.57 19.61 22.74
N GLY C 115 -8.83 19.28 22.49
CA GLY C 115 -9.95 19.90 23.18
C GLY C 115 -10.45 21.14 22.47
N ALA C 116 -11.47 21.75 23.06
CA ALA C 116 -12.19 22.78 22.33
C ALA C 116 -11.53 24.14 22.48
N ASP C 117 -11.94 25.06 21.61
CA ASP C 117 -11.28 26.36 21.54
C ASP C 117 -11.16 26.94 22.94
N ASP C 118 -12.27 27.00 23.66
CA ASP C 118 -12.28 27.73 24.92
C ASP C 118 -11.80 26.91 26.10
N ASP C 119 -11.26 25.71 25.86
CA ASP C 119 -10.90 24.86 26.99
C ASP C 119 -9.84 23.81 26.63
N ALA C 120 -8.81 24.21 25.87
CA ALA C 120 -7.84 23.28 25.30
C ALA C 120 -6.86 22.75 26.35
N TYR C 121 -6.30 21.57 26.11
CA TYR C 121 -5.31 20.97 27.02
C TYR C 121 -4.26 20.25 26.17
N ALA C 122 -3.04 20.22 26.69
CA ALA C 122 -1.91 19.54 26.07
C ALA C 122 -1.62 18.22 26.77
N VAL C 123 -1.31 17.19 25.98
CA VAL C 123 -0.97 15.87 26.51
C VAL C 123 0.47 15.57 26.11
N ILE C 124 1.31 15.31 27.09
CA ILE C 124 2.73 15.11 26.87
C ILE C 124 3.00 13.61 26.79
N HIS C 125 3.22 13.09 25.58
CA HIS C 125 3.54 11.68 25.43
C HIS C 125 5.03 11.44 25.63
N TYR C 126 5.39 10.32 26.24
CA TYR C 126 6.81 9.96 26.30
C TYR C 126 6.98 8.47 26.08
N GLY C 127 7.53 8.13 24.91
CA GLY C 127 7.70 6.74 24.54
C GLY C 127 6.40 6.04 24.21
N GLY C 128 5.37 6.79 23.84
CA GLY C 128 4.11 6.19 23.48
C GLY C 128 3.08 6.10 24.57
N MET C 129 3.27 6.78 25.70
CA MET C 129 2.28 6.78 26.78
C MET C 129 2.12 8.21 27.28
N PRO C 130 0.92 8.60 27.77
CA PRO C 130 0.70 9.97 28.26
C PRO C 130 1.19 10.11 29.69
N THR C 131 2.19 10.95 29.89
CA THR C 131 2.77 11.11 31.22
C THR C 131 2.23 12.32 31.99
N ASP C 132 1.65 13.31 31.32
CA ASP C 132 1.27 14.54 32.00
C ASP C 132 0.32 15.34 31.11
N VAL C 133 -0.39 16.30 31.71
CA VAL C 133 -1.35 17.13 31.00
C VAL C 133 -1.27 18.58 31.49
N VAL C 134 -1.26 19.53 30.55
CA VAL C 134 -1.17 20.96 30.83
C VAL C 134 -2.42 21.65 30.27
N ARG C 135 -3.23 22.25 31.15
CA ARG C 135 -4.45 22.91 30.70
C ARG C 135 -4.22 24.40 30.42
N SER C 136 -5.15 24.97 29.64
CA SER C 136 -5.15 26.40 29.32
C SER C 136 -5.16 27.23 30.61
N TRP C 137 -4.69 28.48 30.51
CA TRP C 137 -4.72 29.35 31.69
C TRP C 137 -5.37 30.71 31.41
N ARG C 138 -5.37 31.19 30.17
CA ARG C 138 -6.25 32.28 29.74
C ARG C 138 -7.47 31.79 28.97
N LYS C 139 -7.59 30.48 28.76
CA LYS C 139 -8.77 29.85 28.17
C LYS C 139 -9.13 30.43 26.79
N GLN C 140 -8.12 30.57 25.93
CA GLN C 140 -8.32 30.72 24.49
C GLN C 140 -7.44 29.66 23.81
N ILE C 141 -7.17 29.80 22.51
CA ILE C 141 -6.37 28.79 21.81
C ILE C 141 -5.01 28.63 22.49
N LEU C 142 -4.77 27.47 23.10
CA LEU C 142 -3.44 27.06 23.53
C LEU C 142 -2.60 26.61 22.33
N ARG C 143 -1.33 27.01 22.28
CA ARG C 143 -0.44 26.71 21.16
C ARG C 143 0.96 26.34 21.63
N THR C 144 1.57 25.36 20.96
CA THR C 144 3.00 25.08 21.03
C THR C 144 3.73 25.45 19.75
N GLN C 145 5.02 25.77 19.88
CA GLN C 145 5.88 25.97 18.72
C GLN C 145 5.72 24.80 17.78
N GLU C 146 5.27 25.06 16.55
CA GLU C 146 5.02 23.97 15.61
C GLU C 146 6.31 23.41 15.01
N SER C 147 7.30 23.13 15.86
CA SER C 147 8.56 22.54 15.44
C SER C 147 9.25 22.00 16.68
N SER C 148 10.30 21.20 16.45
CA SER C 148 10.88 20.41 17.53
C SER C 148 11.19 21.23 18.77
N CYS C 149 11.10 20.56 19.91
CA CYS C 149 11.58 21.07 21.19
C CYS C 149 13.08 20.85 21.32
N VAL C 150 13.67 21.41 22.38
CA VAL C 150 15.11 21.42 22.59
C VAL C 150 15.45 20.70 23.89
N CYS C 151 16.26 19.65 23.81
CA CYS C 151 16.61 18.83 24.97
C CYS C 151 18.07 19.05 25.32
N MET C 152 18.36 19.43 26.57
CA MET C 152 19.73 19.44 27.07
C MET C 152 19.88 18.56 28.31
N ASN C 153 21.00 17.83 28.41
CA ASN C 153 21.32 17.10 29.65
C ASN C 153 20.16 16.27 30.17
N GLY C 154 19.23 15.90 29.29
CA GLY C 154 18.10 15.09 29.69
C GLY C 154 16.78 15.82 29.81
N ASN C 155 16.81 17.15 29.90
CA ASN C 155 15.61 17.98 30.10
C ASN C 155 15.18 18.56 28.77
N CYS C 156 13.89 18.52 28.46
CA CYS C 156 13.38 19.02 27.18
C CYS C 156 12.47 20.24 27.36
N TYR C 157 12.77 21.30 26.61
CA TYR C 157 12.22 22.64 26.79
C TYR C 157 11.30 22.99 25.62
N TRP C 158 10.28 23.82 25.87
CA TRP C 158 9.44 24.33 24.80
C TRP C 158 8.67 25.56 25.27
N VAL C 159 8.19 26.35 24.31
CA VAL C 159 7.40 27.55 24.57
C VAL C 159 5.97 27.29 24.17
N MET C 160 5.03 27.67 25.04
CA MET C 160 3.61 27.63 24.74
C MET C 160 2.98 28.98 25.03
N THR C 161 1.92 29.30 24.27
CA THR C 161 1.20 30.54 24.44
C THR C 161 -0.28 30.26 24.47
N ASP C 162 -1.00 31.11 25.23
CA ASP C 162 -2.44 31.14 25.38
C ASP C 162 -2.84 32.60 25.39
N GLY C 163 -3.91 32.94 24.68
CA GLY C 163 -4.31 34.32 24.58
C GLY C 163 -4.59 34.79 23.16
N PRO C 164 -5.01 36.03 22.97
CA PRO C 164 -5.46 36.41 21.63
C PRO C 164 -4.36 36.33 20.58
N ALA C 165 -4.76 36.51 19.33
CA ALA C 165 -3.88 36.43 18.18
C ALA C 165 -3.37 37.80 17.77
N ASN C 166 -4.29 38.74 17.58
CA ASN C 166 -3.98 40.08 17.12
C ASN C 166 -3.70 41.05 18.27
N SER C 167 -3.38 40.53 19.46
CA SER C 167 -3.20 41.38 20.62
C SER C 167 -2.39 40.63 21.67
N GLN C 168 -1.78 41.38 22.59
CA GLN C 168 -0.95 40.80 23.65
C GLN C 168 -1.59 39.59 24.33
N ALA C 169 -0.82 38.51 24.43
CA ALA C 169 -1.21 37.20 24.95
C ALA C 169 -0.52 36.90 26.28
N SER C 170 -0.37 35.61 26.59
CA SER C 170 0.47 35.12 27.68
C SER C 170 1.32 33.95 27.20
N TYR C 171 2.62 34.00 27.51
CA TYR C 171 3.60 33.06 26.98
C TYR C 171 4.38 32.44 28.13
N LYS C 172 4.61 31.12 28.07
CA LYS C 172 5.26 30.37 29.15
C LYS C 172 6.27 29.38 28.61
N ILE C 173 7.38 29.22 29.35
CA ILE C 173 8.47 28.32 29.01
C ILE C 173 8.39 27.10 29.92
N PHE C 174 8.41 25.91 29.34
CA PHE C 174 8.26 24.65 30.05
C PHE C 174 9.57 23.87 30.02
N LYS C 175 9.71 22.94 30.97
CA LYS C 175 10.92 22.15 31.16
C LYS C 175 10.49 20.80 31.73
N SER C 176 10.77 19.69 31.05
CA SER C 176 10.22 18.38 31.41
C SER C 176 11.34 17.35 31.49
N HIS C 177 11.21 16.35 32.37
CA HIS C 177 12.26 15.35 32.51
C HIS C 177 11.57 13.99 32.52
N GLU C 178 12.02 13.06 31.68
CA GLU C 178 11.30 11.79 31.50
C GLU C 178 9.78 12.00 31.51
N GLY C 179 9.30 12.88 30.63
CA GLY C 179 7.88 13.01 30.36
C GLY C 179 7.15 14.09 31.11
N MET C 180 7.15 14.01 32.44
CA MET C 180 6.35 14.91 33.24
C MET C 180 7.05 16.27 33.39
N VAL C 181 6.24 17.31 33.60
CA VAL C 181 6.76 18.67 33.68
C VAL C 181 7.47 18.87 35.02
N THR C 182 8.51 19.71 35.03
CA THR C 182 9.20 20.07 36.27
C THR C 182 9.21 21.56 36.57
N ASN C 183 9.06 22.44 35.58
CA ASN C 183 9.10 23.87 35.81
C ASN C 183 8.34 24.61 34.71
N GLU C 184 8.06 25.89 34.95
CA GLU C 184 7.19 26.69 34.11
C GLU C 184 7.33 28.15 34.52
N ARG C 185 7.88 28.99 33.63
CA ARG C 185 8.01 30.42 33.88
C ARG C 185 7.37 31.23 32.76
N GLU C 186 6.85 32.40 33.10
CA GLU C 186 6.10 33.23 32.16
C GLU C 186 6.97 34.37 31.63
N VAL C 187 6.89 34.61 30.33
CA VAL C 187 7.67 35.62 29.62
C VAL C 187 6.93 36.95 29.74
N SER C 188 7.44 37.87 30.56
CA SER C 188 6.88 39.21 30.62
C SER C 188 7.45 40.04 29.48
N PHE C 189 6.57 40.48 28.56
CA PHE C 189 6.97 41.10 27.30
C PHE C 189 5.78 41.95 26.84
N GLN C 190 5.73 43.19 27.31
CA GLN C 190 4.55 44.01 27.12
C GLN C 190 4.45 44.59 25.72
N GLY C 191 5.54 44.63 24.97
CA GLY C 191 5.56 45.33 23.70
C GLY C 191 5.25 44.52 22.46
N GLY C 192 5.03 43.21 22.56
CA GLY C 192 4.92 42.43 21.35
C GLY C 192 4.40 41.03 21.59
N HIS C 193 4.59 40.18 20.59
CA HIS C 193 3.90 38.91 20.46
C HIS C 193 4.90 37.80 20.11
N ILE C 194 4.83 36.68 20.85
CA ILE C 194 5.77 35.57 20.69
C ILE C 194 5.02 34.27 20.46
N GLU C 195 4.59 34.00 19.22
CA GLU C 195 3.61 32.93 18.98
C GLU C 195 4.22 31.56 18.71
N GLU C 196 5.02 31.44 17.65
CA GLU C 196 5.21 30.15 16.96
C GLU C 196 6.69 29.84 16.77
N CYS C 197 7.48 29.95 17.83
CA CYS C 197 8.93 29.94 17.79
C CYS C 197 9.63 28.81 17.00
N SER C 198 10.89 29.06 16.63
CA SER C 198 11.84 28.03 16.17
C SER C 198 13.06 28.05 17.08
N CYS C 199 13.35 26.92 17.75
CA CYS C 199 14.36 26.88 18.81
C CYS C 199 15.48 25.90 18.49
N TYR C 200 16.71 26.26 18.86
CA TYR C 200 17.88 25.39 18.75
C TYR C 200 18.76 25.59 19.97
N PRO C 201 19.47 24.55 20.43
CA PRO C 201 20.44 24.73 21.52
C PRO C 201 21.75 25.29 21.02
N ASN C 202 22.38 26.12 21.86
CA ASN C 202 23.64 26.76 21.49
C ASN C 202 24.55 26.94 22.71
N LEU C 203 25.47 26.00 22.92
CA LEU C 203 26.44 26.07 24.01
C LEU C 203 25.74 26.19 25.36
N GLY C 204 24.71 25.38 25.58
CA GLY C 204 23.97 25.41 26.83
C GLY C 204 22.87 26.45 26.98
N LYS C 205 22.79 27.44 26.12
CA LYS C 205 21.60 28.28 26.09
C LYS C 205 20.65 27.75 25.03
N VAL C 206 19.36 27.99 25.21
CA VAL C 206 18.36 27.68 24.19
C VAL C 206 17.93 28.99 23.54
N GLU C 207 18.12 29.09 22.23
CA GLU C 207 17.81 30.30 21.48
C GLU C 207 16.64 30.06 20.53
N CYS C 208 15.56 30.82 20.71
CA CYS C 208 14.41 30.83 19.82
C CYS C 208 14.28 32.13 19.03
N VAL C 209 13.88 32.01 17.76
CA VAL C 209 13.48 33.15 16.91
C VAL C 209 12.06 32.90 16.41
N CYS C 210 11.17 33.84 16.71
CA CYS C 210 9.74 33.56 16.80
C CYS C 210 8.91 34.31 15.76
N ARG C 211 7.70 34.75 16.10
CA ARG C 211 6.75 35.26 15.11
C ARG C 211 5.95 36.37 15.74
N ASP C 212 6.21 37.61 15.35
CA ASP C 212 5.53 38.77 15.93
C ASP C 212 4.25 39.03 15.14
N ASN C 213 3.13 38.57 15.69
CA ASN C 213 1.82 38.66 15.04
C ASN C 213 1.08 39.95 15.37
N TRP C 214 1.75 40.93 15.96
CA TRP C 214 1.14 42.17 16.43
C TRP C 214 2.17 43.29 16.36
N ASN C 215 1.75 44.40 15.77
CA ASN C 215 2.59 45.57 15.55
C ASN C 215 4.03 45.27 15.20
N GLY C 216 4.33 44.23 14.42
CA GLY C 216 5.73 44.03 14.05
C GLY C 216 6.03 43.43 12.69
N MET C 217 7.06 43.98 12.04
CA MET C 217 7.71 43.40 10.86
C MET C 217 8.92 42.55 11.20
N ASN C 218 9.24 42.41 12.50
CA ASN C 218 10.56 41.96 12.93
C ASN C 218 10.43 40.78 13.89
N ARG C 219 11.45 39.94 13.89
CA ARG C 219 11.42 38.70 14.66
C ARG C 219 11.66 38.94 16.15
N PRO C 220 10.82 38.41 17.04
CA PRO C 220 11.20 38.33 18.45
C PRO C 220 12.32 37.32 18.59
N ILE C 221 13.25 37.60 19.51
CA ILE C 221 14.13 36.60 20.10
C ILE C 221 13.73 36.28 21.54
N LEU C 222 14.04 35.04 21.96
CA LEU C 222 13.97 34.60 23.36
C LEU C 222 15.16 33.68 23.62
N ILE C 223 15.85 33.90 24.74
CA ILE C 223 17.04 33.13 25.12
C ILE C 223 16.90 32.70 26.57
N PHE C 224 17.04 31.39 26.85
CA PHE C 224 16.87 30.89 28.22
C PHE C 224 17.66 29.61 28.45
N ASP C 225 18.10 29.42 29.68
CA ASP C 225 19.02 28.32 29.98
C ASP C 225 18.44 27.41 31.06
N GLU C 226 19.34 26.74 31.78
CA GLU C 226 19.00 25.52 32.51
C GLU C 226 17.79 25.69 33.44
N ASP C 227 17.78 26.76 34.23
CA ASP C 227 16.68 26.99 35.17
C ASP C 227 15.93 28.26 34.81
N LEU C 228 15.69 28.44 33.51
CA LEU C 228 14.63 29.23 32.87
C LEU C 228 14.78 30.74 33.00
N ASP C 229 15.90 31.26 33.51
CA ASP C 229 16.14 32.70 33.47
C ASP C 229 16.36 33.16 32.04
N TYR C 230 15.73 34.27 31.64
CA TYR C 230 15.62 34.58 30.22
C TYR C 230 15.96 36.03 29.90
N GLU C 231 16.13 36.27 28.59
CA GLU C 231 16.25 37.58 27.99
C GLU C 231 15.35 37.61 26.75
N VAL C 232 14.55 38.66 26.62
CA VAL C 232 13.58 38.79 25.53
C VAL C 232 13.91 40.05 24.74
N GLY C 233 13.75 40.00 23.43
CA GLY C 233 13.98 41.19 22.64
C GLY C 233 13.68 40.95 21.19
N TYR C 234 14.26 41.78 20.31
CA TYR C 234 14.10 41.58 18.88
C TYR C 234 15.42 41.38 18.16
N LEU C 235 15.33 40.71 17.01
CA LEU C 235 16.46 40.53 16.10
C LEU C 235 16.85 41.88 15.51
N CYS C 236 18.02 42.38 15.90
CA CYS C 236 18.40 43.76 15.63
C CYS C 236 18.51 44.08 14.16
N ALA C 237 18.56 43.09 13.27
CA ALA C 237 18.99 43.32 11.90
C ALA C 237 18.22 44.47 11.25
N GLY C 238 18.93 45.25 10.44
CA GLY C 238 18.34 46.30 9.62
C GLY C 238 17.59 45.81 8.42
N ILE C 239 17.51 44.50 8.25
CA ILE C 239 16.77 43.84 7.19
C ILE C 239 15.55 43.21 7.85
N PRO C 240 14.32 43.52 7.41
CA PRO C 240 13.13 42.89 7.99
C PRO C 240 12.84 41.52 7.38
N THR C 241 12.30 40.59 8.20
CA THR C 241 12.17 39.22 7.74
C THR C 241 10.85 38.51 8.04
N ASP C 242 9.78 39.25 8.39
CA ASP C 242 8.45 38.67 8.38
C ASP C 242 7.91 38.72 6.95
N THR C 243 6.71 38.17 6.71
CA THR C 243 6.17 38.26 5.35
C THR C 243 5.67 39.66 5.04
N PRO C 244 4.62 40.16 5.68
CA PRO C 244 4.24 41.55 5.39
C PRO C 244 5.36 42.49 5.80
N ARG C 245 5.96 43.25 4.88
CA ARG C 245 7.05 44.12 5.30
C ARG C 245 7.26 45.19 4.25
N VAL C 246 7.87 46.32 4.66
CA VAL C 246 8.30 47.28 3.66
C VAL C 246 9.70 46.92 3.19
N GLN C 247 10.13 47.55 2.09
CA GLN C 247 11.33 47.07 1.44
C GLN C 247 12.55 47.40 2.31
N ASP C 248 13.65 46.72 2.04
CA ASP C 248 14.80 46.79 2.94
C ASP C 248 15.33 48.22 3.09
N SER C 249 15.19 49.05 2.05
CA SER C 249 15.74 50.40 2.13
C SER C 249 14.86 51.36 2.91
N SER C 250 13.65 50.94 3.27
CA SER C 250 12.69 51.78 3.97
C SER C 250 12.63 51.50 5.47
N PHE C 251 13.02 50.30 5.87
CA PHE C 251 12.95 49.86 7.26
C PHE C 251 14.15 50.41 8.05
N THR C 252 14.00 50.57 9.38
CA THR C 252 15.09 51.06 10.22
C THR C 252 15.55 50.09 11.31
N GLY C 253 14.71 49.18 11.76
CA GLY C 253 15.13 48.15 12.69
C GLY C 253 15.28 48.59 14.12
N SER C 254 15.01 47.69 15.06
CA SER C 254 15.28 47.95 16.46
C SER C 254 15.59 46.65 17.19
N CYS C 255 16.36 46.76 18.26
CA CYS C 255 16.71 45.65 19.11
C CYS C 255 15.73 45.40 20.24
N THR C 256 14.93 46.40 20.63
CA THR C 256 14.05 46.24 21.78
C THR C 256 12.59 46.59 21.52
N ASN C 257 12.23 47.14 20.36
CA ASN C 257 10.87 47.60 20.10
C ASN C 257 10.33 46.97 18.82
N ALA C 258 9.03 46.65 18.87
CA ALA C 258 8.29 46.22 17.70
C ALA C 258 8.22 47.35 16.67
N VAL C 259 8.75 47.11 15.48
CA VAL C 259 8.69 48.07 14.38
C VAL C 259 7.56 47.69 13.43
N GLY C 260 6.48 48.48 13.40
CA GLY C 260 5.34 48.22 12.55
C GLY C 260 5.41 49.02 11.27
N GLY C 261 4.35 48.88 10.47
CA GLY C 261 4.32 49.50 9.16
C GLY C 261 2.91 49.72 8.66
N SER C 262 2.84 49.98 7.36
CA SER C 262 1.57 50.25 6.68
C SER C 262 0.96 48.94 6.23
N GLY C 263 -0.07 48.50 6.94
CA GLY C 263 -0.75 47.26 6.64
C GLY C 263 -0.05 45.99 7.08
N THR C 264 1.12 46.10 7.69
CA THR C 264 1.90 44.92 8.08
C THR C 264 1.63 44.44 9.49
N ASN C 265 0.64 45.00 10.18
CA ASN C 265 0.69 44.95 11.65
C ASN C 265 0.01 43.74 12.25
N ASN C 266 -0.91 43.06 11.54
CA ASN C 266 -1.69 42.00 12.14
C ASN C 266 -1.53 40.66 11.42
N TYR C 267 -0.33 40.30 10.98
CA TYR C 267 -0.12 39.07 10.21
C TYR C 267 1.37 38.75 10.17
N GLY C 268 1.70 37.53 9.73
CA GLY C 268 3.09 37.11 9.66
C GLY C 268 3.23 35.71 9.09
N VAL C 269 4.44 35.12 9.23
CA VAL C 269 4.69 33.72 8.91
C VAL C 269 5.81 33.20 9.80
N LYS C 270 5.87 31.87 9.98
CA LYS C 270 6.81 31.29 10.93
C LYS C 270 8.18 31.20 10.27
N GLY C 271 9.26 31.40 11.02
CA GLY C 271 10.57 31.47 10.39
C GLY C 271 11.75 31.15 11.28
N PHE C 272 12.99 31.36 10.82
CA PHE C 272 14.15 30.96 11.61
C PHE C 272 15.29 31.95 11.48
N GLY C 273 16.31 31.75 12.32
CA GLY C 273 17.51 32.55 12.29
C GLY C 273 18.62 31.98 13.15
N PHE C 274 19.71 31.52 12.53
CA PHE C 274 20.82 30.94 13.27
C PHE C 274 21.87 32.00 13.55
N ARG C 275 22.19 32.20 14.82
CA ARG C 275 23.29 33.09 15.18
C ARG C 275 24.62 32.45 14.83
N GLN C 276 25.54 33.24 14.29
CA GLN C 276 26.86 32.81 13.90
C GLN C 276 27.83 33.87 14.40
N GLY C 277 28.24 33.77 15.65
CA GLY C 277 28.99 34.83 16.29
C GLY C 277 28.07 36.00 16.59
N ASN C 278 28.21 37.09 15.83
CA ASN C 278 27.26 38.18 15.90
C ASN C 278 26.43 38.33 14.63
N SER C 279 26.74 37.60 13.57
CA SER C 279 25.94 37.57 12.35
C SER C 279 24.74 36.63 12.51
N VAL C 280 23.85 36.63 11.53
CA VAL C 280 22.66 35.78 11.55
C VAL C 280 22.33 35.28 10.14
N TRP C 281 22.05 33.98 10.01
CA TRP C 281 21.50 33.40 8.78
C TRP C 281 19.98 33.48 8.87
N ALA C 282 19.41 34.60 8.43
CA ALA C 282 17.98 34.85 8.53
C ALA C 282 17.26 34.36 7.27
N GLY C 283 16.24 33.54 7.44
CA GLY C 283 15.45 33.06 6.31
C GLY C 283 14.14 33.82 6.12
N ARG C 284 13.81 34.11 4.88
CA ARG C 284 12.64 34.93 4.60
C ARG C 284 12.13 34.68 3.19
N THR C 285 10.83 34.94 2.99
CA THR C 285 10.23 34.82 1.68
C THR C 285 10.81 35.88 0.74
N VAL C 286 10.68 35.63 -0.56
CA VAL C 286 11.18 36.60 -1.55
C VAL C 286 10.22 37.78 -1.67
N SER C 287 8.91 37.51 -1.69
CA SER C 287 7.90 38.57 -1.87
C SER C 287 7.60 39.24 -0.54
N ILE C 288 7.34 40.56 -0.60
CA ILE C 288 7.15 41.31 0.64
C ILE C 288 5.70 41.34 1.13
N SER C 289 4.79 40.60 0.48
CA SER C 289 3.38 40.68 0.85
C SER C 289 2.61 39.38 0.69
N SER C 290 3.29 38.26 0.50
CA SER C 290 2.71 36.96 0.17
C SER C 290 3.77 35.89 0.34
N ARG C 291 3.31 34.69 0.63
CA ARG C 291 4.18 33.55 0.94
C ARG C 291 4.62 32.89 -0.37
N SER C 292 5.64 33.48 -0.99
CA SER C 292 6.21 32.95 -2.21
C SER C 292 7.72 33.15 -2.20
N GLY C 293 8.44 32.19 -2.79
CA GLY C 293 9.89 32.19 -2.83
C GLY C 293 10.55 31.98 -1.49
N PHE C 294 11.87 31.87 -1.44
CA PHE C 294 12.57 31.74 -0.17
C PHE C 294 14.04 32.12 -0.34
N GLU C 295 14.54 32.94 0.60
CA GLU C 295 15.92 33.42 0.66
C GLU C 295 16.54 33.01 2.00
N ILE C 296 17.86 32.85 2.02
CA ILE C 296 18.63 32.79 3.27
C ILE C 296 19.73 33.86 3.21
N LEU C 297 19.63 34.87 4.07
CA LEU C 297 20.64 35.92 4.17
C LEU C 297 21.56 35.78 5.38
N LEU C 298 22.87 35.92 5.14
CA LEU C 298 23.87 36.14 6.20
C LEU C 298 24.14 37.62 6.37
N ILE C 299 23.67 38.20 7.47
CA ILE C 299 23.75 39.62 7.75
C ILE C 299 24.88 39.83 8.75
N GLU C 300 25.87 40.67 8.43
CA GLU C 300 27.00 40.84 9.34
C GLU C 300 26.58 41.70 10.53
N ASP C 301 26.90 41.20 11.72
CA ASP C 301 26.46 41.78 13.00
C ASP C 301 24.96 42.04 13.04
N GLY C 302 24.20 41.27 12.27
CA GLY C 302 22.75 41.42 12.25
C GLY C 302 22.05 40.77 13.41
N TRP C 303 22.77 40.42 14.48
CA TRP C 303 22.11 39.93 15.68
C TRP C 303 22.16 40.99 16.75
N ILE C 304 22.96 42.05 16.56
CA ILE C 304 23.16 43.06 17.59
C ILE C 304 23.20 44.52 17.10
N ARG C 305 23.41 44.76 15.79
CA ARG C 305 23.98 46.03 15.36
C ARG C 305 23.18 46.80 14.29
N THR C 306 21.88 46.52 14.11
CA THR C 306 21.03 47.19 13.12
C THR C 306 21.69 47.31 11.75
N SER C 307 22.54 46.34 11.40
CA SER C 307 23.28 46.37 10.15
C SER C 307 22.44 45.88 8.97
N LYS C 308 22.74 46.41 7.78
CA LYS C 308 22.10 45.99 6.55
C LYS C 308 23.03 45.27 5.58
N THR C 309 24.27 45.01 5.97
CA THR C 309 25.28 44.47 5.05
C THR C 309 25.10 42.96 4.95
N ILE C 310 24.40 42.53 3.88
CA ILE C 310 24.23 41.12 3.56
C ILE C 310 25.52 40.59 2.93
N VAL C 311 26.21 39.72 3.65
CA VAL C 311 27.46 39.15 3.16
C VAL C 311 27.19 38.06 2.14
N LYS C 312 26.15 37.25 2.35
CA LYS C 312 25.79 36.16 1.45
C LYS C 312 24.27 36.06 1.34
N LYS C 313 23.80 35.54 0.21
CA LYS C 313 22.39 35.31 -0.05
C LYS C 313 22.25 34.02 -0.86
N VAL C 314 21.28 33.18 -0.49
CA VAL C 314 21.01 31.92 -1.18
C VAL C 314 19.52 31.75 -1.40
N GLU C 315 19.12 31.42 -2.63
CA GLU C 315 17.69 31.25 -2.92
C GLU C 315 17.38 29.78 -3.13
N VAL C 316 16.35 29.30 -2.44
CA VAL C 316 15.94 27.91 -2.59
C VAL C 316 14.54 27.73 -3.17
N LEU C 317 13.79 28.80 -3.43
CA LEU C 317 12.61 28.77 -4.28
C LEU C 317 12.57 30.09 -5.02
N ASN C 318 12.17 30.07 -6.29
CA ASN C 318 12.05 31.36 -6.99
C ASN C 318 10.63 31.90 -6.85
N ASN C 319 10.48 33.18 -7.22
CA ASN C 319 9.35 33.95 -6.71
C ASN C 319 8.03 33.48 -7.30
N LYS C 320 8.06 32.63 -8.31
CA LYS C 320 6.82 32.16 -8.91
C LYS C 320 6.22 30.96 -8.20
N ASN C 321 6.82 30.47 -7.13
CA ASN C 321 6.36 29.28 -6.42
C ASN C 321 5.93 29.62 -5.01
N TRP C 322 4.88 28.95 -4.54
CA TRP C 322 4.35 29.18 -3.20
C TRP C 322 5.25 28.53 -2.16
N SER C 323 5.36 29.17 -1.00
CA SER C 323 6.12 28.64 0.13
C SER C 323 5.24 28.76 1.37
N GLY C 324 5.86 28.78 2.54
CA GLY C 324 5.11 28.74 3.78
C GLY C 324 5.97 28.81 5.04
N TYR C 325 5.60 28.05 6.06
CA TYR C 325 6.37 28.03 7.30
C TYR C 325 7.80 27.55 7.04
N SER C 326 8.69 27.87 7.98
CA SER C 326 10.05 27.34 7.98
C SER C 326 10.60 27.34 9.40
N GLY C 327 11.52 26.42 9.68
CA GLY C 327 12.01 26.26 11.04
C GLY C 327 13.39 25.65 11.12
N ALA C 328 13.98 25.75 12.31
CA ALA C 328 15.32 25.26 12.57
C ALA C 328 15.32 23.88 13.23
N PHE C 329 16.42 23.16 13.06
CA PHE C 329 16.79 22.03 13.91
C PHE C 329 18.30 21.83 13.79
N THR C 330 18.86 20.94 14.61
CA THR C 330 20.29 20.67 14.60
C THR C 330 20.53 19.17 14.67
N ILE C 331 21.50 18.70 13.87
CA ILE C 331 21.89 17.29 13.84
C ILE C 331 22.95 17.07 14.91
N PRO C 332 22.78 16.11 15.82
CA PRO C 332 23.63 16.04 17.00
C PRO C 332 24.98 15.37 16.75
N ILE C 333 25.80 15.37 17.80
CA ILE C 333 27.14 14.79 17.74
C ILE C 333 27.07 13.28 17.56
N THR C 334 26.08 12.65 18.19
CA THR C 334 25.91 11.20 18.08
C THR C 334 25.64 10.74 16.65
N MET C 335 25.49 11.67 15.72
CA MET C 335 25.35 11.28 14.33
C MET C 335 26.58 11.66 13.52
N THR C 336 27.02 12.92 13.65
CA THR C 336 28.05 13.46 12.78
C THR C 336 29.47 13.25 13.29
N SER C 337 29.64 12.96 14.57
CA SER C 337 30.94 12.90 15.24
C SER C 337 31.71 14.20 15.19
N LYS C 338 31.07 15.30 14.79
CA LYS C 338 31.70 16.61 14.93
C LYS C 338 31.58 17.08 16.37
N GLN C 339 32.58 17.82 16.84
CA GLN C 339 32.54 18.44 18.16
C GLN C 339 31.80 19.78 18.13
N CYS C 340 30.67 19.81 17.43
CA CYS C 340 29.75 20.93 17.35
C CYS C 340 28.47 20.47 16.66
N LEU C 341 27.42 21.29 16.78
CA LEU C 341 26.09 20.95 16.29
C LEU C 341 25.88 21.54 14.91
N VAL C 342 25.43 20.72 13.96
CA VAL C 342 25.28 21.15 12.58
C VAL C 342 23.88 21.75 12.41
N PRO C 343 23.75 23.00 12.00
CA PRO C 343 22.42 23.59 11.85
C PRO C 343 21.75 23.13 10.57
N CYS C 344 20.43 22.97 10.63
CA CYS C 344 19.64 22.59 9.48
C CYS C 344 18.33 23.37 9.49
N PHE C 345 17.64 23.44 8.36
CA PHE C 345 16.34 24.09 8.32
C PHE C 345 15.41 23.35 7.38
N TRP C 346 14.10 23.46 7.64
CA TRP C 346 13.08 22.91 6.76
C TRP C 346 12.19 24.03 6.22
N LEU C 347 11.56 23.74 5.08
CA LEU C 347 10.73 24.69 4.35
C LEU C 347 9.53 23.94 3.79
N GLU C 348 8.33 24.43 4.07
CA GLU C 348 7.13 23.81 3.53
C GLU C 348 6.57 24.64 2.39
N MET C 349 5.94 23.96 1.43
CA MET C 349 5.34 24.59 0.27
C MET C 349 3.86 24.22 0.27
N ILE C 350 3.00 25.21 0.47
CA ILE C 350 1.57 25.00 0.62
C ILE C 350 0.91 25.08 -0.75
N ARG C 351 -0.05 24.19 -1.00
CA ARG C 351 -0.85 24.22 -2.21
C ARG C 351 -2.30 23.89 -1.86
N GLY C 352 -3.22 24.58 -2.53
CA GLY C 352 -4.64 24.43 -2.33
C GLY C 352 -5.41 25.72 -2.13
N LYS C 353 -6.56 25.62 -1.45
CA LYS C 353 -7.59 26.65 -1.61
C LYS C 353 -7.20 28.03 -1.11
N PRO C 354 -6.32 28.21 -0.12
CA PRO C 354 -6.02 29.57 0.31
C PRO C 354 -5.53 30.47 -0.80
N GLU C 355 -4.91 29.93 -1.84
CA GLU C 355 -4.54 30.78 -2.97
C GLU C 355 -5.04 30.21 -4.30
N GLU C 356 -4.83 28.92 -4.55
CA GLU C 356 -5.38 28.23 -5.71
C GLU C 356 -6.87 27.93 -5.49
N ARG C 357 -7.71 28.90 -5.85
CA ARG C 357 -9.09 28.93 -5.39
C ARG C 357 -9.90 27.69 -5.81
N THR C 358 -9.55 27.03 -6.92
CA THR C 358 -10.45 26.02 -7.47
C THR C 358 -10.37 24.65 -6.78
N SER C 359 -9.32 24.38 -6.03
CA SER C 359 -9.11 23.12 -5.32
C SER C 359 -9.88 23.04 -4.00
N ILE C 360 -10.41 21.86 -3.68
CA ILE C 360 -11.21 21.76 -2.48
C ILE C 360 -10.38 21.47 -1.23
N TRP C 361 -9.12 21.08 -1.39
CA TRP C 361 -8.25 20.60 -0.30
C TRP C 361 -7.11 21.57 -0.06
N THR C 362 -6.35 21.33 1.02
CA THR C 362 -5.09 22.02 1.25
C THR C 362 -4.08 21.14 1.97
N SER C 363 -2.88 21.07 1.38
CA SER C 363 -1.78 20.25 1.87
C SER C 363 -0.47 20.99 1.67
N SER C 364 0.62 20.42 2.18
CA SER C 364 1.94 21.00 1.99
C SER C 364 3.00 19.92 1.92
N SER C 365 4.06 20.23 1.17
CA SER C 365 5.28 19.43 1.03
C SER C 365 6.50 20.07 1.66
N SER C 366 7.39 19.25 2.24
CA SER C 366 8.58 19.73 2.93
C SER C 366 9.82 19.62 2.05
N THR C 367 10.73 20.60 2.15
CA THR C 367 12.12 20.38 1.78
C THR C 367 12.99 20.57 3.02
N VAL C 368 14.16 19.92 3.05
CA VAL C 368 15.08 20.01 4.17
C VAL C 368 16.48 20.32 3.64
N PHE C 369 17.17 21.25 4.30
CA PHE C 369 18.52 21.68 3.98
C PHE C 369 19.40 21.56 5.22
N CYS C 370 20.71 21.42 5.02
CA CYS C 370 21.67 21.41 6.13
C CYS C 370 22.93 22.19 5.78
N GLY C 371 23.51 22.83 6.79
CA GLY C 371 24.67 23.69 6.59
C GLY C 371 25.98 22.95 6.36
N VAL C 372 26.80 23.50 5.45
CA VAL C 372 28.07 22.93 5.01
C VAL C 372 29.14 24.01 5.03
N SER C 373 30.35 23.61 5.42
CA SER C 373 31.43 24.59 5.53
C SER C 373 31.75 25.19 4.17
N SER C 374 31.65 24.39 3.11
CA SER C 374 31.87 24.90 1.75
C SER C 374 30.73 25.82 1.34
N GLU C 375 31.01 26.70 0.39
CA GLU C 375 29.97 27.49 -0.26
C GLU C 375 29.17 26.62 -1.21
N VAL C 376 27.87 26.88 -1.27
CA VAL C 376 26.94 26.05 -2.03
C VAL C 376 25.97 26.93 -2.80
N PRO C 377 25.67 26.60 -4.06
CA PRO C 377 24.76 27.45 -4.85
C PRO C 377 23.29 27.14 -4.62
N GLY C 378 22.43 28.05 -5.11
CA GLY C 378 20.99 27.89 -5.00
C GLY C 378 20.31 27.45 -6.28
N TRP C 379 19.09 26.94 -6.14
CA TRP C 379 18.30 26.45 -7.28
C TRP C 379 16.86 26.38 -6.78
N SER C 380 15.90 26.25 -7.71
CA SER C 380 14.48 26.29 -7.35
C SER C 380 13.93 24.87 -7.23
N TRP C 381 14.02 24.31 -6.02
CA TRP C 381 13.51 22.97 -5.74
C TRP C 381 12.03 23.03 -5.33
N ASP C 382 11.19 23.39 -6.29
CA ASP C 382 9.76 23.59 -5.99
C ASP C 382 9.02 22.25 -5.96
N ASP C 383 7.70 22.31 -5.69
CA ASP C 383 6.93 21.11 -5.38
C ASP C 383 6.39 20.39 -6.61
N GLY C 384 6.23 21.08 -7.73
CA GLY C 384 5.99 20.45 -9.02
C GLY C 384 4.71 19.66 -9.19
N ALA C 385 3.66 19.99 -8.45
CA ALA C 385 2.38 19.30 -8.62
C ALA C 385 1.53 19.97 -9.70
N ILE C 386 1.06 19.16 -10.66
CA ILE C 386 0.17 19.65 -11.71
C ILE C 386 -1.28 19.65 -11.22
N LEU C 387 -1.67 20.70 -10.50
CA LEU C 387 -3.05 20.86 -10.06
C LEU C 387 -3.90 21.41 -11.21
N PRO C 388 -5.23 21.17 -11.19
CA PRO C 388 -6.06 20.54 -10.16
C PRO C 388 -6.04 19.03 -10.15
N PHE C 389 -6.45 18.44 -9.04
CA PHE C 389 -6.46 16.99 -8.91
C PHE C 389 -7.85 16.46 -9.27
N ASP C 390 -7.93 15.13 -9.36
CA ASP C 390 -9.13 14.50 -9.89
C ASP C 390 -10.33 14.59 -8.97
N ILE C 391 -10.15 15.04 -7.73
CA ILE C 391 -11.28 15.23 -6.84
C ILE C 391 -11.77 16.67 -6.89
N ASP C 392 -10.98 17.57 -7.47
CA ASP C 392 -11.40 18.95 -7.71
C ASP C 392 -12.29 19.11 -8.91
N LYS C 393 -12.44 18.07 -9.74
CA LYS C 393 -13.17 18.17 -11.00
C LYS C 393 -14.69 18.06 -10.84
N LEU D 1 33.29 46.76 -48.37
CA LEU D 1 32.20 46.89 -49.37
C LEU D 1 32.25 45.74 -50.38
N VAL D 2 31.07 45.35 -50.87
CA VAL D 2 30.92 44.25 -51.82
C VAL D 2 29.99 44.72 -52.93
N LYS D 3 30.36 44.42 -54.18
CA LYS D 3 29.51 44.80 -55.30
C LYS D 3 28.55 43.65 -55.67
N PRO D 4 27.39 43.99 -56.25
CA PRO D 4 26.36 42.96 -56.45
C PRO D 4 26.77 41.82 -57.38
N SER D 5 26.55 40.60 -56.89
CA SER D 5 26.88 39.31 -57.49
C SER D 5 28.32 38.87 -57.27
N GLU D 6 29.09 39.59 -56.48
CA GLU D 6 30.40 39.09 -56.10
C GLU D 6 30.26 38.07 -54.97
N THR D 7 31.37 37.43 -54.61
CA THR D 7 31.41 36.54 -53.46
C THR D 7 31.72 37.35 -52.20
N LEU D 8 30.78 37.38 -51.26
CA LEU D 8 31.07 37.82 -49.89
C LEU D 8 31.83 36.75 -49.13
N SER D 9 32.77 37.18 -48.28
CA SER D 9 33.39 36.29 -47.32
C SER D 9 33.87 37.07 -46.10
N LEU D 10 33.86 36.39 -44.95
CA LEU D 10 34.18 37.00 -43.68
C LEU D 10 35.09 36.08 -42.87
N THR D 11 35.81 36.64 -41.88
CA THR D 11 36.68 35.87 -41.00
C THR D 11 36.29 36.15 -39.55
N CYS D 12 36.23 35.09 -38.74
CA CYS D 12 36.01 35.18 -37.30
C CYS D 12 37.09 34.39 -36.59
N SER D 13 37.52 34.89 -35.44
CA SER D 13 38.67 34.31 -34.72
C SER D 13 38.27 33.94 -33.29
N VAL D 14 39.00 32.96 -32.74
CA VAL D 14 38.76 32.46 -31.40
C VAL D 14 40.05 32.58 -30.61
N SER D 15 39.93 32.94 -29.33
CA SER D 15 41.09 33.10 -28.46
C SER D 15 40.67 32.86 -27.01
N GLY D 16 41.67 32.63 -26.17
CA GLY D 16 41.44 32.22 -24.79
C GLY D 16 41.06 30.75 -24.75
N GLU D 17 39.93 30.43 -25.37
CA GLU D 17 39.65 29.07 -25.77
C GLU D 17 40.48 28.72 -27.01
N SER D 18 40.32 27.50 -27.49
CA SER D 18 40.80 27.09 -28.79
C SER D 18 39.66 26.43 -29.54
N ILE D 19 39.71 26.47 -30.87
CA ILE D 19 38.80 25.64 -31.64
C ILE D 19 39.17 24.18 -31.40
N SER D 20 38.14 23.34 -31.25
CA SER D 20 38.27 21.97 -30.79
C SER D 20 38.50 21.89 -29.28
N SER D 21 38.21 22.96 -28.56
CA SER D 21 38.09 22.91 -27.11
C SER D 21 36.65 23.23 -26.71
N GLY D 22 36.12 22.45 -25.78
CA GLY D 22 34.83 22.72 -25.20
C GLY D 22 33.63 22.24 -25.99
N GLY D 23 33.82 21.74 -27.21
CA GLY D 23 32.73 21.14 -27.95
C GLY D 23 31.59 22.07 -28.30
N TYR D 24 31.90 23.31 -28.69
CA TYR D 24 30.90 24.28 -29.10
C TYR D 24 30.58 24.20 -30.59
N TYR D 25 29.41 24.74 -30.96
CA TYR D 25 29.07 24.91 -32.37
C TYR D 25 29.11 26.40 -32.71
N TRP D 26 29.91 26.74 -33.73
CA TRP D 26 30.19 28.12 -34.12
C TRP D 26 29.18 28.56 -35.19
N THR D 27 28.52 29.69 -34.94
CA THR D 27 27.27 30.09 -35.59
C THR D 27 27.48 31.42 -36.29
N TRP D 28 26.66 31.72 -37.31
CA TRP D 28 26.78 33.01 -38.00
C TRP D 28 25.36 33.57 -38.01
N ILE D 29 25.18 34.79 -37.51
CA ILE D 29 23.87 35.38 -37.36
C ILE D 29 23.88 36.75 -38.03
N ARG D 30 22.72 37.22 -38.48
CA ARG D 30 22.62 38.37 -39.38
C ARG D 30 21.55 39.31 -38.89
N GLN D 31 21.68 40.60 -39.20
CA GLN D 31 20.72 41.62 -38.77
C GLN D 31 20.62 42.71 -39.83
N HIS D 32 19.50 42.72 -40.56
CA HIS D 32 19.25 43.77 -41.54
C HIS D 32 18.85 45.06 -40.84
N PRO D 33 19.17 46.22 -41.43
CA PRO D 33 18.86 47.47 -40.73
C PRO D 33 17.39 47.59 -40.33
N GLY D 34 17.16 47.78 -39.04
CA GLY D 34 15.82 47.98 -38.52
C GLY D 34 15.02 46.72 -38.29
N LYS D 35 15.53 45.55 -38.69
CA LYS D 35 14.82 44.30 -38.54
C LYS D 35 15.33 43.53 -37.32
N GLY D 36 14.79 42.33 -37.15
CA GLY D 36 15.23 41.43 -36.11
C GLY D 36 16.26 40.44 -36.63
N LEU D 37 16.74 39.58 -35.75
CA LEU D 37 17.86 38.73 -36.08
C LEU D 37 17.45 37.59 -37.02
N GLU D 38 18.44 37.06 -37.75
CA GLU D 38 18.29 35.90 -38.64
C GLU D 38 19.50 34.99 -38.48
N TRP D 39 19.29 33.68 -38.57
CA TRP D 39 20.33 32.67 -38.37
C TRP D 39 20.84 32.24 -39.75
N ILE D 40 22.17 32.18 -39.89
CA ILE D 40 22.78 31.65 -41.11
C ILE D 40 23.18 30.18 -41.00
N GLY D 41 23.76 29.70 -39.90
CA GLY D 41 24.32 28.36 -39.99
C GLY D 41 25.41 28.04 -38.98
N ASN D 42 25.59 26.73 -38.74
CA ASN D 42 26.46 26.18 -37.70
C ASN D 42 27.57 25.32 -38.29
N ILE D 43 28.70 25.28 -37.56
CA ILE D 43 29.79 24.34 -37.79
C ILE D 43 30.27 23.79 -36.45
N PHE D 44 30.40 22.47 -36.35
CA PHE D 44 31.02 21.81 -35.21
C PHE D 44 32.53 21.78 -35.40
N ASP D 45 33.25 21.54 -34.30
CA ASP D 45 34.72 21.56 -34.37
C ASP D 45 35.26 20.61 -35.42
N THR D 46 34.59 19.48 -35.65
CA THR D 46 35.03 18.47 -36.62
C THR D 46 34.41 18.67 -38.00
N GLY D 47 33.97 19.89 -38.30
CA GLY D 47 33.50 20.28 -39.62
C GLY D 47 32.11 19.82 -40.06
N SER D 48 31.35 19.11 -39.23
CA SER D 48 29.95 18.81 -39.59
C SER D 48 29.08 20.06 -39.45
N THR D 49 28.14 20.23 -40.39
CA THR D 49 27.58 21.54 -40.71
C THR D 49 26.05 21.49 -40.78
N HIS D 50 25.40 22.62 -40.46
CA HIS D 50 23.98 22.82 -40.64
C HIS D 50 23.76 24.16 -41.33
N TYR D 51 22.80 24.25 -42.26
CA TYR D 51 22.53 25.53 -42.91
C TYR D 51 21.05 25.89 -42.84
N SER D 52 20.78 27.19 -42.85
CA SER D 52 19.42 27.66 -43.02
C SER D 52 18.98 27.40 -44.45
N PRO D 53 17.71 27.06 -44.68
CA PRO D 53 17.33 26.62 -46.03
C PRO D 53 17.27 27.74 -47.06
N SER D 54 16.93 28.97 -46.67
CA SER D 54 16.83 30.05 -47.64
C SER D 54 18.17 30.40 -48.29
N LEU D 55 19.28 30.09 -47.62
CA LEU D 55 20.60 30.46 -48.11
C LEU D 55 21.46 29.26 -48.50
N LYS D 56 20.93 28.05 -48.39
CA LYS D 56 21.77 26.86 -48.51
C LYS D 56 22.45 26.77 -49.87
N THR D 57 21.88 27.43 -50.88
CA THR D 57 22.42 27.37 -52.25
C THR D 57 23.57 28.35 -52.42
N ARG D 58 23.60 29.40 -51.60
CA ARG D 58 24.63 30.43 -51.66
C ARG D 58 25.85 30.13 -50.77
N LEU D 59 25.64 29.44 -49.66
CA LEU D 59 26.60 29.45 -48.56
C LEU D 59 27.75 28.46 -48.75
N THR D 60 28.84 28.70 -48.00
CA THR D 60 29.86 27.70 -47.68
C THR D 60 30.56 28.13 -46.41
N ILE D 61 30.62 27.27 -45.39
CA ILE D 61 31.21 27.63 -44.10
C ILE D 61 32.25 26.59 -43.70
N SER D 62 33.38 27.04 -43.14
CA SER D 62 34.51 26.13 -42.91
C SER D 62 35.36 26.60 -41.75
N ILE D 63 36.17 25.67 -41.21
CA ILE D 63 37.10 25.99 -40.14
C ILE D 63 38.56 25.69 -40.51
N ASP D 64 39.49 26.44 -39.89
CA ASP D 64 40.91 26.09 -39.73
C ASP D 64 41.27 25.92 -38.24
N THR D 65 41.53 24.69 -37.81
CA THR D 65 41.88 24.46 -36.41
C THR D 65 43.30 24.87 -36.05
N SER D 66 44.18 25.05 -37.04
CA SER D 66 45.54 25.50 -36.74
C SER D 66 45.62 27.01 -36.55
N LYS D 67 44.75 27.75 -37.22
CA LYS D 67 44.68 29.21 -37.07
C LYS D 67 43.71 29.64 -35.98
N ASN D 68 42.86 28.74 -35.50
CA ASN D 68 41.77 29.10 -34.58
C ASN D 68 40.86 30.15 -35.20
N GLN D 69 40.37 29.88 -36.41
CA GLN D 69 39.61 30.83 -37.21
C GLN D 69 38.52 30.04 -37.94
N PHE D 70 37.39 30.70 -38.23
CA PHE D 70 36.36 30.06 -39.04
C PHE D 70 35.72 31.08 -39.97
N TYR D 71 35.24 30.61 -41.11
CA TYR D 71 35.04 31.41 -42.33
C TYR D 71 33.62 31.30 -42.82
N LEU D 72 33.06 32.43 -43.26
CA LEU D 72 31.80 32.47 -44.00
C LEU D 72 32.07 32.88 -45.44
N ARG D 73 31.41 32.20 -46.38
CA ARG D 73 31.44 32.49 -47.81
C ARG D 73 30.01 32.43 -48.31
N LEU D 74 29.59 33.45 -49.04
CA LEU D 74 28.22 33.60 -49.53
C LEU D 74 28.32 34.08 -50.97
N ASN D 75 28.13 33.16 -51.91
CA ASN D 75 28.28 33.52 -53.31
C ASN D 75 27.16 34.46 -53.73
N SER D 76 27.30 35.04 -54.93
CA SER D 76 26.21 35.76 -55.61
C SER D 76 25.40 36.66 -54.67
N ALA D 77 26.09 37.55 -53.96
CA ALA D 77 25.42 38.42 -52.99
C ALA D 77 24.51 39.46 -53.66
N THR D 78 23.35 39.67 -53.07
CA THR D 78 22.31 40.59 -53.52
C THR D 78 22.39 41.84 -52.66
N ALA D 79 21.83 42.93 -53.16
CA ALA D 79 21.81 44.14 -52.35
C ALA D 79 21.07 43.90 -51.04
N ALA D 80 20.14 42.94 -51.03
CA ALA D 80 19.39 42.64 -49.83
C ALA D 80 20.23 41.89 -48.79
N ASP D 81 21.39 41.37 -49.17
CA ASP D 81 22.26 40.72 -48.20
C ASP D 81 23.05 41.73 -47.35
N THR D 82 22.76 43.02 -47.48
CA THR D 82 23.33 44.03 -46.60
C THR D 82 22.85 43.83 -45.17
N ALA D 83 23.78 43.81 -44.21
CA ALA D 83 23.43 43.53 -42.83
C ALA D 83 24.65 43.73 -41.94
N VAL D 84 24.40 43.75 -40.63
CA VAL D 84 25.45 43.45 -39.66
C VAL D 84 25.53 41.94 -39.50
N TYR D 85 26.75 41.41 -39.63
CA TYR D 85 27.01 39.98 -39.48
C TYR D 85 27.72 39.74 -38.17
N TYR D 86 27.16 38.89 -37.33
CA TYR D 86 27.77 38.49 -36.07
C TYR D 86 28.21 37.03 -36.15
N CYS D 87 29.27 36.69 -35.43
CA CYS D 87 29.64 35.29 -35.21
C CYS D 87 29.55 34.97 -33.72
N ALA D 88 29.14 33.74 -33.42
CA ALA D 88 28.87 33.34 -32.04
C ALA D 88 29.29 31.89 -31.84
N ARG D 89 29.43 31.51 -30.58
CA ARG D 89 29.43 30.11 -30.16
C ARG D 89 28.18 29.72 -29.37
N VAL D 90 27.82 28.43 -29.46
CA VAL D 90 26.76 27.83 -28.65
C VAL D 90 27.12 26.39 -28.34
N GLY D 91 27.02 26.00 -27.07
CA GLY D 91 27.25 24.61 -26.68
C GLY D 91 25.99 23.77 -26.51
N TYR D 92 25.86 22.67 -27.26
CA TYR D 92 24.69 21.82 -27.09
C TYR D 92 24.94 20.45 -27.72
N SER D 93 24.15 19.47 -27.28
CA SER D 93 24.25 18.10 -27.77
C SER D 93 22.92 17.41 -27.54
N LEU D 94 22.50 16.60 -28.52
CA LEU D 94 21.21 15.92 -28.47
C LEU D 94 21.30 14.41 -28.45
N GLU D 95 22.48 13.83 -28.74
CA GLU D 95 22.57 12.37 -28.79
C GLU D 95 22.64 11.78 -27.38
N THR D 96 23.48 12.35 -26.53
CA THR D 96 23.86 11.71 -25.28
C THR D 96 22.65 11.51 -24.36
N ASP D 97 22.87 10.76 -23.28
CA ASP D 97 21.84 10.51 -22.25
C ASP D 97 21.84 11.54 -21.13
N ARG D 98 22.61 12.62 -21.28
CA ARG D 98 22.52 13.79 -20.40
C ARG D 98 22.62 15.00 -21.30
N PRO D 99 21.54 15.37 -21.98
CA PRO D 99 21.66 16.43 -22.98
C PRO D 99 21.80 17.79 -22.32
N TYR D 100 22.30 18.76 -23.08
CA TYR D 100 22.44 20.10 -22.57
C TYR D 100 22.32 21.10 -23.71
N TYR D 101 22.10 22.37 -23.34
CA TYR D 101 22.05 23.47 -24.30
C TYR D 101 22.33 24.77 -23.54
N PHE D 102 23.38 25.49 -23.93
CA PHE D 102 23.79 26.74 -23.29
C PHE D 102 23.81 27.87 -24.34
N GLY D 103 22.62 28.28 -24.75
CA GLY D 103 22.44 29.03 -25.98
C GLY D 103 23.31 30.25 -26.22
N LEU D 104 23.95 30.28 -27.39
CA LEU D 104 24.67 31.44 -27.92
C LEU D 104 25.21 32.32 -26.81
N ASP D 105 26.12 31.79 -26.01
CA ASP D 105 26.51 32.53 -24.81
C ASP D 105 27.58 33.58 -25.05
N VAL D 106 28.34 33.52 -26.14
CA VAL D 106 29.38 34.51 -26.43
C VAL D 106 29.24 34.96 -27.88
N TRP D 107 29.32 36.28 -28.10
CA TRP D 107 29.15 36.90 -29.41
C TRP D 107 30.33 37.81 -29.71
N GLY D 108 30.77 37.83 -30.97
CA GLY D 108 31.77 38.79 -31.36
C GLY D 108 31.16 40.07 -31.89
N GLN D 109 32.01 41.09 -32.02
CA GLN D 109 31.56 42.37 -32.54
C GLN D 109 31.11 42.21 -33.99
N GLY D 110 30.21 43.09 -34.42
CA GLY D 110 29.59 42.94 -35.73
C GLY D 110 30.39 43.58 -36.86
N THR D 111 30.16 43.06 -38.06
CA THR D 111 30.69 43.62 -39.30
C THR D 111 29.53 44.10 -40.16
N THR D 112 29.56 45.39 -40.53
CA THR D 112 28.46 45.98 -41.30
C THR D 112 28.75 45.83 -42.79
N VAL D 113 28.34 44.69 -43.35
CA VAL D 113 28.52 44.45 -44.78
C VAL D 113 27.52 45.31 -45.55
N THR D 114 28.01 46.05 -46.54
CA THR D 114 27.17 46.80 -47.47
C THR D 114 27.40 46.27 -48.87
N VAL D 115 26.34 45.81 -49.51
CA VAL D 115 26.42 45.20 -50.84
C VAL D 115 25.85 46.23 -51.81
N SER D 116 26.73 46.99 -52.45
CA SER D 116 26.29 48.04 -53.36
C SER D 116 27.42 48.45 -54.29
N SER D 117 27.05 49.02 -55.43
CA SER D 117 28.00 49.73 -56.29
C SER D 117 28.25 51.14 -55.77
N ASP E 1 9.81 26.59 -41.10
CA ASP E 1 10.41 27.07 -39.82
C ASP E 1 9.30 27.28 -38.82
N ILE E 2 9.67 27.31 -37.54
CA ILE E 2 8.72 27.72 -36.50
C ILE E 2 8.51 29.23 -36.65
N VAL E 3 7.27 29.64 -36.90
CA VAL E 3 6.97 31.07 -36.90
C VAL E 3 6.94 31.55 -35.46
N MET E 4 7.59 32.67 -35.20
CA MET E 4 7.75 33.20 -33.85
C MET E 4 7.15 34.59 -33.77
N THR E 5 6.15 34.77 -32.90
CA THR E 5 5.46 36.04 -32.74
C THR E 5 5.45 36.42 -31.27
N GLN E 6 5.48 37.72 -31.01
CA GLN E 6 5.82 38.28 -29.70
C GLN E 6 4.99 39.53 -29.45
N SER E 7 4.48 39.67 -28.22
CA SER E 7 3.27 40.44 -27.95
C SER E 7 3.46 41.95 -28.10
N PRO E 8 3.84 42.73 -27.06
CA PRO E 8 3.97 44.18 -27.30
C PRO E 8 5.16 44.49 -28.20
N LEU E 9 4.95 45.24 -29.28
CA LEU E 9 6.08 45.59 -30.14
C LEU E 9 6.92 46.71 -29.56
N SER E 10 6.30 47.57 -28.73
CA SER E 10 7.02 48.48 -27.84
C SER E 10 6.34 48.47 -26.47
N LEU E 11 7.16 48.49 -25.43
CA LEU E 11 6.66 48.37 -24.06
C LEU E 11 7.08 49.60 -23.27
N PRO E 12 6.18 50.50 -22.92
CA PRO E 12 6.57 51.62 -22.06
C PRO E 12 6.66 51.16 -20.61
N VAL E 13 7.65 51.69 -19.89
CA VAL E 13 8.02 51.19 -18.58
C VAL E 13 8.68 52.32 -17.79
N THR E 14 8.89 52.12 -16.49
CA THR E 14 9.60 53.11 -15.70
C THR E 14 10.28 52.47 -14.50
N PRO E 15 11.40 53.02 -14.06
CA PRO E 15 12.21 52.34 -13.04
C PRO E 15 11.43 52.04 -11.78
N GLY E 16 11.76 50.91 -11.15
CA GLY E 16 11.17 50.54 -9.90
C GLY E 16 10.07 49.50 -10.01
N GLU E 17 9.24 49.63 -11.03
CA GLU E 17 8.02 48.86 -11.20
C GLU E 17 8.33 47.55 -11.92
N PRO E 18 7.46 46.55 -11.77
CA PRO E 18 7.62 45.30 -12.52
C PRO E 18 7.28 45.49 -14.00
N ALA E 19 7.65 44.51 -14.80
CA ALA E 19 7.35 44.53 -16.23
C ALA E 19 7.33 43.11 -16.78
N SER E 20 6.65 42.93 -17.92
CA SER E 20 6.55 41.62 -18.55
C SER E 20 6.54 41.72 -20.07
N ILE E 21 7.05 40.66 -20.72
CA ILE E 21 7.09 40.47 -22.16
C ILE E 21 6.73 39.01 -22.43
N SER E 22 6.10 38.71 -23.57
CA SER E 22 5.71 37.33 -23.83
C SER E 22 5.76 36.97 -25.32
N CYS E 23 5.71 35.67 -25.59
CA CYS E 23 6.18 35.07 -26.83
C CYS E 23 5.39 33.80 -27.10
N ARG E 24 4.98 33.60 -28.36
CA ARG E 24 4.15 32.47 -28.74
C ARG E 24 4.66 31.88 -30.05
N SER E 25 4.73 30.57 -30.13
CA SER E 25 5.31 29.86 -31.26
C SER E 25 4.26 29.01 -31.97
N SER E 26 4.42 28.86 -33.29
CA SER E 26 3.38 28.22 -34.10
C SER E 26 3.32 26.71 -33.92
N GLN E 27 4.29 26.11 -33.25
CA GLN E 27 4.21 24.74 -32.77
C GLN E 27 4.77 24.71 -31.35
N SER E 28 4.46 23.66 -30.61
CA SER E 28 5.01 23.57 -29.27
C SER E 28 6.49 23.26 -29.33
N LEU E 29 7.27 23.90 -28.45
CA LEU E 29 8.73 23.81 -28.47
C LEU E 29 9.27 22.68 -27.61
N LEU E 30 8.40 21.82 -27.07
CA LEU E 30 8.80 20.62 -26.34
C LEU E 30 9.41 19.61 -27.30
N HIS E 31 10.74 19.47 -27.23
CA HIS E 31 11.48 18.55 -28.08
C HIS E 31 11.26 17.12 -27.62
N SER E 32 11.61 16.16 -28.47
CA SER E 32 11.30 14.77 -28.18
C SER E 32 12.11 14.23 -27.01
N ASN E 33 13.21 14.87 -26.65
CA ASN E 33 13.93 14.49 -25.45
C ASN E 33 13.44 15.22 -24.22
N GLY E 34 12.28 15.87 -24.31
CA GLY E 34 11.60 16.40 -23.15
C GLY E 34 12.25 17.63 -22.54
N TYR E 35 13.10 18.34 -23.27
CA TYR E 35 13.49 19.68 -22.89
C TYR E 35 12.84 20.69 -23.84
N THR E 36 12.67 21.93 -23.35
CA THR E 36 11.93 22.97 -24.06
C THR E 36 12.89 24.09 -24.47
N TYR E 37 13.27 24.10 -25.74
CA TYR E 37 14.41 24.88 -26.23
C TYR E 37 13.96 26.27 -26.70
N LEU E 38 13.77 27.17 -25.73
CA LEU E 38 13.52 28.59 -26.03
C LEU E 38 14.42 29.49 -25.20
N ASP E 39 14.87 30.60 -25.80
CA ASP E 39 15.79 31.54 -25.18
C ASP E 39 15.23 32.95 -25.27
N TRP E 40 15.81 33.84 -24.46
CA TRP E 40 15.58 35.28 -24.54
C TRP E 40 16.92 35.99 -24.60
N TYR E 41 17.04 36.98 -25.47
CA TYR E 41 18.25 37.72 -25.75
C TYR E 41 17.98 39.21 -25.73
N LEU E 42 18.94 39.99 -25.24
CA LEU E 42 18.80 41.43 -25.08
C LEU E 42 19.87 42.16 -25.88
N GLN E 43 19.45 43.12 -26.70
CA GLN E 43 20.36 43.95 -27.47
C GLN E 43 20.27 45.39 -26.96
N LYS E 44 21.34 45.87 -26.37
CA LYS E 44 21.38 47.24 -25.87
C LYS E 44 21.77 48.20 -26.98
N PRO E 45 21.52 49.51 -26.80
CA PRO E 45 21.77 50.47 -27.89
C PRO E 45 23.20 50.65 -28.39
N GLY E 46 23.50 50.11 -29.57
CA GLY E 46 24.88 50.10 -30.05
C GLY E 46 25.72 48.89 -29.69
N GLN E 47 25.12 47.74 -29.44
CA GLN E 47 25.88 46.58 -29.01
C GLN E 47 25.31 45.35 -29.68
N SER E 48 26.04 44.25 -29.56
CA SER E 48 25.54 42.95 -29.98
C SER E 48 24.46 42.48 -29.03
N PRO E 49 23.78 41.41 -29.36
CA PRO E 49 22.88 40.80 -28.37
C PRO E 49 23.62 40.23 -27.17
N GLN E 50 22.87 39.81 -26.15
CA GLN E 50 23.40 39.26 -24.91
C GLN E 50 22.41 38.22 -24.42
N LEU E 51 22.90 37.15 -23.80
CA LEU E 51 22.02 36.09 -23.33
C LEU E 51 21.40 36.47 -22.00
N LEU E 52 20.09 36.23 -21.87
CA LEU E 52 19.38 36.33 -20.61
C LEU E 52 18.91 34.99 -20.07
N ILE E 53 18.20 34.21 -20.88
CA ILE E 53 17.53 32.97 -20.45
C ILE E 53 17.75 31.92 -21.54
N TYR E 54 18.14 30.70 -21.14
CA TYR E 54 18.73 29.76 -22.09
C TYR E 54 17.98 28.45 -22.25
N LEU E 55 16.99 28.18 -21.41
CA LEU E 55 15.89 27.25 -21.69
C LEU E 55 14.67 27.88 -21.05
N ALA E 56 13.47 27.33 -21.26
CA ALA E 56 12.35 28.19 -20.93
C ALA E 56 12.43 28.86 -19.57
N SER E 57 13.02 28.20 -18.57
CA SER E 57 13.01 28.74 -17.21
C SER E 57 14.35 29.24 -16.68
N ASN E 58 15.46 28.92 -17.35
CA ASN E 58 16.79 29.00 -16.74
C ASN E 58 17.47 30.33 -17.06
N ARG E 59 17.92 31.03 -16.02
CA ARG E 59 18.77 32.20 -16.22
C ARG E 59 20.21 31.79 -16.51
N ALA E 60 20.91 32.64 -17.25
CA ALA E 60 22.31 32.42 -17.57
C ALA E 60 23.24 33.18 -16.61
N SER E 61 24.50 32.76 -16.64
CA SER E 61 25.51 33.21 -15.69
C SER E 61 25.93 34.64 -15.95
N GLY E 62 26.03 35.43 -14.88
CA GLY E 62 26.33 36.85 -14.93
C GLY E 62 25.15 37.75 -15.21
N VAL E 63 23.98 37.20 -15.49
CA VAL E 63 22.76 38.00 -15.68
C VAL E 63 22.25 38.45 -14.32
N PRO E 64 21.82 39.70 -14.16
CA PRO E 64 21.37 40.18 -12.85
C PRO E 64 20.23 39.35 -12.29
N ASP E 65 20.21 39.24 -10.95
CA ASP E 65 19.21 38.44 -10.25
C ASP E 65 17.76 38.87 -10.51
N ARG E 66 17.50 39.92 -11.29
CA ARG E 66 16.14 40.46 -11.34
C ARG E 66 15.24 39.77 -12.38
N PHE E 67 15.79 39.03 -13.32
CA PHE E 67 15.00 38.43 -14.40
C PHE E 67 14.46 37.06 -13.99
N SER E 68 13.35 36.67 -14.62
CA SER E 68 12.75 35.35 -14.41
C SER E 68 11.99 34.95 -15.66
N GLY E 69 11.76 33.65 -15.83
CA GLY E 69 11.08 33.14 -17.01
C GLY E 69 10.10 32.04 -16.69
N SER E 70 9.11 31.87 -17.56
CA SER E 70 8.04 30.91 -17.29
C SER E 70 7.36 30.52 -18.60
N GLY E 71 6.55 29.47 -18.54
CA GLY E 71 5.74 29.01 -19.65
C GLY E 71 6.15 27.63 -20.13
N SER E 72 5.30 27.07 -20.99
CA SER E 72 5.55 25.76 -21.57
C SER E 72 4.66 25.58 -22.79
N GLY E 73 5.01 24.63 -23.65
CA GLY E 73 4.22 24.38 -24.83
C GLY E 73 4.43 25.43 -25.89
N THR E 74 3.42 26.28 -26.14
CA THR E 74 3.56 27.35 -27.12
C THR E 74 3.87 28.70 -26.51
N TYR E 75 3.46 28.98 -25.28
CA TYR E 75 3.37 30.34 -24.75
C TYR E 75 4.39 30.52 -23.65
N PHE E 76 5.32 31.48 -23.83
CA PHE E 76 6.41 31.73 -22.90
C PHE E 76 6.47 33.19 -22.50
N THR E 77 7.00 33.49 -21.30
CA THR E 77 6.99 34.83 -20.73
C THR E 77 8.29 35.18 -20.03
N LEU E 78 8.74 36.43 -20.21
CA LEU E 78 9.88 37.00 -19.51
C LEU E 78 9.39 38.01 -18.48
N LYS E 79 9.84 37.85 -17.23
CA LYS E 79 9.46 38.70 -16.12
C LYS E 79 10.67 39.50 -15.67
N ILE E 80 10.46 40.80 -15.44
CA ILE E 80 11.44 41.65 -14.79
C ILE E 80 10.83 42.13 -13.48
N SER E 81 11.45 41.77 -12.35
CA SER E 81 10.82 41.98 -11.05
C SER E 81 10.86 43.46 -10.65
N ARG E 82 11.99 44.12 -10.86
CA ARG E 82 12.06 45.57 -10.79
C ARG E 82 12.88 46.03 -11.97
N VAL E 83 12.32 46.93 -12.76
CA VAL E 83 13.08 47.46 -13.88
C VAL E 83 14.08 48.48 -13.35
N GLU E 84 15.26 48.55 -13.96
CA GLU E 84 16.25 49.57 -13.65
C GLU E 84 16.89 50.08 -14.95
N ALA E 85 17.55 51.24 -14.85
CA ALA E 85 17.92 52.00 -16.03
C ALA E 85 18.92 51.30 -16.92
N GLU E 86 19.44 50.15 -16.51
CA GLU E 86 20.31 49.41 -17.42
C GLU E 86 19.56 48.39 -18.26
N ASP E 87 18.23 48.35 -18.20
CA ASP E 87 17.42 47.36 -18.90
C ASP E 87 16.92 47.83 -20.27
N VAL E 88 17.22 49.06 -20.68
CA VAL E 88 16.69 49.56 -21.95
C VAL E 88 17.32 48.79 -23.10
N GLY E 89 16.49 48.39 -24.07
CA GLY E 89 17.00 47.71 -25.24
C GLY E 89 15.88 47.00 -25.98
N VAL E 90 16.28 46.14 -26.91
CA VAL E 90 15.38 45.32 -27.70
C VAL E 90 15.50 43.88 -27.24
N TYR E 91 14.39 43.26 -26.88
CA TYR E 91 14.37 41.90 -26.37
C TYR E 91 13.88 40.94 -27.46
N TYR E 92 14.68 39.92 -27.78
CA TYR E 92 14.30 38.86 -28.72
C TYR E 92 14.19 37.52 -28.02
N CYS E 93 13.09 36.81 -28.28
CA CYS E 93 12.97 35.37 -28.11
C CYS E 93 13.66 34.62 -29.25
N MET E 94 13.98 33.34 -28.99
CA MET E 94 14.51 32.44 -30.00
C MET E 94 14.05 31.03 -29.68
N GLN E 95 14.01 30.17 -30.70
CA GLN E 95 13.78 28.75 -30.49
C GLN E 95 14.88 27.95 -31.18
N ALA E 96 15.31 26.88 -30.53
CA ALA E 96 16.38 26.03 -31.03
C ALA E 96 15.92 24.60 -31.25
N VAL E 97 14.64 24.39 -31.51
CA VAL E 97 14.11 23.05 -31.67
C VAL E 97 14.46 22.47 -33.05
N GLN E 98 14.23 23.23 -34.12
CA GLN E 98 14.41 22.73 -35.47
C GLN E 98 15.70 23.23 -36.09
N THR E 99 15.96 22.72 -37.29
CA THR E 99 17.28 22.88 -37.90
C THR E 99 17.46 24.28 -38.43
N PRO E 100 16.41 25.06 -38.63
CA PRO E 100 16.56 26.52 -38.68
C PRO E 100 16.09 27.16 -37.38
N TRP E 101 16.95 27.93 -36.73
CA TRP E 101 16.55 28.65 -35.53
C TRP E 101 15.94 29.98 -35.95
N THR E 102 14.89 30.40 -35.23
CA THR E 102 14.19 31.65 -35.56
C THR E 102 14.07 32.55 -34.35
N PHE E 103 14.24 33.85 -34.60
CA PHE E 103 14.16 34.89 -33.59
C PHE E 103 12.87 35.68 -33.72
N GLY E 104 12.32 36.09 -32.58
CA GLY E 104 11.10 36.88 -32.56
C GLY E 104 11.25 38.25 -33.19
N GLN E 105 10.13 38.97 -33.18
CA GLN E 105 10.05 40.26 -33.86
C GLN E 105 10.76 41.38 -33.11
N GLY E 106 10.99 41.22 -31.81
CA GLY E 106 11.79 42.19 -31.05
C GLY E 106 11.03 43.27 -30.31
N THR E 107 10.68 43.01 -29.06
CA THR E 107 10.06 44.04 -28.23
C THR E 107 11.06 45.11 -27.84
N LYS E 108 10.79 46.36 -28.22
CA LYS E 108 11.56 47.49 -27.72
C LYS E 108 11.00 47.92 -26.37
N VAL E 109 11.89 48.22 -25.42
CA VAL E 109 11.49 48.76 -24.13
C VAL E 109 11.90 50.22 -24.07
N GLU E 110 10.92 51.10 -23.91
CA GLU E 110 11.12 52.53 -23.77
C GLU E 110 10.74 53.02 -22.38
N ILE E 111 11.64 53.78 -21.75
CA ILE E 111 11.40 54.30 -20.40
C ILE E 111 10.57 55.59 -20.47
N LYS E 112 9.65 55.73 -19.53
CA LYS E 112 8.60 56.73 -19.59
C LYS E 112 8.60 57.59 -18.34
N GLU F 1 33.28 -3.04 12.15
CA GLU F 1 34.64 -3.06 11.54
C GLU F 1 34.57 -2.89 10.01
N PHE F 2 35.50 -2.11 9.45
CA PHE F 2 35.42 -1.76 8.03
C PHE F 2 35.52 -3.00 7.17
N LEU F 3 34.93 -2.92 5.98
CA LEU F 3 34.86 -4.03 5.04
C LEU F 3 36.12 -4.06 4.19
N ASN F 4 36.91 -5.14 4.33
CA ASN F 4 38.01 -5.30 3.40
C ASN F 4 37.49 -5.57 1.99
N ASN F 5 38.35 -5.30 1.00
CA ASN F 5 38.15 -5.90 -0.32
C ASN F 5 39.48 -6.21 -1.02
N THR F 6 40.57 -6.32 -0.27
CA THR F 6 41.87 -6.64 -0.84
C THR F 6 42.02 -8.12 -1.17
N GLU F 7 41.08 -8.67 -1.94
CA GLU F 7 41.06 -10.09 -2.25
C GLU F 7 40.69 -10.31 -3.72
N PRO F 8 41.18 -11.38 -4.33
CA PRO F 8 41.08 -11.51 -5.78
C PRO F 8 39.66 -11.79 -6.25
N LEU F 9 39.37 -11.38 -7.48
CA LEU F 9 38.08 -11.65 -8.09
C LEU F 9 37.95 -13.12 -8.46
N CYS F 10 36.75 -13.67 -8.27
CA CYS F 10 36.52 -15.09 -8.49
C CYS F 10 36.44 -15.44 -9.95
N ASN F 11 37.15 -16.52 -10.33
CA ASN F 11 37.04 -17.07 -11.67
C ASN F 11 35.67 -17.70 -11.83
N VAL F 12 34.98 -17.34 -12.91
CA VAL F 12 33.59 -17.77 -13.09
C VAL F 12 33.42 -18.37 -14.47
N SER F 13 32.49 -19.32 -14.57
CA SER F 13 32.26 -20.08 -15.79
C SER F 13 30.91 -19.85 -16.43
N GLY F 14 29.91 -19.44 -15.67
CA GLY F 14 28.73 -18.86 -16.29
C GLY F 14 27.92 -18.16 -15.22
N PHE F 15 27.00 -17.33 -15.67
CA PHE F 15 26.24 -16.44 -14.81
C PHE F 15 24.79 -16.90 -14.67
N ALA F 16 24.36 -17.03 -13.43
CA ALA F 16 23.06 -17.55 -13.04
C ALA F 16 22.18 -16.42 -12.51
N ILE F 17 20.89 -16.45 -12.83
CA ILE F 17 20.02 -15.35 -12.48
C ILE F 17 19.74 -15.34 -10.99
N VAL F 18 19.63 -14.14 -10.42
CA VAL F 18 19.48 -13.95 -8.99
C VAL F 18 18.17 -13.27 -8.63
N SER F 19 17.76 -12.24 -9.38
CA SER F 19 16.51 -11.54 -9.08
C SER F 19 15.98 -10.83 -10.31
N LYS F 20 14.74 -10.36 -10.19
CA LYS F 20 14.03 -9.73 -11.30
C LYS F 20 12.88 -8.92 -10.74
N ASP F 21 12.94 -7.60 -10.93
CA ASP F 21 12.01 -6.69 -10.24
C ASP F 21 10.57 -6.94 -10.62
N ASN F 22 10.32 -7.22 -11.89
CA ASN F 22 9.00 -7.12 -12.52
C ASN F 22 8.32 -5.81 -12.18
N GLY F 23 9.10 -4.73 -12.23
CA GLY F 23 8.59 -3.43 -11.82
C GLY F 23 7.45 -2.94 -12.68
N ILE F 24 7.63 -2.93 -13.99
CA ILE F 24 6.60 -2.38 -14.87
C ILE F 24 5.39 -3.31 -14.90
N ARG F 25 5.62 -4.62 -14.85
CA ARG F 25 4.52 -5.57 -14.94
C ARG F 25 3.66 -5.54 -13.69
N ILE F 26 4.24 -5.24 -12.53
CA ILE F 26 3.44 -5.07 -11.32
C ILE F 26 2.91 -3.65 -11.22
N GLY F 27 3.64 -2.66 -11.72
CA GLY F 27 3.30 -1.24 -11.63
C GLY F 27 2.04 -0.86 -12.35
N SER F 28 1.41 -1.78 -13.08
CA SER F 28 0.24 -1.38 -13.86
C SER F 28 -0.94 -1.09 -12.93
N ARG F 29 -1.19 -1.94 -11.94
CA ARG F 29 -2.11 -1.60 -10.86
C ARG F 29 -1.39 -1.24 -9.57
N GLY F 30 -0.22 -1.78 -9.29
CA GLY F 30 0.41 -1.47 -8.02
C GLY F 30 0.87 -0.02 -7.99
N HIS F 31 1.42 0.38 -6.85
CA HIS F 31 1.97 1.74 -6.72
C HIS F 31 3.50 1.67 -6.83
N VAL F 32 3.99 1.83 -8.05
CA VAL F 32 5.40 1.67 -8.38
C VAL F 32 5.93 2.97 -8.98
N PHE F 33 7.15 3.35 -8.60
CA PHE F 33 7.76 4.58 -9.10
C PHE F 33 8.20 4.45 -10.55
N VAL F 34 8.24 5.59 -11.26
CA VAL F 34 8.94 5.67 -12.54
C VAL F 34 10.43 5.86 -12.28
N ILE F 35 11.25 5.08 -12.97
CA ILE F 35 12.70 5.06 -12.81
C ILE F 35 13.30 5.16 -14.19
N ARG F 36 14.36 5.94 -14.35
CA ARG F 36 15.13 5.79 -15.58
C ARG F 36 16.26 4.77 -15.45
N GLU F 37 17.17 4.93 -14.49
CA GLU F 37 18.27 3.96 -14.38
C GLU F 37 18.40 3.42 -12.97
N PRO F 38 18.49 2.08 -12.80
CA PRO F 38 18.74 1.50 -11.47
C PRO F 38 20.20 1.12 -11.27
N PHE F 39 20.53 0.58 -10.09
CA PHE F 39 21.77 -0.18 -9.89
C PHE F 39 21.65 -0.95 -8.58
N VAL F 40 22.64 -1.80 -8.32
CA VAL F 40 22.67 -2.64 -7.13
C VAL F 40 24.01 -2.49 -6.42
N ALA F 41 24.00 -2.61 -5.11
CA ALA F 41 25.17 -2.48 -4.26
C ALA F 41 24.97 -3.35 -3.03
N CYS F 42 26.04 -3.91 -2.50
CA CYS F 42 25.93 -4.96 -1.48
C CYS F 42 26.65 -4.54 -0.20
N GLY F 43 25.92 -4.60 0.91
CA GLY F 43 26.51 -4.51 2.22
C GLY F 43 26.93 -5.87 2.73
N PRO F 44 27.34 -5.90 4.01
CA PRO F 44 27.60 -7.19 4.65
C PRO F 44 26.34 -7.94 5.04
N THR F 45 25.23 -7.25 5.25
CA THR F 45 23.99 -7.94 5.63
C THR F 45 23.09 -8.22 4.43
N GLU F 46 22.96 -7.29 3.50
CA GLU F 46 22.08 -7.49 2.36
C GLU F 46 22.54 -6.65 1.19
N CYS F 47 22.09 -7.03 0.00
CA CYS F 47 22.23 -6.21 -1.20
C CYS F 47 20.93 -5.46 -1.46
N ARG F 48 21.05 -4.24 -2.00
CA ARG F 48 19.90 -3.39 -2.23
C ARG F 48 19.91 -2.78 -3.62
N THR F 49 18.74 -2.73 -4.24
CA THR F 49 18.55 -2.03 -5.50
C THR F 49 18.37 -0.54 -5.24
N PHE F 50 19.30 0.27 -5.74
CA PHE F 50 19.14 1.71 -5.75
C PHE F 50 18.53 2.14 -7.08
N PHE F 51 17.87 3.30 -7.09
CA PHE F 51 17.30 3.78 -8.35
C PHE F 51 16.98 5.26 -8.26
N LEU F 52 16.94 5.91 -9.43
CA LEU F 52 16.80 7.37 -9.46
C LEU F 52 15.36 7.61 -9.87
N THR F 53 14.47 7.70 -8.88
CA THR F 53 13.06 7.93 -9.20
C THR F 53 12.90 9.25 -9.91
N GLN F 54 11.73 9.43 -10.53
CA GLN F 54 11.38 10.69 -11.18
C GLN F 54 10.24 11.40 -10.45
N GLY F 55 10.09 11.14 -9.16
CA GLY F 55 9.06 11.74 -8.33
C GLY F 55 7.62 11.48 -8.70
N ALA F 56 7.30 10.33 -9.29
CA ALA F 56 5.97 10.13 -9.83
C ALA F 56 5.79 8.64 -10.03
N LEU F 57 4.56 8.19 -9.90
CA LEU F 57 4.26 6.78 -10.01
C LEU F 57 3.86 6.45 -11.45
N LEU F 58 3.98 5.17 -11.79
CA LEU F 58 3.53 4.72 -13.10
C LEU F 58 2.03 4.90 -13.20
N ASN F 59 1.54 5.05 -14.44
CA ASN F 59 0.12 5.08 -14.71
C ASN F 59 -0.56 6.24 -13.98
N ASP F 60 0.13 7.38 -13.88
CA ASP F 60 -0.32 8.55 -13.15
C ASP F 60 0.09 9.81 -13.92
N LYS F 61 -0.77 10.83 -13.90
CA LYS F 61 -0.54 11.98 -14.79
C LYS F 61 0.73 12.77 -14.52
N HIS F 62 1.45 12.58 -13.41
CA HIS F 62 2.70 13.32 -13.27
C HIS F 62 3.89 12.60 -13.91
N SER F 63 3.66 11.53 -14.67
CA SER F 63 4.68 10.90 -15.49
C SER F 63 4.69 11.39 -16.93
N ASN F 64 3.78 12.30 -17.29
CA ASN F 64 3.64 12.85 -18.65
C ASN F 64 4.93 13.31 -19.32
N ASN F 65 6.07 13.46 -18.63
CA ASN F 65 7.25 13.91 -19.37
C ASN F 65 8.54 13.33 -18.83
N THR F 66 8.51 12.09 -18.39
CA THR F 66 9.70 11.60 -17.73
C THR F 66 10.89 11.35 -18.67
N VAL F 67 10.78 11.49 -20.00
CA VAL F 67 11.98 11.42 -20.82
C VAL F 67 12.99 12.46 -20.38
N LYS F 68 12.54 13.56 -19.78
CA LYS F 68 13.43 14.61 -19.30
C LYS F 68 14.23 14.08 -18.12
N ASP F 69 15.54 13.93 -18.31
CA ASP F 69 16.36 13.17 -17.38
C ASP F 69 17.06 14.01 -16.31
N ARG F 70 16.82 15.32 -16.25
CA ARG F 70 17.34 16.13 -15.15
C ARG F 70 16.32 17.17 -14.75
N SER F 71 15.92 17.15 -13.47
CA SER F 71 14.88 18.02 -12.95
C SER F 71 15.01 18.07 -11.43
N PRO F 72 14.38 19.05 -10.76
CA PRO F 72 14.47 19.05 -9.30
C PRO F 72 13.80 17.87 -8.59
N TYR F 73 12.92 17.11 -9.25
CA TYR F 73 12.09 16.15 -8.54
C TYR F 73 12.77 14.79 -8.35
N ARG F 74 13.82 14.48 -9.11
CA ARG F 74 14.50 13.20 -8.99
C ARG F 74 15.06 13.01 -7.59
N ALA F 75 15.17 11.75 -7.17
CA ALA F 75 15.74 11.40 -5.88
C ALA F 75 16.20 9.96 -5.92
N LEU F 76 17.31 9.66 -5.28
CA LEU F 76 17.81 8.30 -5.16
C LEU F 76 17.14 7.59 -4.00
N MET F 77 16.57 6.41 -4.27
CA MET F 77 15.92 5.60 -3.25
C MET F 77 16.38 4.16 -3.37
N SER F 78 16.17 3.40 -2.30
CA SER F 78 16.79 2.09 -2.14
C SER F 78 15.80 1.08 -1.61
N VAL F 79 15.77 -0.11 -2.23
CA VAL F 79 14.82 -1.18 -1.94
C VAL F 79 15.57 -2.51 -1.89
N PRO F 80 15.28 -3.44 -0.97
CA PRO F 80 16.10 -4.65 -0.89
C PRO F 80 16.00 -5.50 -2.14
N LEU F 81 17.08 -6.20 -2.45
CA LEU F 81 17.29 -6.78 -3.77
C LEU F 81 16.07 -7.58 -4.21
N GLY F 82 15.51 -7.23 -5.35
CA GLY F 82 14.49 -8.04 -5.98
C GLY F 82 13.06 -7.63 -5.68
N SER F 83 12.83 -6.83 -4.64
CA SER F 83 11.48 -6.31 -4.41
C SER F 83 11.19 -5.17 -5.39
N SER F 84 9.93 -5.05 -5.80
CA SER F 84 9.55 -4.04 -6.77
C SER F 84 9.89 -2.67 -6.24
N PRO F 85 10.08 -1.66 -7.11
CA PRO F 85 10.37 -0.31 -6.62
C PRO F 85 9.12 0.44 -6.20
N ASN F 86 8.42 -0.09 -5.19
CA ASN F 86 7.11 0.44 -4.85
C ASN F 86 7.22 1.60 -3.88
N ALA F 87 6.09 2.29 -3.71
CA ALA F 87 6.07 3.54 -2.97
C ALA F 87 6.25 3.36 -1.48
N TYR F 88 5.97 2.17 -0.94
CA TYR F 88 5.86 2.02 0.50
C TYR F 88 6.99 1.22 1.14
N GLN F 89 7.86 0.60 0.33
CA GLN F 89 9.06 -0.04 0.84
C GLN F 89 10.32 0.79 0.60
N ALA F 90 10.28 1.74 -0.32
CA ALA F 90 11.48 2.46 -0.75
C ALA F 90 12.00 3.37 0.35
N LYS F 91 13.27 3.19 0.73
CA LYS F 91 13.94 4.07 1.67
C LYS F 91 14.71 5.20 0.98
N PHE F 92 14.43 6.44 1.40
CA PHE F 92 15.03 7.62 0.78
C PHE F 92 16.52 7.67 1.04
N GLU F 93 17.30 7.98 0.01
CA GLU F 93 18.73 8.11 0.21
C GLU F 93 19.33 9.47 -0.16
N SER F 94 18.88 10.12 -1.23
CA SER F 94 19.54 11.38 -1.64
C SER F 94 18.79 12.12 -2.75
N VAL F 95 18.64 13.44 -2.63
CA VAL F 95 18.10 14.22 -3.76
C VAL F 95 19.18 14.29 -4.82
N ALA F 96 18.88 13.79 -6.01
CA ALA F 96 19.95 13.56 -6.98
C ALA F 96 19.36 13.37 -8.36
N TRP F 97 20.09 13.86 -9.37
CA TRP F 97 19.81 13.47 -10.75
C TRP F 97 20.94 12.69 -11.40
N SER F 98 21.93 12.26 -10.62
CA SER F 98 22.93 11.29 -11.06
C SER F 98 23.74 10.93 -9.81
N ALA F 99 23.95 9.64 -9.55
CA ALA F 99 24.40 9.29 -8.21
C ALA F 99 25.17 7.99 -8.19
N THR F 100 25.87 7.75 -7.07
CA THR F 100 26.50 6.46 -6.83
C THR F 100 26.43 6.13 -5.34
N ALA F 101 26.42 4.84 -4.98
CA ALA F 101 26.32 4.48 -3.56
C ALA F 101 26.99 3.14 -3.27
N CYS F 102 27.56 3.00 -2.05
CA CYS F 102 28.29 1.80 -1.66
C CYS F 102 28.47 1.70 -0.15
N HIS F 103 28.50 0.47 0.37
CA HIS F 103 28.56 0.19 1.81
C HIS F 103 30.01 -0.09 2.18
N ASP F 104 30.53 0.64 3.18
CA ASP F 104 31.94 0.56 3.53
C ASP F 104 32.21 -0.39 4.70
N GLY F 105 31.21 -1.16 5.15
CA GLY F 105 31.34 -2.05 6.28
C GLY F 105 30.71 -1.53 7.56
N LYS F 106 30.77 -0.22 7.79
CA LYS F 106 29.97 0.47 8.80
C LYS F 106 28.64 1.03 8.29
N LYS F 107 28.66 1.91 7.29
CA LYS F 107 27.45 2.64 6.91
C LYS F 107 27.39 2.88 5.41
N TRP F 108 26.19 3.10 4.90
CA TRP F 108 26.01 3.39 3.48
C TRP F 108 26.52 4.79 3.15
N LEU F 109 27.29 4.90 2.07
CA LEU F 109 27.68 6.17 1.47
C LEU F 109 26.92 6.35 0.16
N ALA F 110 26.45 7.58 -0.10
CA ALA F 110 25.68 7.86 -1.31
C ALA F 110 25.94 9.29 -1.77
N VAL F 111 26.36 9.43 -3.02
CA VAL F 111 26.73 10.70 -3.62
C VAL F 111 25.60 11.14 -4.57
N GLY F 112 24.95 12.25 -4.26
CA GLY F 112 23.87 12.78 -5.09
C GLY F 112 24.12 14.16 -5.67
N ILE F 113 24.50 14.22 -6.93
CA ILE F 113 24.54 15.46 -7.72
C ILE F 113 23.16 16.11 -7.83
N SER F 114 23.12 17.44 -7.70
CA SER F 114 21.93 18.25 -7.93
C SER F 114 22.37 19.66 -8.33
N GLY F 115 21.40 20.54 -8.56
CA GLY F 115 21.66 21.89 -9.02
C GLY F 115 21.46 22.08 -10.52
N ALA F 116 21.59 23.33 -10.96
CA ALA F 116 21.28 23.69 -12.34
C ALA F 116 22.35 23.18 -13.29
N ASP F 117 22.01 23.14 -14.57
CA ASP F 117 22.93 22.57 -15.56
C ASP F 117 24.31 23.17 -15.42
N ASP F 118 24.39 24.50 -15.36
CA ASP F 118 25.68 25.16 -15.47
C ASP F 118 26.38 25.30 -14.13
N ASP F 119 25.78 24.83 -13.05
CA ASP F 119 26.32 25.08 -11.73
C ASP F 119 26.11 23.93 -10.71
N ALA F 120 26.22 22.68 -11.16
CA ALA F 120 25.83 21.55 -10.33
C ALA F 120 26.80 21.32 -9.18
N TYR F 121 26.35 20.55 -8.17
CA TYR F 121 27.18 20.17 -7.04
C TYR F 121 26.72 18.85 -6.46
N ALA F 122 27.65 18.13 -5.84
CA ALA F 122 27.40 16.82 -5.28
C ALA F 122 27.41 16.85 -3.76
N VAL F 123 26.43 16.18 -3.16
CA VAL F 123 26.29 16.03 -1.72
C VAL F 123 26.65 14.60 -1.35
N ILE F 124 27.60 14.42 -0.44
CA ILE F 124 28.07 13.09 -0.06
C ILE F 124 27.38 12.71 1.24
N HIS F 125 26.32 11.93 1.15
CA HIS F 125 25.64 11.45 2.34
C HIS F 125 26.37 10.25 2.93
N TYR F 126 26.38 10.15 4.27
CA TYR F 126 27.04 9.03 4.94
C TYR F 126 26.21 8.66 6.17
N GLY F 127 25.46 7.56 6.07
CA GLY F 127 24.60 7.13 7.14
C GLY F 127 23.41 8.03 7.37
N GLY F 128 22.92 8.67 6.31
CA GLY F 128 21.80 9.59 6.37
C GLY F 128 22.05 11.04 6.69
N MET F 129 23.28 11.54 6.57
CA MET F 129 23.52 12.95 6.82
C MET F 129 24.56 13.50 5.87
N PRO F 130 24.41 14.74 5.39
CA PRO F 130 25.36 15.27 4.40
C PRO F 130 26.67 15.65 5.05
N THR F 131 27.74 14.94 4.69
CA THR F 131 29.04 15.22 5.29
C THR F 131 29.90 16.19 4.48
N ASP F 132 29.65 16.36 3.18
CA ASP F 132 30.59 17.10 2.35
C ASP F 132 29.93 17.45 1.03
N VAL F 133 30.52 18.42 0.31
CA VAL F 133 30.00 18.88 -0.97
C VAL F 133 31.15 19.09 -1.95
N VAL F 134 30.97 18.64 -3.18
CA VAL F 134 31.94 18.79 -4.27
C VAL F 134 31.29 19.58 -5.41
N ARG F 135 31.86 20.72 -5.78
CA ARG F 135 31.23 21.56 -6.79
C ARG F 135 31.88 21.33 -8.15
N SER F 136 31.17 21.74 -9.20
CA SER F 136 31.68 21.66 -10.55
C SER F 136 33.01 22.41 -10.67
N TRP F 137 33.79 22.06 -11.69
CA TRP F 137 35.04 22.78 -11.92
C TRP F 137 35.20 23.29 -13.35
N ARG F 138 34.59 22.63 -14.33
CA ARG F 138 34.42 23.19 -15.66
C ARG F 138 33.03 23.79 -15.88
N LYS F 139 32.14 23.66 -14.90
CA LYS F 139 30.84 24.33 -14.89
C LYS F 139 29.97 23.93 -16.09
N GLN F 140 29.97 22.64 -16.42
CA GLN F 140 28.92 22.04 -17.23
C GLN F 140 28.36 20.86 -16.44
N ILE F 141 27.76 19.87 -17.09
CA ILE F 141 27.08 18.81 -16.36
C ILE F 141 28.09 17.98 -15.57
N LEU F 142 28.05 18.10 -14.26
CA LEU F 142 28.79 17.22 -13.36
C LEU F 142 28.12 15.84 -13.32
N ARG F 143 28.94 14.76 -13.31
CA ARG F 143 28.43 13.40 -13.42
C ARG F 143 29.19 12.45 -12.48
N THR F 144 28.53 11.35 -12.11
CA THR F 144 29.14 10.22 -11.42
C THR F 144 28.82 8.92 -12.17
N GLN F 145 29.55 7.86 -11.82
CA GLN F 145 29.20 6.53 -12.31
C GLN F 145 27.83 6.15 -11.77
N GLU F 146 26.90 5.87 -12.67
CA GLU F 146 25.59 5.40 -12.27
C GLU F 146 25.68 3.96 -11.80
N SER F 147 26.56 3.64 -10.87
CA SER F 147 26.62 2.29 -10.34
C SER F 147 27.51 2.38 -9.11
N SER F 148 27.58 1.31 -8.34
CA SER F 148 28.15 1.44 -6.99
C SER F 148 29.58 1.94 -7.05
N CYS F 149 29.99 2.59 -5.96
CA CYS F 149 31.39 2.94 -5.70
C CYS F 149 32.12 1.74 -5.08
N VAL F 150 33.45 1.85 -5.00
CA VAL F 150 34.31 0.75 -4.59
C VAL F 150 35.04 1.10 -3.30
N CYS F 151 34.75 0.37 -2.23
CA CYS F 151 35.31 0.66 -0.91
C CYS F 151 36.37 -0.39 -0.57
N MET F 152 37.53 0.07 -0.08
CA MET F 152 38.60 -0.81 0.33
C MET F 152 39.26 -0.26 1.59
N ASN F 153 39.52 -1.15 2.54
CA ASN F 153 40.13 -0.79 3.82
C ASN F 153 39.48 0.41 4.48
N GLY F 154 38.22 0.70 4.17
CA GLY F 154 37.53 1.81 4.79
C GLY F 154 37.35 3.02 3.90
N ASN F 155 38.26 3.24 2.95
CA ASN F 155 38.15 4.31 1.98
C ASN F 155 37.21 3.91 0.85
N CYS F 156 36.54 4.88 0.24
CA CYS F 156 35.62 4.60 -0.86
C CYS F 156 35.90 5.51 -2.04
N TYR F 157 35.90 4.93 -3.24
CA TYR F 157 36.41 5.57 -4.45
C TYR F 157 35.32 5.68 -5.52
N TRP F 158 35.40 6.72 -6.35
CA TRP F 158 34.49 6.86 -7.49
C TRP F 158 35.05 7.85 -8.50
N VAL F 159 34.51 7.80 -9.73
CA VAL F 159 34.98 8.62 -10.85
C VAL F 159 33.87 9.59 -11.23
N MET F 160 34.22 10.87 -11.36
CA MET F 160 33.33 11.95 -11.74
C MET F 160 33.87 12.63 -12.99
N THR F 161 32.99 13.32 -13.72
CA THR F 161 33.42 14.05 -14.90
C THR F 161 32.58 15.30 -15.08
N ASP F 162 33.21 16.31 -15.68
CA ASP F 162 32.61 17.61 -15.92
C ASP F 162 33.12 18.12 -17.25
N GLY F 163 32.23 18.62 -18.09
CA GLY F 163 32.61 19.01 -19.44
C GLY F 163 31.72 18.42 -20.51
N PRO F 164 32.13 18.56 -21.76
CA PRO F 164 31.25 18.23 -22.88
C PRO F 164 30.92 16.76 -22.96
N ALA F 165 29.93 16.45 -23.81
CA ALA F 165 29.51 15.08 -24.03
C ALA F 165 30.07 14.51 -25.33
N ASN F 166 30.00 15.26 -26.42
CA ASN F 166 30.56 14.81 -27.68
C ASN F 166 31.98 15.30 -27.90
N SER F 167 32.70 15.64 -26.84
CA SER F 167 34.05 16.17 -26.97
C SER F 167 34.77 16.01 -25.64
N GLN F 168 36.07 16.25 -25.67
CA GLN F 168 36.92 15.91 -24.53
C GLN F 168 36.53 16.72 -23.30
N ALA F 169 36.57 16.09 -22.13
CA ALA F 169 36.01 16.58 -20.89
C ALA F 169 37.10 16.67 -19.84
N SER F 170 36.72 16.69 -18.57
CA SER F 170 37.66 16.55 -17.46
C SER F 170 37.17 15.49 -16.50
N TYR F 171 38.07 14.57 -16.13
CA TYR F 171 37.70 13.40 -15.34
C TYR F 171 38.51 13.39 -14.05
N LYS F 172 37.88 13.06 -12.91
CA LYS F 172 38.59 13.05 -11.63
C LYS F 172 38.20 11.85 -10.77
N ILE F 173 39.18 11.35 -10.02
CA ILE F 173 39.06 10.18 -9.14
C ILE F 173 39.05 10.68 -7.71
N PHE F 174 38.05 10.28 -6.93
CA PHE F 174 37.86 10.76 -5.56
C PHE F 174 38.09 9.62 -4.56
N LYS F 175 38.22 10.00 -3.28
CA LYS F 175 38.57 9.03 -2.22
C LYS F 175 38.04 9.56 -0.90
N SER F 176 36.92 9.02 -0.42
CA SER F 176 36.34 9.42 0.85
C SER F 176 36.95 8.64 2.01
N HIS F 177 36.72 9.15 3.22
CA HIS F 177 36.92 8.38 4.45
C HIS F 177 35.90 8.85 5.49
N GLU F 178 35.00 7.94 5.88
CA GLU F 178 33.85 8.28 6.72
C GLU F 178 33.16 9.53 6.21
N GLY F 179 32.72 9.47 4.94
CA GLY F 179 31.93 10.53 4.36
C GLY F 179 32.72 11.57 3.60
N MET F 180 33.51 12.36 4.30
CA MET F 180 34.14 13.51 3.68
C MET F 180 35.34 13.11 2.84
N VAL F 181 35.61 13.92 1.80
CA VAL F 181 36.64 13.60 0.82
C VAL F 181 38.02 13.86 1.40
N THR F 182 38.97 12.98 1.09
CA THR F 182 40.36 13.14 1.51
C THR F 182 41.34 13.44 0.38
N ASN F 183 40.99 13.17 -0.87
CA ASN F 183 41.95 13.16 -1.97
C ASN F 183 41.16 13.29 -3.27
N GLU F 184 41.87 13.62 -4.34
CA GLU F 184 41.26 13.88 -5.66
C GLU F 184 42.37 14.05 -6.69
N ARG F 185 42.32 13.28 -7.77
CA ARG F 185 43.30 13.35 -8.85
C ARG F 185 42.62 13.34 -10.20
N GLU F 186 43.22 14.03 -11.17
CA GLU F 186 42.62 14.19 -12.50
C GLU F 186 43.27 13.24 -13.51
N VAL F 187 42.43 12.62 -14.33
CA VAL F 187 42.86 11.66 -15.35
C VAL F 187 43.24 12.44 -16.61
N SER F 188 44.52 12.44 -16.94
CA SER F 188 45.00 13.08 -18.17
C SER F 188 44.94 12.06 -19.31
N PHE F 189 44.05 12.29 -20.27
CA PHE F 189 43.69 11.30 -21.29
C PHE F 189 43.20 12.07 -22.52
N GLN F 190 44.15 12.48 -23.37
CA GLN F 190 43.82 13.43 -24.43
C GLN F 190 43.11 12.77 -25.59
N GLY F 191 43.18 11.45 -25.73
CA GLY F 191 42.65 10.76 -26.88
C GLY F 191 41.22 10.26 -26.79
N GLY F 192 40.51 10.46 -25.68
CA GLY F 192 39.23 9.77 -25.55
C GLY F 192 38.40 10.32 -24.41
N HIS F 193 37.39 9.53 -24.05
CA HIS F 193 36.29 9.98 -23.21
C HIS F 193 35.93 8.88 -22.21
N ILE F 194 35.77 9.24 -20.94
CA ILE F 194 35.52 8.28 -19.86
C ILE F 194 34.32 8.73 -19.03
N GLU F 195 33.10 8.42 -19.47
CA GLU F 195 31.95 9.11 -18.91
C GLU F 195 31.39 8.43 -17.66
N GLU F 196 31.06 7.14 -17.76
CA GLU F 196 30.04 6.55 -16.90
C GLU F 196 30.46 5.16 -16.38
N CYS F 197 31.65 5.07 -15.81
CA CYS F 197 32.29 3.81 -15.46
C CYS F 197 31.47 2.77 -14.68
N SER F 198 31.84 1.49 -14.85
CA SER F 198 31.43 0.39 -13.97
C SER F 198 32.67 -0.17 -13.29
N CYS F 199 32.80 0.06 -11.98
CA CYS F 199 33.97 -0.31 -11.22
C CYS F 199 33.75 -1.53 -10.31
N TYR F 200 34.85 -2.24 -10.04
CA TYR F 200 34.91 -3.34 -9.08
C TYR F 200 36.31 -3.44 -8.51
N PRO F 201 36.46 -3.92 -7.27
CA PRO F 201 37.82 -4.13 -6.74
C PRO F 201 38.39 -5.47 -7.15
N ASN F 202 39.72 -5.55 -7.16
CA ASN F 202 40.38 -6.79 -7.57
C ASN F 202 41.78 -6.84 -6.96
N LEU F 203 41.93 -7.55 -5.84
CA LEU F 203 43.25 -7.76 -5.24
C LEU F 203 43.94 -6.44 -4.93
N GLY F 204 43.15 -5.45 -4.51
CA GLY F 204 43.67 -4.20 -4.01
C GLY F 204 43.80 -3.08 -5.02
N LYS F 205 43.61 -3.37 -6.29
CA LYS F 205 43.40 -2.35 -7.32
C LYS F 205 41.91 -2.21 -7.57
N VAL F 206 41.50 -1.01 -7.96
CA VAL F 206 40.14 -0.77 -8.42
C VAL F 206 40.16 -0.72 -9.94
N GLU F 207 39.33 -1.53 -10.59
CA GLU F 207 39.32 -1.58 -12.05
C GLU F 207 37.96 -1.10 -12.54
N CYS F 208 37.98 -0.24 -13.55
CA CYS F 208 36.77 0.34 -14.12
C CYS F 208 36.78 0.19 -15.62
N VAL F 209 35.67 -0.28 -16.17
CA VAL F 209 35.44 -0.33 -17.61
C VAL F 209 34.23 0.55 -17.91
N CYS F 210 34.41 1.53 -18.80
CA CYS F 210 33.74 2.81 -18.83
C CYS F 210 32.97 2.94 -20.15
N ARG F 211 32.83 4.17 -20.65
CA ARG F 211 31.91 4.46 -21.76
C ARG F 211 32.54 5.54 -22.62
N ASP F 212 33.13 5.15 -23.75
CA ASP F 212 33.68 6.11 -24.72
C ASP F 212 32.56 6.74 -25.56
N ASN F 213 32.28 8.01 -25.31
CA ASN F 213 31.27 8.78 -26.03
C ASN F 213 31.85 9.68 -27.11
N TRP F 214 33.10 9.47 -27.54
CA TRP F 214 33.71 10.35 -28.54
C TRP F 214 34.74 9.57 -29.35
N ASN F 215 34.49 9.49 -30.66
CA ASN F 215 35.41 8.86 -31.61
C ASN F 215 35.79 7.44 -31.18
N GLY F 216 34.88 6.69 -30.57
CA GLY F 216 35.21 5.34 -30.17
C GLY F 216 34.09 4.31 -30.18
N MET F 217 34.41 3.12 -30.70
CA MET F 217 33.58 1.93 -30.58
C MET F 217 33.92 1.08 -29.36
N ASN F 218 34.96 1.44 -28.61
CA ASN F 218 35.65 0.53 -27.72
C ASN F 218 35.64 1.06 -26.29
N ARG F 219 35.76 0.16 -25.33
CA ARG F 219 35.63 0.53 -23.92
C ARG F 219 36.91 1.15 -23.38
N PRO F 220 36.87 2.25 -22.62
CA PRO F 220 38.08 2.66 -21.91
C PRO F 220 38.21 1.90 -20.60
N ILE F 221 39.46 1.69 -20.20
CA ILE F 221 39.81 1.05 -18.94
C ILE F 221 40.56 2.05 -18.07
N LEU F 222 40.21 2.09 -16.79
CA LEU F 222 40.96 2.85 -15.79
C LEU F 222 41.32 1.94 -14.62
N ILE F 223 42.58 1.99 -14.18
CA ILE F 223 43.03 1.16 -13.07
C ILE F 223 43.76 2.05 -12.08
N PHE F 224 43.29 2.08 -10.84
CA PHE F 224 43.96 2.86 -9.79
C PHE F 224 43.95 2.12 -8.47
N ASP F 225 44.73 2.60 -7.50
CA ASP F 225 44.87 1.91 -6.22
C ASP F 225 44.95 2.93 -5.08
N GLU F 226 45.56 2.53 -3.96
CA GLU F 226 45.29 3.15 -2.66
C GLU F 226 45.52 4.65 -2.67
N ASP F 227 46.64 5.12 -3.21
CA ASP F 227 46.93 6.56 -3.23
C ASP F 227 46.87 7.12 -4.65
N LEU F 228 45.94 6.59 -5.44
CA LEU F 228 45.39 7.16 -6.68
C LEU F 228 46.39 7.35 -7.82
N ASP F 229 47.53 6.67 -7.83
CA ASP F 229 48.24 6.47 -9.09
C ASP F 229 47.38 5.62 -10.03
N TYR F 230 47.48 5.86 -11.34
CA TYR F 230 46.57 5.22 -12.28
C TYR F 230 47.24 4.87 -13.61
N GLU F 231 46.56 3.99 -14.36
CA GLU F 231 46.85 3.66 -15.76
C GLU F 231 45.58 3.80 -16.58
N VAL F 232 45.66 4.39 -17.78
CA VAL F 232 44.48 4.58 -18.62
C VAL F 232 44.73 3.98 -20.01
N GLY F 233 43.66 3.53 -20.65
CA GLY F 233 43.76 2.97 -21.99
C GLY F 233 42.51 2.18 -22.28
N TYR F 234 42.61 1.26 -23.22
CA TYR F 234 41.43 0.67 -23.84
C TYR F 234 41.45 -0.85 -23.71
N LEU F 235 40.25 -1.42 -23.65
CA LEU F 235 40.05 -2.86 -23.63
C LEU F 235 40.50 -3.48 -24.95
N CYS F 236 41.70 -4.07 -24.94
CA CYS F 236 42.37 -4.53 -26.16
C CYS F 236 41.53 -5.40 -27.07
N ALA F 237 40.45 -6.01 -26.57
CA ALA F 237 39.80 -7.10 -27.31
C ALA F 237 39.53 -6.72 -28.76
N GLY F 238 39.69 -7.70 -29.65
CA GLY F 238 39.31 -7.59 -31.05
C GLY F 238 37.82 -7.61 -31.32
N ILE F 239 37.00 -7.75 -30.29
CA ILE F 239 35.54 -7.75 -30.38
C ILE F 239 35.05 -6.41 -29.82
N PRO F 240 34.40 -5.58 -30.63
CA PRO F 240 33.90 -4.31 -30.12
C PRO F 240 32.64 -4.50 -29.29
N THR F 241 32.51 -3.69 -28.23
CA THR F 241 31.43 -3.86 -27.28
C THR F 241 30.78 -2.56 -26.80
N ASP F 242 30.67 -1.56 -27.66
CA ASP F 242 29.75 -0.44 -27.46
C ASP F 242 28.50 -0.70 -28.28
N THR F 243 27.43 0.11 -28.08
CA THR F 243 26.26 -0.15 -28.92
C THR F 243 26.53 0.18 -30.39
N PRO F 244 26.76 1.44 -30.79
CA PRO F 244 27.13 1.66 -32.19
C PRO F 244 28.46 1.01 -32.50
N ARG F 245 28.47 0.06 -33.44
CA ARG F 245 29.70 -0.60 -33.82
C ARG F 245 29.58 -1.24 -35.20
N VAL F 246 30.72 -1.44 -35.86
CA VAL F 246 30.78 -2.32 -37.02
C VAL F 246 30.96 -3.76 -36.55
N GLN F 247 30.59 -4.69 -37.43
CA GLN F 247 30.57 -6.10 -37.09
C GLN F 247 31.96 -6.61 -36.74
N ASP F 248 31.99 -7.73 -36.01
CA ASP F 248 33.23 -8.21 -35.40
C ASP F 248 34.31 -8.50 -36.41
N SER F 249 33.97 -8.73 -37.66
CA SER F 249 34.99 -9.09 -38.64
C SER F 249 35.55 -7.90 -39.39
N SER F 250 35.03 -6.71 -39.12
CA SER F 250 35.52 -5.48 -39.73
C SER F 250 36.40 -4.66 -38.80
N PHE F 251 36.15 -4.80 -37.49
CA PHE F 251 36.85 -4.09 -36.43
C PHE F 251 38.26 -4.68 -36.26
N THR F 252 39.22 -3.86 -35.81
CA THR F 252 40.60 -4.30 -35.62
C THR F 252 41.12 -4.20 -34.19
N GLY F 253 40.60 -3.28 -33.37
CA GLY F 253 41.00 -3.18 -31.98
C GLY F 253 42.30 -2.45 -31.69
N SER F 254 42.38 -1.80 -30.52
CA SER F 254 43.61 -1.15 -30.08
C SER F 254 43.64 -1.07 -28.56
N CYS F 255 44.84 -1.19 -28.00
CA CYS F 255 44.99 -1.08 -26.55
C CYS F 255 45.18 0.35 -26.07
N THR F 256 45.55 1.27 -26.95
CA THR F 256 45.91 2.62 -26.54
C THR F 256 45.16 3.73 -27.26
N ASN F 257 44.44 3.43 -28.34
CA ASN F 257 43.86 4.46 -29.19
C ASN F 257 42.36 4.22 -29.36
N ALA F 258 41.62 5.31 -29.49
CA ALA F 258 40.18 5.22 -29.75
C ALA F 258 39.96 4.83 -31.20
N VAL F 259 39.30 3.69 -31.42
CA VAL F 259 39.01 3.20 -32.78
C VAL F 259 37.59 3.59 -33.13
N GLY F 260 37.44 4.60 -33.99
CA GLY F 260 36.15 5.11 -34.39
C GLY F 260 35.55 4.36 -35.55
N GLY F 261 34.46 4.90 -36.07
CA GLY F 261 33.72 4.17 -37.07
C GLY F 261 32.90 5.01 -38.02
N SER F 262 32.22 4.33 -38.94
CA SER F 262 31.30 5.02 -39.84
C SER F 262 29.97 5.18 -39.11
N GLY F 263 29.67 6.40 -38.65
CA GLY F 263 28.45 6.69 -37.95
C GLY F 263 28.41 6.30 -36.49
N THR F 264 29.48 5.73 -35.95
CA THR F 264 29.49 5.24 -34.57
C THR F 264 30.13 6.20 -33.58
N ASN F 265 30.39 7.45 -33.97
CA ASN F 265 31.43 8.19 -33.26
C ASN F 265 30.90 8.98 -32.06
N ASN F 266 29.63 9.35 -32.03
CA ASN F 266 29.16 10.28 -31.01
C ASN F 266 28.07 9.71 -30.09
N TYR F 267 28.12 8.44 -29.70
CA TYR F 267 27.04 7.88 -28.91
C TYR F 267 27.55 6.57 -28.29
N GLY F 268 26.78 5.99 -27.37
CA GLY F 268 27.24 4.76 -26.73
C GLY F 268 26.26 4.23 -25.71
N VAL F 269 26.71 3.26 -24.91
CA VAL F 269 25.89 2.71 -23.82
C VAL F 269 26.77 2.20 -22.68
N LYS F 270 26.29 2.38 -21.45
CA LYS F 270 26.99 1.92 -20.25
C LYS F 270 27.10 0.39 -20.22
N GLY F 271 28.26 -0.12 -19.80
CA GLY F 271 28.50 -1.56 -19.84
C GLY F 271 29.57 -2.03 -18.87
N PHE F 272 29.99 -3.30 -18.94
CA PHE F 272 30.93 -3.82 -17.95
C PHE F 272 31.89 -4.81 -18.59
N GLY F 273 32.88 -5.23 -17.81
CA GLY F 273 33.83 -6.24 -18.24
C GLY F 273 34.70 -6.76 -17.12
N PHE F 274 34.48 -7.99 -16.64
CA PHE F 274 35.29 -8.57 -15.60
C PHE F 274 36.58 -9.19 -16.15
N ARG F 275 37.73 -8.75 -15.66
CA ARG F 275 38.96 -9.44 -16.02
C ARG F 275 39.04 -10.78 -15.30
N GLN F 276 39.57 -11.79 -16.01
CA GLN F 276 39.74 -13.14 -15.49
C GLN F 276 41.11 -13.62 -15.98
N GLY F 277 42.14 -13.32 -15.21
CA GLY F 277 43.50 -13.51 -15.68
C GLY F 277 43.83 -12.53 -16.77
N ASN F 278 43.97 -13.02 -18.00
CA ASN F 278 44.11 -12.14 -19.16
C ASN F 278 42.85 -12.06 -20.02
N SER F 279 41.86 -12.93 -19.78
CA SER F 279 40.60 -12.94 -20.51
C SER F 279 39.60 -11.97 -19.89
N VAL F 280 38.52 -11.69 -20.62
CA VAL F 280 37.51 -10.74 -20.16
C VAL F 280 36.11 -11.27 -20.46
N TRP F 281 35.23 -11.18 -19.46
CA TRP F 281 33.79 -11.43 -19.60
C TRP F 281 33.12 -10.12 -19.95
N ALA F 282 33.06 -9.81 -21.24
CA ALA F 282 32.53 -8.53 -21.73
C ALA F 282 31.06 -8.65 -22.10
N GLY F 283 30.24 -7.75 -21.57
CA GLY F 283 28.82 -7.72 -21.90
C GLY F 283 28.50 -6.67 -22.96
N ARG F 284 27.58 -7.03 -23.85
CA ARG F 284 27.24 -6.16 -24.97
C ARG F 284 25.86 -6.49 -25.51
N THR F 285 25.21 -5.51 -26.13
CA THR F 285 23.90 -5.74 -26.73
C THR F 285 24.04 -6.66 -27.94
N VAL F 286 22.92 -7.23 -28.39
CA VAL F 286 23.01 -8.16 -29.51
C VAL F 286 23.04 -7.39 -30.82
N SER F 287 22.26 -6.32 -30.91
CA SER F 287 22.20 -5.52 -32.13
C SER F 287 23.35 -4.51 -32.15
N ILE F 288 23.77 -4.15 -33.36
CA ILE F 288 24.94 -3.29 -33.52
C ILE F 288 24.57 -1.82 -33.68
N SER F 289 23.31 -1.48 -33.56
CA SER F 289 22.90 -0.09 -33.77
C SER F 289 21.75 0.35 -32.89
N SER F 290 21.30 -0.47 -31.94
CA SER F 290 20.18 -0.14 -31.07
C SER F 290 20.33 -0.95 -29.80
N ARG F 291 19.69 -0.48 -28.73
CA ARG F 291 19.76 -1.16 -27.44
C ARG F 291 18.70 -2.26 -27.40
N SER F 292 19.05 -3.41 -27.96
CA SER F 292 18.21 -4.60 -27.92
C SER F 292 19.06 -5.84 -27.70
N GLY F 293 18.55 -6.77 -26.91
CA GLY F 293 19.23 -8.03 -26.62
C GLY F 293 20.61 -7.88 -26.02
N PHE F 294 20.97 -8.87 -25.17
CA PHE F 294 22.20 -8.82 -24.39
C PHE F 294 22.98 -10.13 -24.51
N GLU F 295 24.30 -10.03 -24.65
CA GLU F 295 25.26 -11.14 -24.66
C GLU F 295 26.30 -10.95 -23.56
N ILE F 296 26.92 -12.05 -23.11
CA ILE F 296 28.14 -12.01 -22.30
C ILE F 296 29.19 -12.91 -22.97
N LEU F 297 30.35 -12.34 -23.29
CA LEU F 297 31.40 -13.02 -24.05
C LEU F 297 32.70 -13.10 -23.25
N LEU F 298 33.15 -14.32 -22.98
CA LEU F 298 34.51 -14.66 -22.52
C LEU F 298 35.49 -14.69 -23.69
N ILE F 299 36.29 -13.64 -23.82
CA ILE F 299 37.25 -13.48 -24.91
C ILE F 299 38.63 -13.88 -24.38
N GLU F 300 39.32 -14.76 -25.10
CA GLU F 300 40.61 -15.26 -24.63
C GLU F 300 41.69 -14.21 -24.82
N ASP F 301 42.41 -13.89 -23.75
CA ASP F 301 43.40 -12.83 -23.72
C ASP F 301 42.85 -11.51 -24.22
N GLY F 302 41.54 -11.34 -24.14
CA GLY F 302 40.91 -10.12 -24.60
C GLY F 302 41.33 -8.88 -23.85
N TRP F 303 41.80 -9.03 -22.62
CA TRP F 303 42.18 -7.84 -21.86
C TRP F 303 43.51 -7.26 -22.34
N ILE F 304 44.28 -8.01 -23.16
CA ILE F 304 45.63 -7.51 -23.45
C ILE F 304 46.07 -7.69 -24.90
N ARG F 305 45.38 -8.53 -25.69
CA ARG F 305 46.02 -9.16 -26.85
C ARG F 305 45.28 -9.03 -28.19
N THR F 306 44.35 -8.09 -28.34
CA THR F 306 43.58 -7.89 -29.58
C THR F 306 43.00 -9.18 -30.13
N SER F 307 42.72 -10.15 -29.27
CA SER F 307 42.21 -11.44 -29.69
C SER F 307 40.71 -11.39 -30.02
N LYS F 308 40.29 -12.26 -30.94
CA LYS F 308 38.88 -12.40 -31.30
C LYS F 308 38.27 -13.73 -30.91
N THR F 309 39.04 -14.61 -30.26
CA THR F 309 38.62 -15.99 -29.95
C THR F 309 37.66 -15.98 -28.76
N ILE F 310 36.36 -15.94 -29.06
CA ILE F 310 35.33 -16.06 -28.03
C ILE F 310 35.26 -17.51 -27.57
N VAL F 311 35.64 -17.77 -26.32
CA VAL F 311 35.64 -19.12 -25.78
C VAL F 311 34.23 -19.54 -25.35
N LYS F 312 33.44 -18.61 -24.82
CA LYS F 312 32.09 -18.89 -24.36
C LYS F 312 31.19 -17.69 -24.67
N LYS F 313 29.90 -17.96 -24.86
CA LYS F 313 28.89 -16.93 -25.01
C LYS F 313 27.60 -17.35 -24.31
N VAL F 314 26.97 -16.38 -23.66
CA VAL F 314 25.69 -16.54 -23.00
C VAL F 314 24.78 -15.43 -23.51
N GLU F 315 23.48 -15.70 -23.57
CA GLU F 315 22.50 -14.66 -23.85
C GLU F 315 21.47 -14.61 -22.74
N VAL F 316 21.03 -13.40 -22.41
CA VAL F 316 20.10 -13.22 -21.32
C VAL F 316 18.91 -12.37 -21.75
N LEU F 317 18.98 -11.81 -22.95
CA LEU F 317 17.83 -11.27 -23.65
C LEU F 317 18.03 -11.53 -25.14
N ASN F 318 16.97 -11.92 -25.82
CA ASN F 318 17.01 -12.14 -27.26
C ASN F 318 16.69 -10.84 -27.99
N ASN F 319 17.06 -10.80 -29.26
CA ASN F 319 17.20 -9.55 -29.98
C ASN F 319 15.89 -8.81 -30.21
N LYS F 320 14.73 -9.40 -29.89
CA LYS F 320 13.45 -8.73 -30.08
C LYS F 320 13.01 -7.92 -28.87
N ASN F 321 13.75 -7.99 -27.78
CA ASN F 321 13.50 -7.30 -26.51
C ASN F 321 14.46 -6.15 -26.27
N TRP F 322 13.91 -5.04 -25.77
CA TRP F 322 14.70 -3.84 -25.49
C TRP F 322 15.54 -4.05 -24.24
N SER F 323 16.77 -3.53 -24.27
CA SER F 323 17.67 -3.55 -23.13
C SER F 323 18.21 -2.16 -22.89
N GLY F 324 19.30 -2.06 -22.13
CA GLY F 324 19.78 -0.75 -21.71
C GLY F 324 21.15 -0.78 -21.05
N TYR F 325 21.32 0.02 -20.01
CA TYR F 325 22.60 0.05 -19.31
C TYR F 325 22.93 -1.34 -18.78
N SER F 326 24.13 -1.48 -18.23
CA SER F 326 24.54 -2.66 -17.47
C SER F 326 25.79 -2.33 -16.67
N GLY F 327 26.03 -3.07 -15.58
CA GLY F 327 27.07 -2.68 -14.66
C GLY F 327 27.48 -3.75 -13.68
N ALA F 328 28.72 -3.65 -13.22
CA ALA F 328 29.32 -4.67 -12.38
C ALA F 328 29.08 -4.40 -10.90
N PHE F 329 29.10 -5.47 -10.11
CA PHE F 329 29.30 -5.37 -8.67
C PHE F 329 29.89 -6.68 -8.17
N THR F 330 30.27 -6.71 -6.90
CA THR F 330 30.81 -7.93 -6.31
C THR F 330 30.24 -8.15 -4.92
N ILE F 331 30.02 -9.42 -4.59
CA ILE F 331 29.41 -9.86 -3.35
C ILE F 331 30.55 -10.24 -2.41
N PRO F 332 30.64 -9.65 -1.22
CA PRO F 332 31.85 -9.74 -0.43
C PRO F 332 31.98 -11.05 0.35
N ILE F 333 33.16 -11.21 0.95
CA ILE F 333 33.46 -12.37 1.77
C ILE F 333 32.51 -12.46 2.94
N THR F 334 32.14 -11.31 3.51
CA THR F 334 31.27 -11.32 4.69
C THR F 334 29.95 -12.03 4.41
N MET F 335 29.54 -12.12 3.15
CA MET F 335 28.30 -12.84 2.84
C MET F 335 28.56 -14.29 2.44
N THR F 336 29.51 -14.54 1.55
CA THR F 336 29.66 -15.86 0.97
C THR F 336 30.65 -16.76 1.70
N SER F 337 31.50 -16.21 2.55
CA SER F 337 32.59 -16.90 3.22
C SER F 337 33.59 -17.54 2.27
N LYS F 338 33.54 -17.20 0.98
CA LYS F 338 34.60 -17.61 0.07
C LYS F 338 35.81 -16.70 0.24
N GLN F 339 37.00 -17.26 0.04
CA GLN F 339 38.20 -16.41 0.09
C GLN F 339 38.46 -15.73 -1.25
N CYS F 340 37.41 -15.15 -1.86
CA CYS F 340 37.48 -14.42 -3.11
C CYS F 340 36.14 -13.75 -3.36
N LEU F 341 36.15 -12.69 -4.18
CA LEU F 341 34.98 -11.86 -4.42
C LEU F 341 34.15 -12.42 -5.57
N VAL F 342 32.86 -12.63 -5.35
CA VAL F 342 32.02 -13.18 -6.42
C VAL F 342 31.59 -12.06 -7.36
N PRO F 343 31.85 -12.15 -8.66
CA PRO F 343 31.40 -11.10 -9.58
C PRO F 343 29.94 -11.27 -9.94
N CYS F 344 29.25 -10.14 -10.10
CA CYS F 344 27.85 -10.11 -10.48
C CYS F 344 27.64 -8.95 -11.43
N PHE F 345 26.50 -8.93 -12.13
CA PHE F 345 26.16 -7.81 -12.98
C PHE F 345 24.66 -7.61 -13.04
N TRP F 346 24.24 -6.41 -13.41
CA TRP F 346 22.84 -6.07 -13.58
C TRP F 346 22.57 -5.58 -15.00
N LEU F 347 21.31 -5.71 -15.42
CA LEU F 347 20.84 -5.29 -16.74
C LEU F 347 19.52 -4.58 -16.57
N GLU F 348 19.36 -3.45 -17.23
CA GLU F 348 18.09 -2.76 -17.23
C GLU F 348 17.44 -2.80 -18.60
N MET F 349 16.12 -2.88 -18.58
CA MET F 349 15.31 -2.98 -19.78
C MET F 349 14.38 -1.78 -19.83
N ILE F 350 14.63 -0.88 -20.78
CA ILE F 350 13.94 0.41 -20.87
C ILE F 350 12.67 0.23 -21.71
N ARG F 351 11.59 0.88 -21.29
CA ARG F 351 10.35 0.91 -22.06
C ARG F 351 9.72 2.29 -21.98
N GLY F 352 9.14 2.73 -23.09
CA GLY F 352 8.57 4.07 -23.15
C GLY F 352 9.03 4.89 -24.35
N LYS F 353 8.95 6.21 -24.24
CA LYS F 353 8.80 7.03 -25.44
C LYS F 353 10.05 7.13 -26.32
N PRO F 354 11.27 6.97 -25.83
CA PRO F 354 12.43 6.96 -26.73
C PRO F 354 12.33 5.93 -27.86
N GLU F 355 11.58 4.82 -27.70
CA GLU F 355 11.42 3.86 -28.78
C GLU F 355 9.98 3.47 -29.04
N GLU F 356 9.13 3.44 -28.01
CA GLU F 356 7.71 3.15 -28.13
C GLU F 356 6.94 4.46 -28.10
N ARG F 357 6.74 5.02 -29.29
CA ARG F 357 6.36 6.43 -29.40
C ARG F 357 5.02 6.73 -28.72
N THR F 358 4.15 5.74 -28.60
CA THR F 358 2.77 6.05 -28.19
C THR F 358 2.63 6.30 -26.69
N SER F 359 3.53 5.76 -25.87
CA SER F 359 3.43 5.93 -24.43
C SER F 359 3.97 7.30 -24.03
N ILE F 360 3.38 7.86 -22.97
CA ILE F 360 3.82 9.17 -22.51
C ILE F 360 5.01 9.06 -21.57
N TRP F 361 5.11 7.99 -20.78
CA TRP F 361 6.16 7.91 -19.78
C TRP F 361 7.41 7.17 -20.25
N THR F 362 8.39 6.99 -19.36
CA THR F 362 9.58 6.21 -19.70
C THR F 362 10.16 5.65 -18.40
N SER F 363 10.28 4.33 -18.33
CA SER F 363 10.71 3.64 -17.11
C SER F 363 11.58 2.45 -17.50
N SER F 364 12.23 1.83 -16.50
CA SER F 364 13.04 0.66 -16.78
C SER F 364 12.96 -0.36 -15.64
N SER F 365 13.40 -1.59 -15.96
CA SER F 365 13.25 -2.75 -15.09
C SER F 365 14.54 -3.55 -15.02
N SER F 366 14.86 -4.03 -13.82
CA SER F 366 16.15 -4.63 -13.50
C SER F 366 16.15 -6.16 -13.48
N THR F 367 17.19 -6.75 -14.08
CA THR F 367 17.57 -8.15 -13.91
C THR F 367 18.99 -8.22 -13.33
N VAL F 368 19.23 -9.15 -12.42
CA VAL F 368 20.52 -9.28 -11.76
C VAL F 368 21.02 -10.72 -11.90
N PHE F 369 22.29 -10.89 -12.24
CA PHE F 369 22.92 -12.19 -12.40
C PHE F 369 24.21 -12.24 -11.58
N CYS F 370 24.65 -13.44 -11.21
CA CYS F 370 25.90 -13.64 -10.49
C CYS F 370 26.67 -14.84 -11.04
N GLY F 371 28.00 -14.74 -10.97
CA GLY F 371 28.84 -15.76 -11.56
C GLY F 371 28.91 -17.02 -10.71
N VAL F 372 28.97 -18.16 -11.39
CA VAL F 372 28.95 -19.50 -10.81
C VAL F 372 30.03 -20.32 -11.49
N SER F 373 30.66 -21.21 -10.72
CA SER F 373 31.79 -21.95 -11.28
C SER F 373 31.34 -23.00 -12.28
N SER F 374 30.13 -23.52 -12.11
CA SER F 374 29.55 -24.41 -13.11
C SER F 374 29.21 -23.64 -14.40
N GLU F 375 29.06 -24.39 -15.48
CA GLU F 375 28.44 -23.86 -16.68
C GLU F 375 26.96 -23.71 -16.45
N VAL F 376 26.41 -22.64 -17.02
CA VAL F 376 25.00 -22.27 -16.86
C VAL F 376 24.44 -21.82 -18.21
N PRO F 377 23.25 -22.28 -18.60
CA PRO F 377 22.68 -21.89 -19.89
C PRO F 377 22.04 -20.50 -19.87
N GLY F 378 21.66 -20.03 -21.08
CA GLY F 378 20.95 -18.77 -21.22
C GLY F 378 19.45 -18.92 -21.54
N TRP F 379 18.74 -17.80 -21.43
CA TRP F 379 17.32 -17.71 -21.73
C TRP F 379 16.95 -16.23 -21.87
N SER F 380 15.71 -15.99 -22.31
CA SER F 380 15.22 -14.63 -22.52
C SER F 380 14.34 -14.20 -21.35
N TRP F 381 14.99 -13.72 -20.30
CA TRP F 381 14.30 -13.22 -19.11
C TRP F 381 13.93 -11.74 -19.30
N ASP F 382 12.98 -11.51 -20.21
CA ASP F 382 12.61 -10.16 -20.60
C ASP F 382 11.56 -9.58 -19.65
N ASP F 383 11.10 -8.35 -19.94
CA ASP F 383 10.33 -7.58 -18.97
C ASP F 383 8.84 -7.87 -19.01
N GLY F 384 8.29 -8.26 -20.16
CA GLY F 384 6.95 -8.81 -20.24
C GLY F 384 5.79 -7.87 -19.97
N ALA F 385 5.96 -6.57 -20.16
CA ALA F 385 4.86 -5.63 -19.93
C ALA F 385 4.02 -5.46 -21.19
N ILE F 386 2.71 -5.65 -21.06
CA ILE F 386 1.78 -5.46 -22.16
C ILE F 386 1.38 -3.99 -22.30
N LEU F 387 2.25 -3.20 -22.93
CA LEU F 387 1.97 -1.80 -23.19
C LEU F 387 1.00 -1.65 -24.36
N PRO F 388 0.33 -0.49 -24.50
CA PRO F 388 0.39 0.74 -23.69
C PRO F 388 -0.43 0.67 -22.40
N PHE F 389 -0.16 1.55 -21.45
CA PHE F 389 -0.83 1.56 -20.16
C PHE F 389 -2.11 2.40 -20.25
N ASP F 390 -2.88 2.37 -19.16
CA ASP F 390 -4.16 3.07 -19.14
C ASP F 390 -3.98 4.58 -19.18
N ILE F 391 -2.86 5.09 -18.69
CA ILE F 391 -2.62 6.53 -18.73
C ILE F 391 -2.24 6.96 -20.15
N ASP F 392 -1.84 6.01 -20.99
CA ASP F 392 -1.49 6.34 -22.37
C ASP F 392 -2.69 6.47 -23.29
N LYS F 393 -3.89 6.16 -22.81
CA LYS F 393 -5.06 6.09 -23.69
C LYS F 393 -5.74 7.41 -24.01
N LEU G 1 6.13 -51.55 -54.31
CA LEU G 1 4.91 -51.17 -55.08
C LEU G 1 3.64 -51.82 -54.53
N VAL G 2 2.54 -51.08 -54.65
CA VAL G 2 1.23 -51.52 -54.18
C VAL G 2 0.23 -51.31 -55.31
N LYS G 3 -0.66 -52.30 -55.53
CA LYS G 3 -1.66 -52.15 -56.58
C LYS G 3 -2.98 -51.64 -56.00
N PRO G 4 -3.80 -50.95 -56.78
CA PRO G 4 -5.00 -50.31 -56.22
C PRO G 4 -5.92 -51.31 -55.52
N SER G 5 -6.51 -50.85 -54.42
CA SER G 5 -7.46 -51.56 -53.56
C SER G 5 -6.79 -52.69 -52.81
N GLU G 6 -5.47 -52.83 -52.89
CA GLU G 6 -4.78 -53.66 -51.92
C GLU G 6 -4.64 -52.95 -50.57
N THR G 7 -4.19 -53.73 -49.58
CA THR G 7 -3.84 -53.23 -48.26
C THR G 7 -2.37 -52.82 -48.24
N LEU G 8 -2.11 -51.52 -48.12
CA LEU G 8 -0.78 -51.02 -47.84
C LEU G 8 -0.40 -51.29 -46.38
N SER G 9 0.88 -51.60 -46.15
CA SER G 9 1.39 -51.62 -44.78
C SER G 9 2.90 -51.35 -44.77
N LEU G 10 3.36 -50.81 -43.64
CA LEU G 10 4.73 -50.32 -43.48
C LEU G 10 5.23 -50.63 -42.07
N THR G 11 6.55 -50.80 -41.96
CA THR G 11 7.22 -51.08 -40.69
C THR G 11 8.20 -49.96 -40.37
N CYS G 12 8.18 -49.48 -39.13
CA CYS G 12 9.13 -48.51 -38.62
C CYS G 12 9.78 -49.06 -37.37
N SER G 13 11.08 -48.78 -37.19
CA SER G 13 11.87 -49.37 -36.12
C SER G 13 12.52 -48.30 -35.26
N VAL G 14 12.80 -48.66 -34.00
CA VAL G 14 13.41 -47.76 -33.03
C VAL G 14 14.67 -48.40 -32.48
N SER G 15 15.67 -47.56 -32.19
CA SER G 15 16.96 -48.00 -31.66
C SER G 15 17.61 -46.87 -30.89
N GLY G 16 18.58 -47.26 -30.05
CA GLY G 16 19.21 -46.35 -29.11
C GLY G 16 18.32 -46.12 -27.92
N GLU G 17 17.15 -45.55 -28.19
CA GLU G 17 16.04 -45.62 -27.26
C GLU G 17 15.43 -47.02 -27.32
N SER G 18 14.41 -47.22 -26.50
CA SER G 18 13.46 -48.31 -26.68
C SER G 18 12.05 -47.75 -26.69
N ILE G 19 11.14 -48.50 -27.30
CA ILE G 19 9.73 -48.18 -27.17
C ILE G 19 9.33 -48.46 -25.73
N SER G 20 8.53 -47.57 -25.16
CA SER G 20 8.26 -47.51 -23.73
C SER G 20 9.43 -46.91 -22.95
N SER G 21 10.28 -46.14 -23.61
CA SER G 21 11.23 -45.26 -22.96
C SER G 21 10.99 -43.83 -23.41
N GLY G 22 10.95 -42.91 -22.45
CA GLY G 22 10.83 -41.50 -22.75
C GLY G 22 9.42 -40.99 -22.94
N GLY G 23 8.43 -41.86 -23.06
CA GLY G 23 7.04 -41.46 -23.13
C GLY G 23 6.66 -40.68 -24.37
N TYR G 24 7.23 -41.03 -25.52
CA TYR G 24 6.91 -40.35 -26.77
C TYR G 24 5.63 -40.90 -27.38
N TYR G 25 5.02 -40.07 -28.24
CA TYR G 25 4.00 -40.53 -29.19
C TYR G 25 4.63 -40.72 -30.55
N TRP G 26 4.42 -41.89 -31.16
CA TRP G 26 5.01 -42.23 -32.44
C TRP G 26 4.01 -41.94 -33.57
N THR G 27 4.47 -41.23 -34.60
CA THR G 27 3.60 -40.55 -35.56
C THR G 27 3.90 -41.00 -36.98
N TRP G 28 2.87 -41.02 -37.83
CA TRP G 28 3.05 -41.21 -39.27
C TRP G 28 2.52 -39.98 -40.00
N ILE G 29 3.18 -39.62 -41.10
CA ILE G 29 3.22 -38.28 -41.68
C ILE G 29 3.49 -38.57 -43.15
N ARG G 30 2.84 -37.81 -44.01
CA ARG G 30 2.74 -38.19 -45.40
C ARG G 30 3.24 -37.01 -46.22
N GLN G 31 3.53 -37.22 -47.52
CA GLN G 31 3.92 -36.12 -48.39
C GLN G 31 3.70 -36.53 -49.84
N HIS G 32 2.67 -35.96 -50.45
CA HIS G 32 2.36 -36.25 -51.84
C HIS G 32 3.32 -35.48 -52.75
N PRO G 33 3.58 -35.99 -53.95
CA PRO G 33 4.59 -35.37 -54.81
C PRO G 33 4.23 -33.95 -55.17
N GLY G 34 5.11 -33.02 -54.81
CA GLY G 34 4.96 -31.62 -55.10
C GLY G 34 4.12 -30.86 -54.12
N LYS G 35 3.55 -31.52 -53.12
CA LYS G 35 2.65 -30.91 -52.16
C LYS G 35 3.31 -30.79 -50.78
N GLY G 36 2.57 -30.21 -49.86
CA GLY G 36 3.01 -30.10 -48.48
C GLY G 36 2.69 -31.34 -47.67
N LEU G 37 3.17 -31.33 -46.42
CA LEU G 37 3.00 -32.47 -45.52
C LEU G 37 1.53 -32.66 -45.10
N GLU G 38 1.25 -33.86 -44.60
CA GLU G 38 -0.03 -34.23 -44.00
C GLU G 38 0.24 -35.15 -42.81
N TRP G 39 -0.68 -35.21 -41.86
CA TRP G 39 -0.52 -36.02 -40.64
C TRP G 39 -1.50 -37.18 -40.62
N ILE G 40 -1.00 -38.40 -40.41
CA ILE G 40 -1.85 -39.60 -40.40
C ILE G 40 -2.33 -39.96 -38.99
N GLY G 41 -1.46 -40.15 -38.01
CA GLY G 41 -1.94 -40.55 -36.67
C GLY G 41 -0.83 -40.78 -35.66
N ASN G 42 -1.23 -40.84 -34.38
CA ASN G 42 -0.34 -41.05 -33.24
C ASN G 42 -0.65 -42.33 -32.47
N ILE G 43 0.38 -43.10 -32.10
CA ILE G 43 0.31 -44.12 -31.06
C ILE G 43 1.16 -43.75 -29.84
N PHE G 44 0.62 -43.96 -28.64
CA PHE G 44 1.38 -43.91 -27.39
C PHE G 44 1.99 -45.28 -27.09
N ASP G 45 3.02 -45.29 -26.23
CA ASP G 45 3.71 -46.54 -25.90
C ASP G 45 2.74 -47.62 -25.43
N THR G 46 1.67 -47.23 -24.72
CA THR G 46 0.70 -48.19 -24.21
C THR G 46 -0.50 -48.38 -25.12
N GLY G 47 -0.39 -47.97 -26.39
CA GLY G 47 -1.34 -48.35 -27.41
C GLY G 47 -2.52 -47.41 -27.62
N SER G 48 -2.71 -46.40 -26.79
CA SER G 48 -3.79 -45.44 -27.04
C SER G 48 -3.48 -44.60 -28.27
N THR G 49 -4.49 -44.39 -29.11
CA THR G 49 -4.29 -44.01 -30.50
C THR G 49 -5.10 -42.76 -30.86
N HIS G 50 -4.58 -41.95 -31.77
CA HIS G 50 -5.29 -40.83 -32.38
C HIS G 50 -5.22 -40.98 -33.89
N TYR G 51 -6.32 -40.65 -34.59
CA TYR G 51 -6.32 -40.74 -36.04
C TYR G 51 -6.80 -39.44 -36.68
N SER G 52 -6.25 -39.17 -37.87
CA SER G 52 -6.79 -38.12 -38.71
C SER G 52 -8.15 -38.55 -39.26
N PRO G 53 -9.16 -37.68 -39.24
CA PRO G 53 -10.51 -38.15 -39.57
C PRO G 53 -10.65 -38.60 -41.01
N SER G 54 -9.97 -37.95 -41.95
CA SER G 54 -10.15 -38.28 -43.37
C SER G 54 -9.71 -39.70 -43.68
N LEU G 55 -8.82 -40.28 -42.86
CA LEU G 55 -8.31 -41.62 -43.09
C LEU G 55 -8.80 -42.61 -42.06
N LYS G 56 -9.63 -42.19 -41.11
CA LYS G 56 -9.95 -43.02 -39.96
C LYS G 56 -10.69 -44.28 -40.36
N THR G 57 -11.48 -44.24 -41.42
CA THR G 57 -12.10 -45.48 -41.88
C THR G 57 -11.13 -46.48 -42.48
N ARG G 58 -10.00 -46.03 -43.03
CA ARG G 58 -9.09 -46.92 -43.73
C ARG G 58 -8.01 -47.53 -42.82
N LEU G 59 -7.65 -46.84 -41.73
CA LEU G 59 -6.41 -47.06 -41.00
C LEU G 59 -6.50 -48.12 -39.91
N THR G 60 -5.33 -48.65 -39.58
CA THR G 60 -5.05 -49.42 -38.37
C THR G 60 -3.55 -49.29 -38.07
N ILE G 61 -3.21 -48.82 -36.86
CA ILE G 61 -1.83 -48.51 -36.47
C ILE G 61 -1.54 -49.22 -35.15
N SER G 62 -0.38 -49.89 -35.04
CA SER G 62 -0.13 -50.71 -33.86
C SER G 62 1.35 -50.72 -33.48
N ILE G 63 1.65 -50.98 -32.21
CA ILE G 63 3.00 -51.27 -31.71
C ILE G 63 3.23 -52.74 -31.41
N ASP G 64 4.51 -53.14 -31.39
CA ASP G 64 4.98 -54.36 -30.74
C ASP G 64 6.21 -54.02 -29.90
N THR G 65 6.01 -53.87 -28.59
CA THR G 65 7.09 -53.45 -27.70
C THR G 65 8.20 -54.48 -27.58
N SER G 66 7.93 -55.75 -27.91
CA SER G 66 8.99 -56.75 -27.80
C SER G 66 9.98 -56.69 -28.95
N LYS G 67 9.61 -55.99 -30.02
CA LYS G 67 10.41 -55.86 -31.23
C LYS G 67 11.01 -54.49 -31.44
N ASN G 68 10.71 -53.56 -30.54
CA ASN G 68 10.92 -52.13 -30.77
C ASN G 68 10.50 -51.72 -32.18
N GLN G 69 9.28 -52.09 -32.59
CA GLN G 69 8.74 -51.76 -33.91
C GLN G 69 7.32 -51.23 -33.77
N PHE G 70 6.88 -50.44 -34.75
CA PHE G 70 5.50 -49.98 -34.82
C PHE G 70 5.11 -49.86 -36.31
N TYR G 71 3.80 -49.96 -36.60
CA TYR G 71 3.28 -50.42 -37.89
C TYR G 71 2.14 -49.53 -38.37
N LEU G 72 2.07 -49.33 -39.68
CA LEU G 72 0.93 -48.69 -40.34
C LEU G 72 0.26 -49.68 -41.28
N ARG G 73 -1.07 -49.76 -41.23
CA ARG G 73 -1.87 -50.51 -42.21
C ARG G 73 -2.95 -49.61 -42.77
N LEU G 74 -3.08 -49.56 -44.09
CA LEU G 74 -4.04 -48.69 -44.76
C LEU G 74 -4.84 -49.50 -45.77
N ASN G 75 -6.10 -49.78 -45.44
CA ASN G 75 -6.94 -50.62 -46.28
C ASN G 75 -7.42 -49.87 -47.52
N SER G 76 -7.62 -50.62 -48.60
CA SER G 76 -8.20 -50.11 -49.86
C SER G 76 -7.45 -48.88 -50.36
N ALA G 77 -6.15 -49.04 -50.61
CA ALA G 77 -5.32 -47.94 -51.08
C ALA G 77 -5.70 -47.49 -52.48
N THR G 78 -5.97 -46.21 -52.63
CA THR G 78 -6.21 -45.59 -53.92
C THR G 78 -4.90 -45.13 -54.56
N ALA G 79 -4.97 -44.82 -55.86
CA ALA G 79 -3.80 -44.29 -56.55
C ALA G 79 -3.35 -42.98 -55.94
N ALA G 80 -4.27 -42.23 -55.33
CA ALA G 80 -3.94 -40.95 -54.73
C ALA G 80 -3.17 -41.08 -53.42
N ASP G 81 -3.29 -42.20 -52.73
CA ASP G 81 -2.39 -42.50 -51.61
C ASP G 81 -0.92 -42.65 -51.98
N THR G 82 -0.50 -42.40 -53.22
CA THR G 82 0.93 -42.37 -53.53
C THR G 82 1.60 -41.21 -52.78
N ALA G 83 2.71 -41.48 -52.10
CA ALA G 83 3.37 -40.46 -51.28
C ALA G 83 4.70 -41.00 -50.77
N VAL G 84 5.52 -40.08 -50.24
CA VAL G 84 6.57 -40.45 -49.29
C VAL G 84 5.94 -40.53 -47.91
N TYR G 85 6.18 -41.63 -47.21
CA TYR G 85 5.67 -41.85 -45.86
C TYR G 85 6.84 -41.77 -44.88
N TYR G 86 6.71 -40.89 -43.90
CA TYR G 86 7.69 -40.72 -42.84
C TYR G 86 7.09 -41.20 -41.52
N CYS G 87 7.94 -41.72 -40.64
CA CYS G 87 7.56 -42.03 -39.27
C CYS G 87 8.43 -41.20 -38.33
N ALA G 88 7.84 -40.69 -37.25
CA ALA G 88 8.56 -39.81 -36.35
C ALA G 88 8.28 -40.16 -34.89
N ARG G 89 8.83 -39.36 -33.99
CA ARG G 89 8.46 -39.38 -32.57
C ARG G 89 8.23 -37.96 -32.09
N VAL G 90 7.33 -37.79 -31.11
CA VAL G 90 7.06 -36.48 -30.53
C VAL G 90 6.66 -36.61 -29.06
N GLY G 91 7.44 -36.00 -28.16
CA GLY G 91 7.11 -36.06 -26.76
C GLY G 91 6.19 -34.95 -26.33
N TYR G 92 5.02 -35.25 -25.76
CA TYR G 92 4.18 -34.21 -25.17
C TYR G 92 3.16 -34.84 -24.25
N SER G 93 2.57 -34.00 -23.39
CA SER G 93 1.54 -34.42 -22.45
C SER G 93 0.72 -33.22 -22.00
N LEU G 94 -0.58 -33.42 -21.87
CA LEU G 94 -1.51 -32.33 -21.58
C LEU G 94 -2.24 -32.47 -20.25
N GLU G 95 -2.15 -33.60 -19.57
CA GLU G 95 -2.89 -33.77 -18.32
C GLU G 95 -2.22 -33.02 -17.17
N THR G 96 -0.92 -33.22 -17.01
CA THR G 96 -0.22 -32.94 -15.76
C THR G 96 -0.26 -31.45 -15.44
N ASP G 97 0.16 -31.10 -14.22
CA ASP G 97 0.31 -29.71 -13.81
C ASP G 97 1.61 -29.08 -14.26
N ARG G 98 2.36 -29.75 -15.13
CA ARG G 98 3.56 -29.19 -15.75
C ARG G 98 3.59 -29.71 -17.18
N PRO G 99 2.74 -29.17 -18.06
CA PRO G 99 2.70 -29.70 -19.43
C PRO G 99 4.00 -29.47 -20.19
N TYR G 100 4.15 -30.22 -21.30
CA TYR G 100 5.28 -29.98 -22.20
C TYR G 100 4.94 -30.45 -23.61
N TYR G 101 5.75 -29.99 -24.56
CA TYR G 101 5.64 -30.39 -25.96
C TYR G 101 6.97 -30.12 -26.65
N PHE G 102 7.57 -31.16 -27.24
CA PHE G 102 8.85 -31.08 -27.93
C PHE G 102 8.67 -31.60 -29.36
N GLY G 103 7.93 -30.86 -30.17
CA GLY G 103 7.39 -31.34 -31.43
C GLY G 103 8.30 -32.14 -32.35
N LEU G 104 7.76 -33.26 -32.84
CA LEU G 104 8.37 -34.11 -33.86
C LEU G 104 9.87 -33.94 -33.98
N ASP G 105 10.62 -34.27 -32.92
CA ASP G 105 12.03 -33.90 -32.92
C ASP G 105 12.93 -34.85 -33.69
N VAL G 106 12.47 -36.07 -33.99
CA VAL G 106 13.29 -37.03 -34.74
C VAL G 106 12.45 -37.66 -35.83
N TRP G 107 12.96 -37.65 -37.06
CA TRP G 107 12.30 -38.24 -38.23
C TRP G 107 13.13 -39.38 -38.82
N GLY G 108 12.45 -40.45 -39.23
CA GLY G 108 13.11 -41.48 -40.01
C GLY G 108 13.12 -41.16 -41.49
N GLN G 109 13.96 -41.90 -42.23
CA GLN G 109 14.03 -41.71 -43.68
C GLN G 109 12.73 -42.17 -44.32
N GLY G 110 12.42 -41.57 -45.47
CA GLY G 110 11.13 -41.78 -46.10
C GLY G 110 11.06 -43.03 -46.97
N THR G 111 9.84 -43.54 -47.12
CA THR G 111 9.51 -44.64 -48.03
C THR G 111 8.57 -44.13 -49.10
N THR G 112 8.96 -44.30 -50.38
CA THR G 112 8.19 -43.75 -51.49
C THR G 112 7.20 -44.81 -51.98
N VAL G 113 6.03 -44.81 -51.37
CA VAL G 113 4.97 -45.73 -51.74
C VAL G 113 4.34 -45.26 -53.05
N THR G 114 4.34 -46.12 -54.07
CA THR G 114 3.68 -45.87 -55.35
C THR G 114 2.54 -46.86 -55.51
N VAL G 115 1.32 -46.36 -55.66
CA VAL G 115 0.13 -47.20 -55.70
C VAL G 115 -0.32 -47.26 -57.16
N SER G 116 0.16 -48.26 -57.90
CA SER G 116 -0.26 -48.38 -59.29
C SER G 116 -0.11 -49.81 -59.78
N SER G 117 -0.87 -50.14 -60.82
CA SER G 117 -0.64 -51.36 -61.60
C SER G 117 0.51 -51.17 -62.58
N ASP H 1 -10.74 -28.94 -39.00
CA ASP H 1 -9.29 -28.70 -38.78
C ASP H 1 -9.01 -27.20 -38.73
N ILE H 2 -7.87 -26.81 -38.16
CA ILE H 2 -7.37 -25.45 -38.32
C ILE H 2 -6.83 -25.30 -39.73
N VAL H 3 -7.36 -24.36 -40.50
CA VAL H 3 -6.81 -24.13 -41.84
C VAL H 3 -5.61 -23.22 -41.71
N MET H 4 -4.49 -23.62 -42.31
CA MET H 4 -3.22 -22.93 -42.17
C MET H 4 -2.87 -22.20 -43.48
N THR H 5 -2.47 -20.91 -43.37
CA THR H 5 -2.07 -20.12 -44.52
C THR H 5 -0.83 -19.29 -44.21
N GLN H 6 0.03 -19.11 -45.23
CA GLN H 6 1.45 -18.77 -45.06
C GLN H 6 1.89 -17.92 -46.24
N SER H 7 2.39 -16.67 -46.03
CA SER H 7 2.05 -15.68 -47.07
C SER H 7 2.98 -15.76 -48.28
N PRO H 8 4.31 -15.75 -48.14
CA PRO H 8 5.11 -15.89 -49.37
C PRO H 8 5.19 -17.34 -49.82
N LEU H 9 4.73 -17.62 -51.05
CA LEU H 9 4.86 -18.99 -51.55
C LEU H 9 6.28 -19.27 -52.04
N SER H 10 6.98 -18.24 -52.51
CA SER H 10 8.44 -18.28 -52.64
C SER H 10 9.03 -16.99 -52.11
N LEU H 11 10.18 -17.10 -51.46
CA LEU H 11 10.88 -15.95 -50.89
C LEU H 11 12.26 -15.84 -51.52
N PRO H 12 12.54 -14.83 -52.33
CA PRO H 12 13.92 -14.63 -52.80
C PRO H 12 14.75 -13.97 -51.70
N VAL H 13 15.99 -14.42 -51.58
CA VAL H 13 16.86 -14.08 -50.45
C VAL H 13 18.31 -14.13 -50.93
N THR H 14 19.23 -13.55 -50.15
CA THR H 14 20.65 -13.66 -50.49
C THR H 14 21.51 -13.60 -49.23
N PRO H 15 22.55 -14.45 -49.14
CA PRO H 15 23.35 -14.54 -47.92
C PRO H 15 23.67 -13.19 -47.31
N GLY H 16 23.74 -13.17 -45.98
CA GLY H 16 24.15 -12.01 -45.24
C GLY H 16 23.04 -11.06 -44.86
N GLU H 17 21.94 -11.03 -45.62
CA GLU H 17 20.85 -10.15 -45.21
C GLU H 17 19.84 -10.88 -44.35
N PRO H 18 19.13 -10.14 -43.49
CA PRO H 18 17.99 -10.69 -42.78
C PRO H 18 16.93 -11.21 -43.73
N ALA H 19 16.00 -11.99 -43.16
CA ALA H 19 14.86 -12.51 -43.90
C ALA H 19 13.74 -12.85 -42.94
N SER H 20 12.52 -12.95 -43.48
CA SER H 20 11.35 -13.24 -42.67
C SER H 20 10.32 -14.06 -43.43
N ILE H 21 9.63 -14.94 -42.70
CA ILE H 21 8.49 -15.72 -43.18
C ILE H 21 7.43 -15.66 -42.07
N SER H 22 6.16 -15.74 -42.45
CA SER H 22 5.03 -15.60 -41.53
C SER H 22 3.80 -16.41 -41.92
N CYS H 23 2.94 -16.59 -40.92
CA CYS H 23 1.95 -17.65 -40.83
C CYS H 23 0.71 -17.16 -40.08
N ARG H 24 -0.46 -17.66 -40.47
CA ARG H 24 -1.75 -17.25 -39.91
C ARG H 24 -2.71 -18.42 -39.94
N SER H 25 -3.42 -18.63 -38.83
CA SER H 25 -4.28 -19.78 -38.62
C SER H 25 -5.73 -19.34 -38.46
N SER H 26 -6.66 -20.20 -38.87
CA SER H 26 -8.07 -19.82 -38.93
C SER H 26 -8.77 -19.78 -37.57
N GLN H 27 -8.09 -20.18 -36.50
CA GLN H 27 -8.52 -19.95 -35.13
C GLN H 27 -7.25 -19.62 -34.34
N SER H 28 -7.41 -19.00 -33.19
CA SER H 28 -6.23 -18.71 -32.39
C SER H 28 -5.68 -20.00 -31.81
N LEU H 29 -4.35 -20.12 -31.79
CA LEU H 29 -3.69 -21.34 -31.36
C LEU H 29 -3.47 -21.42 -29.85
N LEU H 30 -4.05 -20.49 -29.10
CA LEU H 30 -3.91 -20.43 -27.64
C LEU H 30 -4.72 -21.55 -26.99
N HIS H 31 -4.05 -22.60 -26.54
CA HIS H 31 -4.74 -23.75 -25.99
C HIS H 31 -5.26 -23.43 -24.59
N SER H 32 -6.21 -24.23 -24.12
CA SER H 32 -6.82 -23.91 -22.84
C SER H 32 -5.85 -24.05 -21.69
N ASN H 33 -4.70 -24.71 -21.88
CA ASN H 33 -3.78 -24.78 -20.76
C ASN H 33 -2.74 -23.68 -20.80
N GLY H 34 -2.99 -22.66 -21.61
CA GLY H 34 -2.20 -21.46 -21.72
C GLY H 34 -1.08 -21.46 -22.75
N TYR H 35 -0.60 -22.62 -23.19
CA TYR H 35 0.52 -22.65 -24.12
C TYR H 35 0.03 -22.52 -25.56
N THR H 36 0.92 -22.08 -26.45
CA THR H 36 0.54 -21.78 -27.83
C THR H 36 1.25 -22.76 -28.76
N TYR H 37 0.54 -23.77 -29.27
CA TYR H 37 1.19 -24.93 -29.91
C TYR H 37 1.36 -24.72 -31.41
N LEU H 38 2.42 -23.99 -31.78
CA LEU H 38 2.81 -23.84 -33.18
C LEU H 38 4.30 -24.10 -33.37
N ASP H 39 4.65 -24.75 -34.48
CA ASP H 39 6.01 -25.14 -34.80
C ASP H 39 6.39 -24.64 -36.18
N TRP H 40 7.69 -24.58 -36.44
CA TRP H 40 8.21 -24.48 -37.80
C TRP H 40 9.18 -25.63 -38.03
N TYR H 41 9.13 -26.16 -39.25
CA TYR H 41 9.97 -27.27 -39.73
C TYR H 41 10.59 -26.88 -41.06
N LEU H 42 11.81 -27.34 -41.31
CA LEU H 42 12.57 -27.04 -42.52
C LEU H 42 12.91 -28.33 -43.26
N GLN H 43 12.62 -28.39 -44.55
CA GLN H 43 12.95 -29.54 -45.38
C GLN H 43 13.98 -29.08 -46.42
N LYS H 44 15.20 -29.55 -46.29
CA LYS H 44 16.22 -29.18 -47.26
C LYS H 44 16.11 -30.07 -48.48
N PRO H 45 16.82 -29.74 -49.56
CA PRO H 45 16.74 -30.57 -50.77
C PRO H 45 17.15 -32.01 -50.54
N GLY H 46 16.30 -32.91 -51.04
CA GLY H 46 16.39 -34.34 -50.81
C GLY H 46 16.63 -34.76 -49.37
N GLN H 47 15.81 -34.28 -48.44
CA GLN H 47 15.86 -34.78 -47.07
C GLN H 47 14.47 -34.70 -46.46
N SER H 48 14.37 -35.37 -45.32
CA SER H 48 13.25 -35.34 -44.41
C SER H 48 13.12 -33.94 -43.87
N PRO H 49 11.97 -33.60 -43.24
CA PRO H 49 11.91 -32.33 -42.51
C PRO H 49 12.83 -32.32 -41.31
N GLN H 50 13.01 -31.13 -40.71
CA GLN H 50 13.84 -30.94 -39.54
C GLN H 50 13.16 -29.91 -38.64
N LEU H 51 13.34 -30.06 -37.33
CA LEU H 51 12.70 -29.13 -36.40
C LEU H 51 13.53 -27.86 -36.22
N LEU H 52 12.86 -26.71 -36.33
CA LEU H 52 13.46 -25.42 -36.02
C LEU H 52 12.93 -24.82 -34.72
N ILE H 53 11.61 -24.71 -34.57
CA ILE H 53 10.98 -23.99 -33.47
C ILE H 53 9.80 -24.82 -32.97
N TYR H 54 9.69 -25.06 -31.66
CA TYR H 54 8.79 -26.10 -31.19
C TYR H 54 7.62 -25.59 -30.38
N LEU H 55 7.64 -24.33 -29.95
CA LEU H 55 6.43 -23.60 -29.60
C LEU H 55 6.64 -22.20 -30.14
N ALA H 56 5.57 -21.39 -30.14
CA ALA H 56 5.58 -20.11 -30.85
C ALA H 56 7.00 -19.54 -30.81
N SER H 57 7.62 -19.42 -29.62
CA SER H 57 8.85 -18.67 -29.45
C SER H 57 10.15 -19.49 -29.34
N ASN H 58 10.08 -20.79 -29.07
CA ASN H 58 11.20 -21.56 -28.55
C ASN H 58 11.97 -22.26 -29.67
N ARG H 59 13.29 -22.04 -29.74
CA ARG H 59 14.13 -22.84 -30.62
C ARG H 59 14.41 -24.22 -30.05
N ALA H 60 14.58 -25.19 -30.95
CA ALA H 60 14.95 -26.57 -30.65
C ALA H 60 16.45 -26.68 -30.41
N SER H 61 16.85 -27.83 -29.84
CA SER H 61 18.28 -28.04 -29.60
C SER H 61 19.01 -28.39 -30.88
N GLY H 62 20.25 -27.91 -30.99
CA GLY H 62 21.08 -28.11 -32.15
C GLY H 62 20.82 -27.15 -33.29
N VAL H 63 19.75 -26.39 -33.25
CA VAL H 63 19.43 -25.43 -34.32
C VAL H 63 20.39 -24.25 -34.20
N PRO H 64 20.97 -23.76 -35.30
CA PRO H 64 21.88 -22.61 -35.20
C PRO H 64 21.22 -21.39 -34.58
N ASP H 65 22.03 -20.61 -33.86
CA ASP H 65 21.54 -19.47 -33.08
C ASP H 65 20.98 -18.34 -33.94
N ARG H 66 20.86 -18.51 -35.25
CA ARG H 66 20.46 -17.39 -36.11
C ARG H 66 18.94 -17.23 -36.24
N PHE H 67 18.13 -18.21 -35.86
CA PHE H 67 16.68 -18.16 -36.06
C PHE H 67 15.99 -17.51 -34.87
N SER H 68 14.76 -16.99 -35.09
CA SER H 68 14.04 -16.46 -33.93
C SER H 68 12.55 -16.51 -34.24
N GLY H 69 11.71 -16.70 -33.23
CA GLY H 69 10.28 -16.77 -33.45
C GLY H 69 9.48 -15.77 -32.62
N SER H 70 8.30 -15.41 -33.14
CA SER H 70 7.45 -14.44 -32.46
C SER H 70 6.00 -14.59 -32.91
N GLY H 71 5.11 -13.96 -32.16
CA GLY H 71 3.69 -13.91 -32.46
C GLY H 71 2.85 -14.57 -31.37
N SER H 72 1.55 -14.30 -31.47
CA SER H 72 0.57 -14.90 -30.56
C SER H 72 -0.81 -14.77 -31.18
N GLY H 73 -1.74 -15.57 -30.68
CA GLY H 73 -3.08 -15.59 -31.21
C GLY H 73 -3.16 -16.30 -32.54
N THR H 74 -3.39 -15.56 -33.63
CA THR H 74 -3.50 -16.19 -34.94
C THR H 74 -2.23 -16.04 -35.79
N TYR H 75 -1.40 -15.03 -35.54
CA TYR H 75 -0.37 -14.62 -36.48
C TYR H 75 1.02 -14.84 -35.88
N PHE H 76 1.87 -15.60 -36.59
CA PHE H 76 3.20 -16.01 -36.13
C PHE H 76 4.23 -15.71 -37.21
N THR H 77 5.50 -15.57 -36.80
CA THR H 77 6.59 -15.15 -37.67
C THR H 77 7.88 -15.89 -37.35
N LEU H 78 8.62 -16.28 -38.40
CA LEU H 78 9.97 -16.81 -38.29
C LEU H 78 10.95 -15.76 -38.81
N LYS H 79 11.97 -15.45 -38.00
CA LYS H 79 12.99 -14.47 -38.32
C LYS H 79 14.33 -15.17 -38.51
N ILE H 80 15.06 -14.78 -39.55
CA ILE H 80 16.44 -15.19 -39.77
C ILE H 80 17.29 -13.93 -39.71
N SER H 81 18.20 -13.88 -38.75
CA SER H 81 18.94 -12.64 -38.49
C SER H 81 19.99 -12.40 -39.58
N ARG H 82 20.76 -13.41 -39.94
CA ARG H 82 21.52 -13.43 -41.19
C ARG H 82 21.30 -14.76 -41.89
N VAL H 83 20.97 -14.71 -43.17
CA VAL H 83 20.78 -15.92 -43.96
C VAL H 83 22.12 -16.42 -44.47
N GLU H 84 22.32 -17.73 -44.45
CA GLU H 84 23.57 -18.34 -44.90
C GLU H 84 23.25 -19.54 -45.77
N ALA H 85 24.28 -19.99 -46.51
CA ALA H 85 24.05 -20.89 -47.63
C ALA H 85 23.41 -22.21 -47.23
N GLU H 86 23.43 -22.56 -45.94
CA GLU H 86 22.81 -23.80 -45.51
C GLU H 86 21.31 -23.69 -45.30
N ASP H 87 20.70 -22.52 -45.54
CA ASP H 87 19.30 -22.29 -45.21
C ASP H 87 18.34 -22.55 -46.36
N VAL H 88 18.82 -22.97 -47.52
CA VAL H 88 17.92 -23.20 -48.65
C VAL H 88 17.01 -24.38 -48.33
N GLY H 89 15.72 -24.22 -48.62
CA GLY H 89 14.79 -25.31 -48.41
C GLY H 89 13.35 -24.83 -48.46
N VAL H 90 12.46 -25.70 -48.01
CA VAL H 90 11.04 -25.43 -47.91
C VAL H 90 10.68 -25.37 -46.43
N TYR H 91 10.06 -24.27 -46.00
CA TYR H 91 9.70 -24.09 -44.61
C TYR H 91 8.18 -24.23 -44.45
N TYR H 92 7.79 -25.13 -43.56
CA TYR H 92 6.41 -25.36 -43.15
C TYR H 92 6.18 -24.95 -41.70
N CYS H 93 5.07 -24.28 -41.45
CA CYS H 93 4.53 -24.19 -40.11
C CYS H 93 3.70 -25.42 -39.79
N MET H 94 3.41 -25.60 -38.51
CA MET H 94 2.50 -26.64 -38.07
C MET H 94 1.78 -26.16 -36.83
N GLN H 95 0.59 -26.70 -36.58
CA GLN H 95 -0.10 -26.48 -35.33
C GLN H 95 -0.49 -27.80 -34.70
N ALA H 96 -0.39 -27.86 -33.37
CA ALA H 96 -0.64 -29.07 -32.61
C ALA H 96 -1.73 -28.87 -31.57
N VAL H 97 -2.67 -27.98 -31.82
CA VAL H 97 -3.71 -27.68 -30.83
C VAL H 97 -4.79 -28.77 -30.85
N GLN H 98 -5.29 -29.10 -32.03
CA GLN H 98 -6.44 -29.98 -32.15
C GLN H 98 -6.00 -31.42 -32.48
N THR H 99 -6.97 -32.31 -32.58
CA THR H 99 -6.67 -33.74 -32.72
C THR H 99 -6.12 -34.03 -34.11
N PRO H 100 -6.53 -33.32 -35.18
CA PRO H 100 -5.78 -33.38 -36.43
C PRO H 100 -4.76 -32.25 -36.54
N TRP H 101 -3.49 -32.60 -36.67
CA TRP H 101 -2.46 -31.59 -36.86
C TRP H 101 -2.39 -31.24 -38.34
N THR H 102 -2.16 -29.95 -38.63
CA THR H 102 -2.10 -29.47 -40.00
C THR H 102 -0.85 -28.66 -40.24
N PHE H 103 -0.25 -28.86 -41.41
CA PHE H 103 0.95 -28.14 -41.83
C PHE H 103 0.58 -27.03 -42.80
N GLY H 104 1.43 -26.00 -42.87
CA GLY H 104 1.26 -24.95 -43.84
C GLY H 104 1.53 -25.40 -45.27
N GLN H 105 1.37 -24.42 -46.17
CA GLN H 105 1.51 -24.59 -47.61
C GLN H 105 2.96 -24.76 -48.05
N GLY H 106 3.91 -24.21 -47.29
CA GLY H 106 5.33 -24.39 -47.59
C GLY H 106 6.02 -23.29 -48.38
N THR H 107 6.63 -22.34 -47.68
CA THR H 107 7.42 -21.29 -48.32
C THR H 107 8.74 -21.82 -48.83
N LYS H 108 8.96 -21.76 -50.14
CA LYS H 108 10.28 -22.06 -50.68
C LYS H 108 11.18 -20.86 -50.42
N VAL H 109 12.46 -21.12 -50.18
CA VAL H 109 13.50 -20.10 -50.07
C VAL H 109 14.51 -20.30 -51.17
N GLU H 110 14.66 -19.28 -52.01
CA GLU H 110 15.47 -19.32 -53.22
C GLU H 110 16.51 -18.20 -53.15
N ILE H 111 17.78 -18.56 -53.29
CA ILE H 111 18.86 -17.57 -53.19
C ILE H 111 18.96 -16.82 -54.51
N LYS H 112 19.29 -15.53 -54.43
CA LYS H 112 19.13 -14.62 -55.57
C LYS H 112 20.44 -13.94 -56.02
N GLU I 1 23.16 -21.46 15.94
CA GLU I 1 23.47 -22.92 15.95
C GLU I 1 22.42 -23.83 15.32
N PHE I 2 22.94 -24.75 14.51
CA PHE I 2 22.15 -25.47 13.52
C PHE I 2 20.97 -26.14 14.19
N LEU I 3 19.89 -26.27 13.44
CA LEU I 3 18.63 -26.79 13.96
C LEU I 3 18.65 -28.32 13.88
N ASN I 4 18.60 -28.99 15.03
CA ASN I 4 18.37 -30.42 15.03
C ASN I 4 16.95 -30.73 14.55
N ASN I 5 16.77 -31.94 14.03
CA ASN I 5 15.43 -32.52 13.94
C ASN I 5 15.48 -34.03 14.15
N THR I 6 16.46 -34.50 14.90
CA THR I 6 16.58 -35.92 15.25
C THR I 6 15.66 -36.29 16.40
N GLU I 7 14.37 -35.98 16.30
CA GLU I 7 13.41 -36.20 17.37
C GLU I 7 12.10 -36.72 16.80
N PRO I 8 11.34 -37.51 17.56
CA PRO I 8 10.22 -38.21 16.93
C PRO I 8 9.07 -37.27 16.60
N LEU I 9 8.23 -37.72 15.67
CA LEU I 9 7.02 -36.98 15.36
C LEU I 9 5.97 -37.20 16.45
N CYS I 10 5.30 -36.11 16.80
CA CYS I 10 4.29 -36.12 17.84
C CYS I 10 3.06 -36.91 17.44
N ASN I 11 2.51 -37.65 18.40
CA ASN I 11 1.20 -38.26 18.23
C ASN I 11 0.11 -37.21 18.40
N VAL I 12 -0.81 -37.17 17.44
CA VAL I 12 -1.88 -36.19 17.39
C VAL I 12 -3.23 -36.85 17.13
N SER I 13 -4.28 -36.20 17.65
CA SER I 13 -5.62 -36.76 17.68
C SER I 13 -6.62 -35.96 16.88
N GLY I 14 -6.30 -34.72 16.53
CA GLY I 14 -7.10 -33.93 15.62
C GLY I 14 -6.31 -32.71 15.22
N PHE I 15 -6.74 -32.06 14.15
CA PHE I 15 -6.01 -30.94 13.58
C PHE I 15 -6.85 -29.67 13.66
N ALA I 16 -6.26 -28.65 14.30
CA ALA I 16 -6.88 -27.37 14.59
C ALA I 16 -6.35 -26.30 13.65
N ILE I 17 -7.21 -25.37 13.24
CA ILE I 17 -6.80 -24.39 12.24
C ILE I 17 -5.88 -23.36 12.86
N VAL I 18 -4.95 -22.84 12.04
CA VAL I 18 -3.92 -21.92 12.49
C VAL I 18 -3.94 -20.61 11.73
N SER I 19 -4.11 -20.64 10.41
CA SER I 19 -4.13 -19.41 9.63
C SER I 19 -4.96 -19.57 8.35
N LYS I 20 -5.26 -18.44 7.71
CA LYS I 20 -6.09 -18.39 6.51
C LYS I 20 -5.80 -17.08 5.78
N ASP I 21 -5.20 -17.22 4.60
CA ASP I 21 -4.77 -16.03 3.87
C ASP I 21 -5.93 -15.07 3.62
N ASN I 22 -7.07 -15.57 3.17
CA ASN I 22 -8.11 -14.73 2.56
C ASN I 22 -7.55 -13.94 1.38
N GLY I 23 -6.61 -14.54 0.66
CA GLY I 23 -5.92 -13.80 -0.38
C GLY I 23 -6.83 -13.26 -1.46
N ILE I 24 -7.66 -14.13 -2.04
CA ILE I 24 -8.49 -13.71 -3.18
C ILE I 24 -9.58 -12.75 -2.73
N ARG I 25 -10.12 -12.98 -1.54
CA ARG I 25 -11.13 -12.10 -0.94
C ARG I 25 -10.61 -10.70 -0.65
N ILE I 26 -9.36 -10.59 -0.20
CA ILE I 26 -8.80 -9.27 0.01
C ILE I 26 -8.33 -8.67 -1.31
N GLY I 27 -7.90 -9.51 -2.24
CA GLY I 27 -7.32 -9.08 -3.50
C GLY I 27 -8.30 -8.42 -4.46
N SER I 28 -9.59 -8.45 -4.14
CA SER I 28 -10.58 -7.81 -4.99
C SER I 28 -10.45 -6.30 -5.00
N ARG I 29 -9.91 -5.72 -3.93
CA ARG I 29 -9.51 -4.32 -3.98
C ARG I 29 -8.06 -4.10 -3.61
N GLY I 30 -7.50 -4.92 -2.73
CA GLY I 30 -6.14 -4.70 -2.31
C GLY I 30 -5.13 -5.16 -3.33
N HIS I 31 -3.88 -4.72 -3.16
CA HIS I 31 -2.82 -5.14 -4.08
C HIS I 31 -2.26 -6.50 -3.66
N VAL I 32 -2.73 -7.56 -4.33
CA VAL I 32 -2.39 -8.94 -4.00
C VAL I 32 -1.95 -9.67 -5.26
N PHE I 33 -0.93 -10.52 -5.12
CA PHE I 33 -0.33 -11.24 -6.25
C PHE I 33 -1.19 -12.42 -6.71
N VAL I 34 -1.02 -12.82 -7.98
CA VAL I 34 -1.52 -14.09 -8.50
C VAL I 34 -0.52 -15.19 -8.22
N ILE I 35 -1.02 -16.29 -7.67
CA ILE I 35 -0.24 -17.41 -7.19
C ILE I 35 -0.87 -18.67 -7.75
N ARG I 36 -0.06 -19.55 -8.32
CA ARG I 36 -0.66 -20.86 -8.59
C ARG I 36 -0.52 -21.78 -7.38
N GLU I 37 0.69 -21.95 -6.82
CA GLU I 37 0.81 -22.85 -5.68
C GLU I 37 1.61 -22.25 -4.52
N PRO I 38 1.11 -22.35 -3.27
CA PRO I 38 1.86 -21.87 -2.11
C PRO I 38 2.54 -22.99 -1.33
N PHE I 39 3.24 -22.65 -0.25
CA PHE I 39 3.60 -23.62 0.77
C PHE I 39 4.08 -22.88 2.00
N VAL I 40 4.30 -23.62 3.09
CA VAL I 40 4.72 -23.04 4.37
C VAL I 40 5.97 -23.75 4.85
N ALA I 41 6.83 -23.00 5.54
CA ALA I 41 8.05 -23.52 6.12
C ALA I 41 8.37 -22.76 7.40
N CYS I 42 8.95 -23.43 8.38
CA CYS I 42 9.11 -22.85 9.71
C CYS I 42 10.58 -22.79 10.10
N GLY I 43 11.01 -21.60 10.52
CA GLY I 43 12.31 -21.37 11.10
C GLY I 43 12.23 -21.45 12.60
N PRO I 44 13.29 -21.00 13.28
CA PRO I 44 13.24 -20.98 14.74
C PRO I 44 12.56 -19.76 15.32
N THR I 45 12.43 -18.68 14.55
CA THR I 45 11.71 -17.50 14.99
C THR I 45 10.31 -17.39 14.37
N GLU I 46 10.12 -17.66 13.08
CA GLU I 46 8.73 -17.68 12.65
C GLU I 46 8.52 -18.67 11.51
N CYS I 47 7.25 -18.93 11.22
CA CYS I 47 6.83 -19.66 10.04
C CYS I 47 6.36 -18.68 8.98
N ARG I 48 6.66 -19.00 7.72
CA ARG I 48 6.46 -18.09 6.59
C ARG I 48 5.75 -18.83 5.46
N THR I 49 4.79 -18.16 4.84
CA THR I 49 4.13 -18.64 3.63
C THR I 49 4.97 -18.28 2.41
N PHE I 50 5.56 -19.27 1.78
CA PHE I 50 6.20 -19.12 0.48
C PHE I 50 5.15 -19.27 -0.62
N PHE I 51 5.41 -18.65 -1.78
CA PHE I 51 4.51 -18.83 -2.91
C PHE I 51 5.21 -18.43 -4.19
N LEU I 52 4.76 -19.05 -5.30
CA LEU I 52 5.31 -18.77 -6.63
C LEU I 52 4.38 -17.78 -7.32
N THR I 53 4.69 -16.49 -7.20
CA THR I 53 3.91 -15.48 -7.87
C THR I 53 3.98 -15.68 -9.38
N GLN I 54 3.08 -15.00 -10.09
CA GLN I 54 3.12 -14.95 -11.55
C GLN I 54 3.44 -13.56 -12.07
N GLY I 55 4.08 -12.73 -11.26
CA GLY I 55 4.58 -11.43 -11.68
C GLY I 55 3.51 -10.40 -11.95
N ALA I 56 2.30 -10.63 -11.46
CA ALA I 56 1.18 -9.74 -11.74
C ALA I 56 0.16 -9.87 -10.61
N LEU I 57 -0.68 -8.85 -10.49
CA LEU I 57 -1.62 -8.68 -9.40
C LEU I 57 -3.02 -9.00 -9.89
N LEU I 58 -3.90 -9.30 -8.95
CA LEU I 58 -5.29 -9.57 -9.29
C LEU I 58 -5.95 -8.30 -9.82
N ASN I 59 -6.89 -8.49 -10.75
CA ASN I 59 -7.58 -7.41 -11.46
C ASN I 59 -6.68 -6.56 -12.35
N ASP I 60 -5.39 -6.90 -12.45
CA ASP I 60 -4.49 -6.18 -13.33
C ASP I 60 -4.45 -6.87 -14.68
N LYS I 61 -4.32 -6.10 -15.77
CA LYS I 61 -4.45 -6.77 -17.04
C LYS I 61 -3.33 -7.78 -17.26
N HIS I 62 -2.19 -7.63 -16.57
CA HIS I 62 -1.11 -8.58 -16.81
C HIS I 62 -1.35 -9.93 -16.17
N SER I 63 -2.53 -10.13 -15.56
CA SER I 63 -2.94 -11.45 -15.08
C SER I 63 -3.66 -12.29 -16.10
N ASN I 64 -3.82 -11.80 -17.33
CA ASN I 64 -4.69 -12.44 -18.30
C ASN I 64 -4.39 -13.93 -18.47
N ASN I 65 -3.23 -14.30 -19.03
CA ASN I 65 -2.95 -15.69 -19.35
C ASN I 65 -2.28 -16.45 -18.20
N THR I 66 -2.67 -16.20 -16.96
CA THR I 66 -1.99 -16.86 -15.85
C THR I 66 -2.40 -18.32 -15.66
N VAL I 67 -3.08 -19.01 -16.56
CA VAL I 67 -3.15 -20.46 -16.46
C VAL I 67 -1.79 -21.06 -16.78
N LYS I 68 -1.01 -20.40 -17.63
CA LYS I 68 0.32 -20.86 -18.04
C LYS I 68 1.27 -20.97 -16.86
N ASP I 69 1.65 -22.20 -16.52
CA ASP I 69 2.35 -22.48 -15.27
C ASP I 69 3.87 -22.43 -15.36
N ARG I 70 4.47 -22.09 -16.50
CA ARG I 70 5.92 -21.91 -16.57
C ARG I 70 6.25 -20.77 -17.52
N SER I 71 6.97 -19.77 -17.02
CA SER I 71 7.28 -18.57 -17.77
C SER I 71 8.45 -17.87 -17.09
N PRO I 72 9.11 -16.92 -17.77
CA PRO I 72 10.25 -16.25 -17.15
C PRO I 72 9.88 -15.23 -16.11
N TYR I 73 8.60 -15.00 -15.86
CA TYR I 73 8.17 -13.96 -14.94
C TYR I 73 7.92 -14.46 -13.52
N ARG I 74 7.79 -15.77 -13.31
CA ARG I 74 7.45 -16.26 -11.99
C ARG I 74 8.61 -16.06 -11.02
N ALA I 75 8.28 -15.87 -9.75
CA ALA I 75 9.30 -15.71 -8.72
C ALA I 75 8.79 -16.24 -7.39
N LEU I 76 9.68 -16.81 -6.59
CA LEU I 76 9.33 -17.24 -5.24
C LEU I 76 9.46 -16.06 -4.27
N MET I 77 8.37 -15.69 -3.60
CA MET I 77 8.45 -14.72 -2.52
C MET I 77 7.90 -15.40 -1.27
N SER I 78 7.88 -14.64 -0.18
CA SER I 78 7.69 -15.17 1.16
C SER I 78 7.10 -14.10 2.09
N VAL I 79 6.05 -14.48 2.81
CA VAL I 79 5.24 -13.58 3.64
C VAL I 79 4.98 -14.29 4.96
N PRO I 80 4.93 -13.60 6.10
CA PRO I 80 4.86 -14.31 7.37
C PRO I 80 3.51 -14.99 7.56
N LEU I 81 3.51 -16.09 8.31
CA LEU I 81 2.37 -17.00 8.29
C LEU I 81 1.08 -16.26 8.58
N GLY I 82 0.19 -16.26 7.60
CA GLY I 82 -1.17 -15.79 7.75
C GLY I 82 -1.46 -14.48 7.07
N SER I 83 -0.46 -13.65 6.84
CA SER I 83 -0.69 -12.39 6.14
C SER I 83 -0.94 -12.66 4.66
N SER I 84 -1.80 -11.84 4.06
CA SER I 84 -2.16 -12.03 2.67
C SER I 84 -0.91 -11.86 1.81
N PRO I 85 -0.90 -12.45 0.61
CA PRO I 85 0.26 -12.34 -0.29
C PRO I 85 0.31 -11.00 -1.02
N ASN I 86 0.47 -9.92 -0.26
CA ASN I 86 0.33 -8.59 -0.82
C ASN I 86 1.64 -8.07 -1.37
N ALA I 87 1.51 -7.06 -2.23
CA ALA I 87 2.65 -6.56 -2.99
C ALA I 87 3.70 -5.88 -2.13
N TYR I 88 3.35 -5.41 -0.94
CA TYR I 88 4.27 -4.57 -0.18
C TYR I 88 4.93 -5.26 1.00
N GLN I 89 4.45 -6.43 1.41
CA GLN I 89 5.06 -7.18 2.51
C GLN I 89 5.76 -8.46 2.08
N ALA I 90 5.78 -8.77 0.79
CA ALA I 90 6.39 -9.98 0.25
C ALA I 90 7.89 -9.80 0.04
N LYS I 91 8.68 -10.55 0.79
CA LYS I 91 10.12 -10.56 0.62
C LYS I 91 10.53 -11.49 -0.51
N PHE I 92 11.32 -10.99 -1.45
CA PHE I 92 11.74 -11.78 -2.59
C PHE I 92 12.73 -12.84 -2.15
N GLU I 93 12.58 -14.03 -2.70
CA GLU I 93 13.47 -15.13 -2.37
C GLU I 93 14.22 -15.66 -3.59
N SER I 94 13.54 -16.04 -4.67
CA SER I 94 14.23 -16.60 -5.82
C SER I 94 13.48 -16.28 -7.10
N VAL I 95 14.16 -16.40 -8.24
CA VAL I 95 13.49 -16.54 -9.54
C VAL I 95 13.30 -18.02 -9.81
N ALA I 96 12.08 -18.40 -10.18
CA ALA I 96 11.72 -19.81 -10.08
C ALA I 96 10.34 -20.03 -10.66
N TRP I 97 10.20 -21.13 -11.41
CA TRP I 97 8.91 -21.70 -11.75
C TRP I 97 8.74 -23.10 -11.24
N SER I 98 9.43 -23.47 -10.15
CA SER I 98 9.19 -24.67 -9.34
C SER I 98 10.21 -24.65 -8.21
N ALA I 99 9.78 -24.53 -6.94
CA ALA I 99 10.84 -24.38 -5.96
C ALA I 99 10.60 -25.18 -4.68
N THR I 100 11.53 -25.03 -3.73
CA THR I 100 11.45 -25.54 -2.36
C THR I 100 12.29 -24.64 -1.44
N ALA I 101 11.93 -24.57 -0.15
CA ALA I 101 12.68 -23.75 0.80
C ALA I 101 12.52 -24.28 2.22
N CYS I 102 13.52 -24.01 3.07
CA CYS I 102 13.54 -24.45 4.47
C CYS I 102 14.70 -23.80 5.21
N HIS I 103 14.61 -23.77 6.53
CA HIS I 103 15.53 -23.06 7.40
C HIS I 103 16.36 -24.07 8.18
N ASP I 104 17.69 -23.93 8.12
CA ASP I 104 18.58 -24.91 8.73
C ASP I 104 19.03 -24.50 10.12
N GLY I 105 18.44 -23.48 10.71
CA GLY I 105 18.83 -22.97 12.01
C GLY I 105 19.69 -21.73 11.96
N LYS I 106 20.40 -21.51 10.86
CA LYS I 106 21.16 -20.28 10.64
C LYS I 106 20.47 -19.38 9.62
N LYS I 107 20.22 -19.88 8.41
CA LYS I 107 19.72 -19.04 7.32
C LYS I 107 18.84 -19.85 6.38
N TRP I 108 17.97 -19.12 5.69
CA TRP I 108 16.96 -19.74 4.82
C TRP I 108 17.49 -20.17 3.47
N LEU I 109 17.40 -21.47 3.19
CA LEU I 109 17.79 -22.04 1.91
C LEU I 109 16.58 -22.08 0.99
N ALA I 110 16.76 -21.63 -0.26
CA ALA I 110 15.71 -21.77 -1.24
C ALA I 110 16.27 -22.22 -2.58
N VAL I 111 15.59 -23.16 -3.22
CA VAL I 111 16.00 -23.74 -4.50
C VAL I 111 15.01 -23.30 -5.57
N GLY I 112 15.46 -22.48 -6.52
CA GLY I 112 14.60 -22.01 -7.60
C GLY I 112 15.00 -22.46 -8.99
N ILE I 113 14.15 -23.26 -9.62
CA ILE I 113 14.39 -23.78 -10.97
C ILE I 113 13.96 -22.75 -12.00
N SER I 114 14.78 -22.55 -13.03
CA SER I 114 14.44 -21.64 -14.12
C SER I 114 15.11 -22.15 -15.39
N GLY I 115 14.96 -21.41 -16.49
CA GLY I 115 15.46 -21.82 -17.78
C GLY I 115 14.42 -22.50 -18.64
N ALA I 116 14.79 -22.74 -19.89
CA ALA I 116 13.83 -23.22 -20.88
C ALA I 116 13.49 -24.69 -20.63
N ASP I 117 12.37 -25.13 -21.24
CA ASP I 117 11.87 -26.47 -20.98
C ASP I 117 12.95 -27.51 -21.17
N ASP I 118 13.65 -27.46 -22.30
CA ASP I 118 14.56 -28.53 -22.67
C ASP I 118 15.92 -28.39 -22.02
N ASP I 119 16.14 -27.36 -21.19
CA ASP I 119 17.47 -27.09 -20.68
C ASP I 119 17.45 -26.39 -19.32
N ALA I 120 16.54 -26.79 -18.43
CA ALA I 120 16.34 -26.09 -17.17
C ALA I 120 17.50 -26.30 -16.21
N TYR I 121 17.57 -25.44 -15.17
CA TYR I 121 18.60 -25.54 -14.14
C TYR I 121 18.10 -24.91 -12.85
N ALA I 122 18.62 -25.39 -11.72
CA ALA I 122 18.23 -24.95 -10.40
C ALA I 122 19.34 -24.11 -9.77
N VAL I 123 18.97 -23.02 -9.11
CA VAL I 123 19.90 -22.15 -8.40
C VAL I 123 19.59 -22.22 -6.91
N ILE I 124 20.60 -22.54 -6.11
CA ILE I 124 20.41 -22.81 -4.69
C ILE I 124 20.81 -21.56 -3.92
N HIS I 125 19.83 -20.77 -3.51
CA HIS I 125 20.08 -19.61 -2.69
C HIS I 125 20.25 -20.00 -1.23
N TYR I 126 21.10 -19.26 -0.51
CA TYR I 126 21.32 -19.51 0.91
C TYR I 126 21.60 -18.17 1.60
N GLY I 127 20.59 -17.63 2.27
CA GLY I 127 20.73 -16.34 2.91
C GLY I 127 20.80 -15.19 1.95
N GLY I 128 20.19 -15.32 0.77
CA GLY I 128 20.10 -14.23 -0.18
C GLY I 128 21.17 -14.20 -1.25
N MET I 129 21.94 -15.27 -1.43
CA MET I 129 22.99 -15.27 -2.42
C MET I 129 23.07 -16.64 -3.09
N PRO I 130 23.28 -16.70 -4.39
CA PRO I 130 23.34 -17.99 -5.09
C PRO I 130 24.65 -18.71 -4.79
N THR I 131 24.55 -19.87 -4.16
CA THR I 131 25.74 -20.64 -3.81
C THR I 131 26.04 -21.80 -4.74
N ASP I 132 25.07 -22.32 -5.50
CA ASP I 132 25.36 -23.48 -6.34
C ASP I 132 24.31 -23.58 -7.44
N VAL I 133 24.57 -24.46 -8.42
CA VAL I 133 23.65 -24.71 -9.53
C VAL I 133 23.62 -26.19 -9.87
N VAL I 134 22.42 -26.71 -10.15
CA VAL I 134 22.18 -28.09 -10.56
C VAL I 134 21.45 -28.08 -11.90
N ARG I 135 22.07 -28.65 -12.93
CA ARG I 135 21.46 -28.68 -14.26
C ARG I 135 20.73 -30.00 -14.49
N SER I 136 19.74 -29.95 -15.39
CA SER I 136 19.05 -31.16 -15.83
C SER I 136 20.03 -32.26 -16.24
N TRP I 137 19.56 -33.51 -16.25
CA TRP I 137 20.38 -34.63 -16.72
C TRP I 137 19.68 -35.49 -17.78
N ARG I 138 18.34 -35.49 -17.81
CA ARG I 138 17.56 -36.01 -18.94
C ARG I 138 17.00 -34.92 -19.84
N LYS I 139 17.09 -33.65 -19.44
CA LYS I 139 16.93 -32.51 -20.34
C LYS I 139 15.48 -32.42 -20.75
N GLN I 140 14.60 -32.80 -19.82
CA GLN I 140 13.19 -32.46 -19.87
C GLN I 140 12.89 -31.63 -18.62
N ILE I 141 11.62 -31.32 -18.35
CA ILE I 141 11.27 -30.43 -17.24
C ILE I 141 11.94 -30.92 -15.95
N LEU I 142 12.82 -30.11 -15.39
CA LEU I 142 13.33 -30.34 -14.04
C LEU I 142 12.32 -29.85 -13.00
N ARG I 143 12.16 -30.61 -11.90
CA ARG I 143 11.20 -30.28 -10.84
C ARG I 143 11.83 -30.53 -9.47
N THR I 144 11.53 -29.64 -8.51
CA THR I 144 11.68 -29.91 -7.08
C THR I 144 10.34 -30.27 -6.45
N GLN I 145 10.38 -30.68 -5.18
CA GLN I 145 9.14 -30.87 -4.43
C GLN I 145 8.56 -29.52 -4.08
N GLU I 146 7.30 -29.29 -4.42
CA GLU I 146 6.64 -28.01 -4.18
C GLU I 146 6.25 -27.80 -2.73
N SER I 147 7.14 -28.09 -1.78
CA SER I 147 6.92 -27.84 -0.36
C SER I 147 8.29 -27.89 0.32
N SER I 148 8.33 -27.53 1.60
CA SER I 148 9.63 -27.32 2.22
C SER I 148 10.53 -28.55 2.10
N CYS I 149 11.82 -28.29 2.09
CA CYS I 149 12.89 -29.26 2.28
C CYS I 149 13.04 -29.61 3.76
N VAL I 150 13.83 -30.66 4.03
CA VAL I 150 13.97 -31.23 5.38
C VAL I 150 15.41 -31.10 5.84
N CYS I 151 15.63 -30.34 6.91
CA CYS I 151 16.96 -30.11 7.42
C CYS I 151 17.19 -30.90 8.71
N MET I 152 18.33 -31.58 8.80
CA MET I 152 18.72 -32.35 9.98
C MET I 152 20.22 -32.22 10.22
N ASN I 153 20.61 -32.01 11.48
CA ASN I 153 22.00 -31.75 11.89
C ASN I 153 22.70 -30.80 10.93
N GLY I 154 21.96 -29.83 10.40
CA GLY I 154 22.53 -28.78 9.59
C GLY I 154 22.62 -29.06 8.11
N ASN I 155 22.31 -30.29 7.70
CA ASN I 155 22.21 -30.66 6.29
C ASN I 155 20.76 -30.58 5.85
N CYS I 156 20.51 -30.04 4.66
CA CYS I 156 19.15 -29.94 4.16
C CYS I 156 18.97 -30.78 2.90
N TYR I 157 17.86 -31.53 2.85
CA TYR I 157 17.61 -32.58 1.87
C TYR I 157 16.38 -32.26 1.03
N TRP I 158 16.35 -32.75 -0.21
CA TRP I 158 15.18 -32.60 -1.06
C TRP I 158 15.27 -33.57 -2.23
N VAL I 159 14.11 -33.84 -2.86
CA VAL I 159 14.01 -34.73 -4.02
C VAL I 159 13.78 -33.88 -5.26
N MET I 160 14.42 -34.22 -6.36
CA MET I 160 14.21 -33.59 -7.65
C MET I 160 14.02 -34.64 -8.73
N THR I 161 13.34 -34.28 -9.83
CA THR I 161 13.08 -35.26 -10.88
C THR I 161 13.09 -34.63 -12.28
N ASP I 162 13.59 -35.42 -13.23
CA ASP I 162 13.76 -35.01 -14.61
C ASP I 162 13.28 -36.14 -15.51
N GLY I 163 12.48 -35.82 -16.52
CA GLY I 163 11.91 -36.83 -17.38
C GLY I 163 10.41 -36.68 -17.60
N PRO I 164 9.79 -37.70 -18.18
CA PRO I 164 8.39 -37.56 -18.59
C PRO I 164 7.43 -37.38 -17.43
N ALA I 165 6.21 -36.97 -17.77
CA ALA I 165 5.13 -36.89 -16.80
C ALA I 165 4.32 -38.16 -16.76
N ASN I 166 3.88 -38.65 -17.92
CA ASN I 166 3.02 -39.82 -18.02
C ASN I 166 3.80 -41.11 -18.18
N SER I 167 5.09 -41.12 -17.83
CA SER I 167 5.90 -42.31 -18.02
C SER I 167 7.13 -42.23 -17.11
N GLN I 168 7.85 -43.34 -17.01
CA GLN I 168 8.91 -43.43 -16.01
C GLN I 168 10.00 -42.40 -16.27
N ALA I 169 10.42 -41.72 -15.20
CA ALA I 169 11.33 -40.58 -15.23
C ALA I 169 12.64 -40.97 -14.55
N SER I 170 13.41 -39.96 -14.12
CA SER I 170 14.55 -40.15 -13.24
C SER I 170 14.46 -39.25 -12.02
N TYR I 171 14.69 -39.82 -10.84
CA TYR I 171 14.49 -39.13 -9.57
C TYR I 171 15.77 -39.19 -8.76
N LYS I 172 16.13 -38.08 -8.09
CA LYS I 172 17.40 -37.99 -7.36
C LYS I 172 17.21 -37.30 -6.03
N ILE I 173 17.90 -37.78 -5.00
CA ILE I 173 17.87 -37.23 -3.65
C ILE I 173 19.12 -36.38 -3.45
N PHE I 174 18.94 -35.13 -3.01
CA PHE I 174 20.03 -34.18 -2.84
C PHE I 174 20.26 -33.84 -1.36
N LYS I 175 21.44 -33.29 -1.07
CA LYS I 175 21.94 -33.03 0.28
C LYS I 175 22.89 -31.85 0.22
N SER I 176 22.67 -30.84 1.07
CA SER I 176 23.45 -29.60 1.02
C SER I 176 23.99 -29.20 2.39
N HIS I 177 25.24 -28.70 2.42
CA HIS I 177 25.70 -28.03 3.63
C HIS I 177 26.10 -26.59 3.35
N GLU I 178 25.53 -25.68 4.14
CA GLU I 178 25.59 -24.24 3.91
C GLU I 178 25.51 -23.90 2.43
N GLY I 179 24.29 -23.96 1.88
CA GLY I 179 24.04 -23.91 0.45
C GLY I 179 24.44 -25.02 -0.50
N MET I 180 25.75 -25.20 -0.70
CA MET I 180 26.22 -25.94 -1.86
C MET I 180 26.01 -27.44 -1.69
N VAL I 181 25.76 -28.13 -2.80
CA VAL I 181 25.43 -29.56 -2.76
C VAL I 181 26.66 -30.37 -2.39
N THR I 182 26.47 -31.37 -1.52
CA THR I 182 27.53 -32.30 -1.16
C THR I 182 27.26 -33.76 -1.49
N ASN I 183 26.02 -34.15 -1.81
CA ASN I 183 25.71 -35.52 -2.21
C ASN I 183 24.46 -35.56 -3.08
N GLU I 184 24.31 -36.66 -3.82
CA GLU I 184 23.25 -36.85 -4.80
C GLU I 184 23.14 -38.32 -5.15
N ARG I 185 21.97 -38.94 -4.93
CA ARG I 185 21.78 -40.37 -5.21
C ARG I 185 20.43 -40.69 -5.82
N GLU I 186 20.47 -41.42 -6.94
CA GLU I 186 19.32 -41.70 -7.79
C GLU I 186 18.46 -42.85 -7.25
N VAL I 187 17.14 -42.67 -7.32
CA VAL I 187 16.14 -43.62 -6.84
C VAL I 187 15.83 -44.58 -7.99
N SER I 188 16.26 -45.84 -7.87
CA SER I 188 15.89 -46.84 -8.86
C SER I 188 14.58 -47.47 -8.46
N PHE I 189 13.55 -47.27 -9.30
CA PHE I 189 12.15 -47.54 -8.95
C PHE I 189 11.42 -47.74 -10.27
N GLN I 190 11.44 -48.98 -10.78
CA GLN I 190 11.02 -49.23 -12.16
C GLN I 190 9.51 -49.31 -12.32
N GLY I 191 8.75 -49.39 -11.24
CA GLY I 191 7.32 -49.60 -11.34
C GLY I 191 6.41 -48.39 -11.22
N GLY I 192 6.95 -47.19 -11.04
CA GLY I 192 6.09 -46.06 -10.73
C GLY I 192 6.82 -44.73 -10.83
N HIS I 193 6.21 -43.70 -10.23
CA HIS I 193 6.50 -42.30 -10.52
C HIS I 193 6.44 -41.45 -9.26
N ILE I 194 7.56 -40.81 -8.90
CA ILE I 194 7.64 -40.02 -7.67
C ILE I 194 7.87 -38.55 -8.01
N GLU I 195 6.80 -37.76 -8.19
CA GLU I 195 6.98 -36.43 -8.77
C GLU I 195 7.15 -35.31 -7.74
N GLU I 196 6.20 -35.15 -6.82
CA GLU I 196 5.93 -33.88 -6.15
C GLU I 196 5.85 -34.03 -4.65
N CYS I 197 6.82 -34.74 -4.06
CA CYS I 197 6.78 -35.21 -2.68
C CYS I 197 6.46 -34.18 -1.60
N SER I 198 5.94 -34.68 -0.47
CA SER I 198 5.76 -33.92 0.78
C SER I 198 6.50 -34.62 1.90
N CYS I 199 7.50 -33.94 2.47
CA CYS I 199 8.52 -34.57 3.29
C CYS I 199 8.57 -33.95 4.67
N TYR I 200 8.96 -34.78 5.64
CA TYR I 200 9.11 -34.37 7.04
C TYR I 200 10.16 -35.23 7.70
N PRO I 201 10.88 -34.70 8.69
CA PRO I 201 11.80 -35.55 9.44
C PRO I 201 11.11 -36.31 10.55
N ASN I 202 11.64 -37.49 10.87
CA ASN I 202 11.02 -38.30 11.91
C ASN I 202 12.10 -39.19 12.55
N LEU I 203 12.55 -38.82 13.74
CA LEU I 203 13.55 -39.60 14.50
C LEU I 203 14.78 -39.93 13.67
N GLY I 204 15.18 -39.03 12.79
CA GLY I 204 16.42 -39.18 12.06
C GLY I 204 16.31 -39.76 10.68
N LYS I 205 15.11 -40.18 10.27
CA LYS I 205 14.83 -40.55 8.89
C LYS I 205 13.92 -39.49 8.28
N VAL I 206 14.24 -39.07 7.07
CA VAL I 206 13.32 -38.24 6.31
C VAL I 206 12.31 -39.14 5.61
N GLU I 207 11.02 -38.88 5.83
CA GLU I 207 9.95 -39.62 5.19
C GLU I 207 9.25 -38.71 4.21
N CYS I 208 8.91 -39.24 3.03
CA CYS I 208 8.23 -38.48 1.99
C CYS I 208 7.09 -39.30 1.42
N VAL I 209 5.92 -38.67 1.27
CA VAL I 209 4.75 -39.28 0.62
C VAL I 209 4.39 -38.43 -0.58
N CYS I 210 4.43 -39.03 -1.76
CA CYS I 210 4.64 -38.34 -3.02
C CYS I 210 3.38 -38.43 -3.89
N ARG I 211 3.57 -38.53 -5.21
CA ARG I 211 2.49 -38.35 -6.18
C ARG I 211 2.75 -39.28 -7.36
N ASP I 212 1.97 -40.36 -7.46
CA ASP I 212 2.15 -41.34 -8.54
C ASP I 212 1.34 -40.90 -9.75
N ASN I 213 2.02 -40.29 -10.72
CA ASN I 213 1.41 -39.78 -11.93
C ASN I 213 1.36 -40.79 -13.07
N TRP I 214 1.61 -42.07 -12.82
CA TRP I 214 1.60 -43.09 -13.86
C TRP I 214 1.17 -44.42 -13.27
N ASN I 215 0.17 -45.03 -13.90
CA ASN I 215 -0.37 -46.33 -13.56
C ASN I 215 -0.69 -46.48 -12.07
N GLY I 216 -1.04 -45.40 -11.37
CA GLY I 216 -1.35 -45.58 -9.96
C GLY I 216 -2.42 -44.70 -9.33
N MET I 217 -3.21 -45.31 -8.44
CA MET I 217 -4.15 -44.62 -7.56
C MET I 217 -3.55 -44.30 -6.20
N ASN I 218 -2.33 -44.75 -5.93
CA ASN I 218 -1.81 -44.89 -4.58
C ASN I 218 -0.53 -44.09 -4.41
N ARG I 219 -0.24 -43.71 -3.17
CA ARG I 219 0.90 -42.83 -2.89
C ARG I 219 2.20 -43.62 -2.86
N PRO I 220 3.26 -43.16 -3.53
CA PRO I 220 4.58 -43.75 -3.28
C PRO I 220 5.18 -43.17 -2.02
N ILE I 221 5.98 -43.98 -1.33
CA ILE I 221 6.72 -43.59 -0.14
C ILE I 221 8.21 -43.65 -0.46
N LEU I 222 8.96 -42.70 0.07
CA LEU I 222 10.41 -42.72 0.04
C LEU I 222 10.92 -42.36 1.42
N ILE I 223 11.86 -43.15 1.93
CA ILE I 223 12.44 -42.99 3.26
C ILE I 223 13.96 -43.05 3.10
N PHE I 224 14.69 -42.06 3.64
CA PHE I 224 16.15 -41.99 3.49
C PHE I 224 16.69 -41.23 4.71
N ASP I 225 17.98 -41.45 4.98
CA ASP I 225 18.62 -40.93 6.18
C ASP I 225 19.97 -40.29 5.87
N GLU I 226 20.78 -40.10 6.92
CA GLU I 226 21.97 -39.24 6.87
C GLU I 226 22.75 -39.34 5.56
N ASP I 227 23.17 -40.53 5.15
CA ASP I 227 24.01 -40.66 3.96
C ASP I 227 23.27 -41.33 2.81
N LEU I 228 21.98 -41.06 2.72
CA LEU I 228 21.12 -41.23 1.54
C LEU I 228 20.94 -42.68 1.11
N ASP I 229 21.09 -43.66 2.00
CA ASP I 229 20.47 -44.95 1.75
C ASP I 229 18.95 -44.82 1.85
N TYR I 230 18.22 -45.62 1.07
CA TYR I 230 16.78 -45.42 0.98
C TYR I 230 16.01 -46.73 0.86
N GLU I 231 14.73 -46.65 1.19
CA GLU I 231 13.70 -47.63 0.91
C GLU I 231 12.59 -46.96 0.11
N VAL I 232 12.10 -47.63 -0.95
CA VAL I 232 11.05 -47.10 -1.80
C VAL I 232 9.91 -48.11 -1.87
N GLY I 233 8.68 -47.62 -1.94
CA GLY I 233 7.53 -48.51 -2.00
C GLY I 233 6.26 -47.72 -2.07
N TYR I 234 5.16 -48.31 -1.58
CA TYR I 234 3.86 -47.67 -1.62
C TYR I 234 3.19 -47.69 -0.26
N LEU I 235 2.36 -46.67 -0.02
CA LEU I 235 1.55 -46.56 1.17
C LEU I 235 0.53 -47.70 1.20
N CYS I 236 0.72 -48.64 2.11
CA CYS I 236 0.00 -49.91 2.07
C CYS I 236 -1.51 -49.77 2.22
N ALA I 237 -2.00 -48.62 2.67
CA ALA I 237 -3.38 -48.50 3.12
C ALA I 237 -4.35 -49.07 2.11
N GLY I 238 -5.44 -49.64 2.63
CA GLY I 238 -6.53 -50.16 1.83
C GLY I 238 -7.52 -49.14 1.34
N ILE I 239 -7.20 -47.86 1.50
CA ILE I 239 -8.02 -46.69 1.25
C ILE I 239 -7.23 -45.85 0.26
N PRO I 240 -7.68 -45.69 -0.98
CA PRO I 240 -6.87 -44.96 -1.94
C PRO I 240 -6.93 -43.47 -1.69
N THR I 241 -5.84 -42.75 -2.03
CA THR I 241 -5.86 -41.34 -1.65
C THR I 241 -5.53 -40.32 -2.74
N ASP I 242 -5.13 -40.72 -3.94
CA ASP I 242 -4.94 -39.79 -5.05
C ASP I 242 -6.30 -39.20 -5.47
N THR I 243 -6.29 -38.23 -6.40
CA THR I 243 -7.58 -37.68 -6.79
C THR I 243 -8.32 -38.68 -7.66
N PRO I 244 -7.91 -38.98 -8.91
CA PRO I 244 -8.66 -40.00 -9.62
C PRO I 244 -8.55 -41.32 -8.87
N ARG I 245 -9.69 -41.94 -8.55
CA ARG I 245 -9.68 -43.22 -7.86
C ARG I 245 -11.06 -43.87 -7.94
N VAL I 246 -11.07 -45.21 -7.81
CA VAL I 246 -12.33 -45.91 -7.55
C VAL I 246 -12.60 -45.93 -6.06
N GLN I 247 -13.87 -46.11 -5.71
CA GLN I 247 -14.34 -46.00 -4.34
C GLN I 247 -13.68 -47.02 -3.43
N ASP I 248 -13.71 -46.73 -2.14
CA ASP I 248 -12.89 -47.47 -1.17
C ASP I 248 -13.22 -48.95 -1.15
N SER I 249 -14.48 -49.32 -1.36
CA SER I 249 -14.80 -50.74 -1.38
C SER I 249 -14.26 -51.53 -2.57
N SER I 250 -13.84 -50.88 -3.65
CA SER I 250 -13.43 -51.59 -4.85
C SER I 250 -11.92 -51.80 -4.94
N PHE I 251 -11.16 -50.91 -4.31
CA PHE I 251 -9.70 -50.94 -4.29
C PHE I 251 -9.20 -52.02 -3.35
N THR I 252 -8.04 -52.62 -3.68
CA THR I 252 -7.44 -53.66 -2.84
C THR I 252 -6.14 -53.26 -2.17
N GLY I 253 -5.38 -52.32 -2.74
CA GLY I 253 -4.15 -51.87 -2.11
C GLY I 253 -2.95 -52.79 -2.28
N SER I 254 -1.75 -52.20 -2.28
CA SER I 254 -0.49 -52.94 -2.32
C SER I 254 0.61 -52.09 -1.68
N CYS I 255 1.56 -52.79 -1.07
CA CYS I 255 2.73 -52.20 -0.45
C CYS I 255 3.89 -52.01 -1.41
N THR I 256 3.90 -52.75 -2.53
CA THR I 256 5.07 -52.78 -3.40
C THR I 256 4.78 -52.52 -4.88
N ASN I 257 3.52 -52.46 -5.30
CA ASN I 257 3.17 -52.35 -6.71
C ASN I 257 2.20 -51.20 -6.92
N ALA I 258 2.31 -50.54 -8.06
CA ALA I 258 1.37 -49.50 -8.42
C ALA I 258 0.03 -50.10 -8.77
N VAL I 259 -1.04 -49.67 -8.09
CA VAL I 259 -2.38 -50.21 -8.35
C VAL I 259 -3.14 -49.22 -9.25
N GLY I 260 -3.43 -49.65 -10.48
CA GLY I 260 -4.11 -48.83 -11.45
C GLY I 260 -5.60 -49.12 -11.58
N GLY I 261 -6.29 -48.23 -12.30
CA GLY I 261 -7.73 -48.27 -12.34
C GLY I 261 -8.28 -47.80 -13.68
N SER I 262 -9.61 -47.78 -13.74
CA SER I 262 -10.33 -47.43 -14.97
C SER I 262 -10.36 -45.92 -15.10
N GLY I 263 -9.53 -45.41 -16.01
CA GLY I 263 -9.45 -43.98 -16.25
C GLY I 263 -8.64 -43.21 -15.23
N THR I 264 -7.99 -43.88 -14.28
CA THR I 264 -7.26 -43.18 -13.23
C THR I 264 -5.76 -43.09 -13.47
N ASN I 265 -5.24 -43.58 -14.60
CA ASN I 265 -3.82 -43.96 -14.61
C ASN I 265 -2.86 -42.80 -14.88
N ASN I 266 -3.29 -41.72 -15.53
CA ASN I 266 -2.36 -40.69 -15.99
C ASN I 266 -2.58 -39.32 -15.34
N TYR I 267 -2.85 -39.25 -14.04
CA TYR I 267 -3.17 -37.97 -13.38
C TYR I 267 -3.15 -38.17 -11.86
N GLY I 268 -3.18 -37.06 -11.13
CA GLY I 268 -3.13 -37.11 -9.68
C GLY I 268 -3.16 -35.73 -9.06
N VAL I 269 -2.84 -35.66 -7.75
CA VAL I 269 -2.73 -34.40 -7.03
C VAL I 269 -1.76 -34.55 -5.85
N LYS I 270 -1.08 -33.45 -5.50
CA LYS I 270 -0.12 -33.47 -4.40
C LYS I 270 -0.82 -33.66 -3.05
N GLY I 271 -0.39 -34.67 -2.29
CA GLY I 271 -0.84 -34.87 -0.91
C GLY I 271 0.18 -35.09 0.19
N PHE I 272 -0.29 -35.58 1.35
CA PHE I 272 0.59 -35.84 2.48
C PHE I 272 0.10 -37.07 3.26
N GLY I 273 0.92 -37.50 4.22
CA GLY I 273 0.60 -38.62 5.08
C GLY I 273 1.56 -38.79 6.24
N PHE I 274 1.12 -38.46 7.45
CA PHE I 274 1.95 -38.56 8.64
C PHE I 274 1.85 -39.95 9.26
N ARG I 275 2.98 -40.63 9.40
CA ARG I 275 2.99 -41.90 10.11
C ARG I 275 2.85 -41.66 11.61
N GLN I 276 2.07 -42.51 12.27
CA GLN I 276 1.82 -42.45 13.71
C GLN I 276 1.92 -43.88 14.21
N GLY I 277 3.13 -44.34 14.50
CA GLY I 277 3.37 -45.73 14.77
C GLY I 277 3.25 -46.55 13.50
N ASN I 278 2.20 -47.36 13.38
CA ASN I 278 1.90 -48.04 12.13
C ASN I 278 0.69 -47.47 11.41
N SER I 279 -0.07 -46.58 12.04
CA SER I 279 -1.20 -45.90 11.41
C SER I 279 -0.74 -44.67 10.64
N VAL I 280 -1.62 -44.15 9.79
CA VAL I 280 -1.31 -42.98 8.97
C VAL I 280 -2.46 -41.99 8.98
N TRP I 281 -2.14 -40.70 9.14
CA TRP I 281 -3.09 -39.59 8.93
C TRP I 281 -2.97 -39.15 7.48
N ALA I 282 -3.79 -39.75 6.62
CA ALA I 282 -3.75 -39.56 5.18
C ALA I 282 -4.78 -38.52 4.77
N GLY I 283 -4.34 -37.47 4.09
CA GLY I 283 -5.26 -36.45 3.59
C GLY I 283 -5.64 -36.71 2.14
N ARG I 284 -6.90 -36.44 1.81
CA ARG I 284 -7.41 -36.73 0.48
C ARG I 284 -8.65 -35.89 0.16
N THR I 285 -8.88 -35.64 -1.13
CA THR I 285 -10.02 -34.86 -1.59
C THR I 285 -11.32 -35.64 -1.64
N VAL I 286 -12.40 -35.01 -1.15
CA VAL I 286 -13.63 -35.74 -0.89
C VAL I 286 -14.12 -36.46 -2.15
N SER I 287 -14.24 -35.74 -3.26
CA SER I 287 -14.62 -36.32 -4.55
C SER I 287 -13.56 -37.25 -5.13
N ILE I 288 -14.03 -38.24 -5.89
CA ILE I 288 -13.16 -39.29 -6.45
C ILE I 288 -12.73 -39.00 -7.88
N SER I 289 -13.07 -37.85 -8.43
CA SER I 289 -12.69 -37.53 -9.80
C SER I 289 -12.41 -36.06 -10.02
N SER I 290 -12.38 -35.23 -8.98
CA SER I 290 -12.12 -33.81 -9.12
C SER I 290 -11.57 -33.28 -7.82
N ARG I 291 -10.88 -32.14 -7.92
CA ARG I 291 -10.23 -31.51 -6.78
C ARG I 291 -11.24 -30.65 -6.03
N SER I 292 -12.02 -31.32 -5.18
CA SER I 292 -13.01 -30.65 -4.35
C SER I 292 -13.10 -31.32 -2.99
N GLY I 293 -13.38 -30.51 -1.97
CA GLY I 293 -13.43 -30.97 -0.59
C GLY I 293 -12.11 -31.41 -0.01
N PHE I 294 -12.06 -31.78 1.27
CA PHE I 294 -10.85 -32.35 1.84
C PHE I 294 -11.17 -33.12 3.12
N GLU I 295 -10.59 -34.31 3.24
CA GLU I 295 -10.69 -35.18 4.41
C GLU I 295 -9.30 -35.42 5.00
N ILE I 296 -9.25 -35.76 6.29
CA ILE I 296 -8.07 -36.33 6.92
C ILE I 296 -8.48 -37.61 7.64
N LEU I 297 -7.84 -38.72 7.29
CA LEU I 297 -8.24 -40.04 7.75
C LEU I 297 -7.12 -40.68 8.56
N LEU I 298 -7.44 -41.18 9.74
CA LEU I 298 -6.51 -41.99 10.54
C LEU I 298 -6.82 -43.46 10.32
N ILE I 299 -6.01 -44.12 9.50
CA ILE I 299 -6.23 -45.50 9.07
C ILE I 299 -5.38 -46.39 9.95
N GLU I 300 -6.00 -47.32 10.66
CA GLU I 300 -5.25 -48.16 11.59
C GLU I 300 -4.37 -49.13 10.82
N ASP I 301 -3.09 -49.17 11.17
CA ASP I 301 -2.07 -49.96 10.48
C ASP I 301 -2.00 -49.68 8.99
N GLY I 302 -2.47 -48.52 8.56
CA GLY I 302 -2.41 -48.20 7.15
C GLY I 302 -1.02 -47.97 6.61
N TRP I 303 0.00 -47.83 7.47
CA TRP I 303 1.36 -47.67 6.96
C TRP I 303 1.96 -49.00 6.50
N ILE I 304 1.40 -50.14 6.92
CA ILE I 304 2.03 -51.43 6.62
C ILE I 304 1.06 -52.54 6.24
N ARG I 305 -0.25 -52.46 6.46
CA ARG I 305 -1.08 -53.66 6.62
C ARG I 305 -2.32 -53.75 5.73
N THR I 306 -2.37 -53.02 4.61
CA THR I 306 -3.53 -53.01 3.71
C THR I 306 -4.86 -52.94 4.44
N SER I 307 -4.92 -52.24 5.57
CA SER I 307 -6.14 -52.13 6.36
C SER I 307 -7.06 -51.03 5.83
N LYS I 308 -8.37 -51.21 6.05
CA LYS I 308 -9.38 -50.23 5.68
C LYS I 308 -10.10 -49.60 6.86
N THR I 309 -9.66 -49.88 8.08
CA THR I 309 -10.37 -49.48 9.30
C THR I 309 -10.06 -48.01 9.61
N ILE I 310 -10.95 -47.12 9.20
CA ILE I 310 -10.71 -45.69 9.45
C ILE I 310 -11.19 -45.38 10.87
N VAL I 311 -10.25 -45.07 11.75
CA VAL I 311 -10.56 -44.87 13.17
C VAL I 311 -11.12 -43.47 13.41
N LYS I 312 -10.59 -42.46 12.71
CA LYS I 312 -11.08 -41.09 12.83
C LYS I 312 -11.16 -40.46 11.45
N LYS I 313 -12.16 -39.61 11.25
CA LYS I 313 -12.19 -38.72 10.11
C LYS I 313 -12.54 -37.29 10.46
N VAL I 314 -11.74 -36.36 9.93
CA VAL I 314 -12.05 -34.94 9.90
C VAL I 314 -12.34 -34.47 8.48
N GLU I 315 -13.12 -33.39 8.37
CA GLU I 315 -13.29 -32.64 7.12
C GLU I 315 -12.97 -31.17 7.36
N VAL I 316 -12.34 -30.54 6.36
CA VAL I 316 -11.94 -29.14 6.48
C VAL I 316 -12.40 -28.34 5.27
N LEU I 317 -12.98 -29.01 4.28
CA LEU I 317 -13.74 -28.36 3.23
C LEU I 317 -14.86 -29.30 2.82
N ASN I 318 -16.05 -28.76 2.57
CA ASN I 318 -17.12 -29.63 2.09
C ASN I 318 -17.12 -29.69 0.58
N ASN I 319 -17.76 -30.73 0.06
CA ASN I 319 -17.52 -31.18 -1.31
C ASN I 319 -17.98 -30.18 -2.36
N LYS I 320 -18.74 -29.14 -1.98
CA LYS I 320 -19.17 -28.16 -2.97
C LYS I 320 -18.08 -27.14 -3.32
N ASN I 321 -16.93 -27.20 -2.64
CA ASN I 321 -15.90 -26.17 -2.70
C ASN I 321 -14.63 -26.73 -3.35
N TRP I 322 -13.94 -25.89 -4.14
CA TRP I 322 -12.74 -26.33 -4.84
C TRP I 322 -11.54 -26.34 -3.91
N SER I 323 -10.67 -27.33 -4.09
CA SER I 323 -9.44 -27.43 -3.33
C SER I 323 -8.26 -27.65 -4.29
N GLY I 324 -7.22 -28.35 -3.84
CA GLY I 324 -6.00 -28.40 -4.63
C GLY I 324 -4.87 -29.13 -3.93
N TYR I 325 -3.65 -28.67 -4.16
CA TYR I 325 -2.51 -29.28 -3.50
C TYR I 325 -2.67 -29.23 -1.97
N SER I 326 -1.91 -30.09 -1.30
CA SER I 326 -1.75 -30.19 0.15
C SER I 326 -0.40 -30.81 0.49
N GLY I 327 0.20 -30.36 1.58
CA GLY I 327 1.53 -30.82 1.95
C GLY I 327 1.80 -30.75 3.44
N ALA I 328 2.92 -31.35 3.84
CA ALA I 328 3.28 -31.47 5.25
C ALA I 328 4.38 -30.50 5.65
N PHE I 329 4.43 -30.20 6.95
CA PHE I 329 5.59 -29.58 7.57
C PHE I 329 5.53 -29.85 9.07
N THR I 330 6.58 -29.49 9.79
CA THR I 330 6.65 -29.70 11.23
C THR I 330 7.17 -28.45 11.94
N ILE I 331 6.63 -28.19 13.12
CA ILE I 331 7.00 -27.03 13.92
C ILE I 331 8.05 -27.46 14.94
N PRO I 332 9.26 -26.90 14.91
CA PRO I 332 10.36 -27.49 15.65
C PRO I 332 10.29 -27.25 17.16
N ILE I 333 11.25 -27.88 17.84
CA ILE I 333 11.38 -27.75 19.30
C ILE I 333 11.69 -26.31 19.68
N THR I 334 12.51 -25.63 18.89
CA THR I 334 12.89 -24.26 19.21
C THR I 334 11.66 -23.38 19.43
N MET I 335 10.52 -23.74 18.84
CA MET I 335 9.30 -22.96 19.01
C MET I 335 8.48 -23.42 20.20
N THR I 336 8.18 -24.71 20.27
CA THR I 336 7.16 -25.23 21.16
C THR I 336 7.71 -25.70 22.50
N SER I 337 9.03 -25.84 22.62
CA SER I 337 9.71 -26.52 23.72
C SER I 337 9.20 -27.92 24.03
N LYS I 338 8.49 -28.56 23.11
CA LYS I 338 8.16 -29.95 23.33
C LYS I 338 9.33 -30.84 22.91
N GLN I 339 9.47 -32.00 23.57
CA GLN I 339 10.51 -32.97 23.22
C GLN I 339 10.08 -33.87 22.07
N CYS I 340 9.45 -33.27 21.06
CA CYS I 340 9.02 -33.95 19.86
C CYS I 340 8.51 -32.89 18.88
N LEU I 341 8.30 -33.29 17.63
CA LEU I 341 8.02 -32.38 16.54
C LEU I 341 6.52 -32.39 16.29
N VAL I 342 5.92 -31.22 16.14
CA VAL I 342 4.48 -31.09 16.00
C VAL I 342 4.14 -31.15 14.51
N PRO I 343 3.29 -32.07 14.06
CA PRO I 343 2.98 -32.15 12.64
C PRO I 343 1.89 -31.19 12.23
N CYS I 344 2.08 -30.55 11.08
CA CYS I 344 1.13 -29.59 10.55
C CYS I 344 0.94 -29.86 9.06
N PHE I 345 -0.14 -29.33 8.49
CA PHE I 345 -0.34 -29.44 7.04
C PHE I 345 -1.02 -28.20 6.49
N TRP I 346 -0.80 -27.94 5.20
CA TRP I 346 -1.44 -26.83 4.49
C TRP I 346 -2.35 -27.34 3.39
N LEU I 347 -3.32 -26.50 3.00
CA LEU I 347 -4.28 -26.83 1.95
C LEU I 347 -4.58 -25.60 1.10
N GLU I 348 -4.39 -25.73 -0.21
CA GLU I 348 -4.68 -24.64 -1.12
C GLU I 348 -6.01 -24.86 -1.81
N MET I 349 -6.66 -23.74 -2.12
CA MET I 349 -7.95 -23.72 -2.79
C MET I 349 -7.80 -22.89 -4.05
N ILE I 350 -8.01 -23.52 -5.21
CA ILE I 350 -7.76 -22.90 -6.51
C ILE I 350 -9.06 -22.35 -7.06
N ARG I 351 -9.00 -21.17 -7.67
CA ARG I 351 -10.13 -20.57 -8.35
C ARG I 351 -9.67 -19.93 -9.65
N GLY I 352 -10.48 -20.07 -10.71
CA GLY I 352 -10.12 -19.52 -11.99
C GLY I 352 -10.35 -20.50 -13.10
N LYS I 353 -9.68 -20.25 -14.24
CA LYS I 353 -10.17 -20.76 -15.50
C LYS I 353 -10.15 -22.28 -15.62
N PRO I 354 -9.27 -23.04 -14.96
CA PRO I 354 -9.32 -24.49 -15.13
C PRO I 354 -10.67 -25.11 -14.79
N GLU I 355 -11.49 -24.46 -13.98
CA GLU I 355 -12.84 -24.94 -13.72
C GLU I 355 -13.92 -23.88 -13.88
N GLU I 356 -13.59 -22.62 -13.58
CA GLU I 356 -14.55 -21.51 -13.70
C GLU I 356 -14.25 -20.76 -14.99
N ARG I 357 -14.76 -21.32 -16.09
CA ARG I 357 -14.33 -20.94 -17.43
C ARG I 357 -14.37 -19.44 -17.68
N THR I 358 -15.26 -18.70 -17.00
CA THR I 358 -15.49 -17.32 -17.41
C THR I 358 -14.41 -16.36 -16.92
N SER I 359 -13.68 -16.69 -15.86
CA SER I 359 -12.61 -15.84 -15.37
C SER I 359 -11.34 -16.07 -16.17
N ILE I 360 -10.59 -15.00 -16.41
CA ILE I 360 -9.40 -15.10 -17.25
C ILE I 360 -8.18 -15.55 -16.43
N TRP I 361 -8.08 -15.13 -15.17
CA TRP I 361 -6.94 -15.43 -14.31
C TRP I 361 -7.08 -16.80 -13.64
N THR I 362 -6.04 -17.20 -12.90
CA THR I 362 -6.09 -18.39 -12.04
C THR I 362 -5.16 -18.18 -10.85
N SER I 363 -5.73 -18.26 -9.64
CA SER I 363 -5.00 -18.01 -8.40
C SER I 363 -5.48 -19.01 -7.34
N SER I 364 -4.76 -19.06 -6.22
CA SER I 364 -5.13 -19.95 -5.12
C SER I 364 -4.84 -19.31 -3.77
N SER I 365 -5.42 -19.92 -2.74
CA SER I 365 -5.46 -19.39 -1.38
C SER I 365 -5.21 -20.50 -0.38
N SER I 366 -4.49 -20.20 0.70
CA SER I 366 -3.96 -21.21 1.59
C SER I 366 -4.71 -21.22 2.93
N THR I 367 -4.82 -22.41 3.52
CA THR I 367 -5.30 -22.60 4.88
C THR I 367 -4.31 -23.50 5.63
N VAL I 368 -4.05 -23.25 6.92
CA VAL I 368 -3.00 -24.04 7.56
C VAL I 368 -3.53 -24.62 8.86
N PHE I 369 -3.24 -25.90 9.11
CA PHE I 369 -3.72 -26.62 10.28
C PHE I 369 -2.54 -27.25 11.00
N CYS I 370 -2.67 -27.46 12.31
CA CYS I 370 -1.65 -28.14 13.09
C CYS I 370 -2.26 -29.14 14.06
N GLY I 371 -1.51 -30.20 14.34
CA GLY I 371 -2.02 -31.29 15.15
C GLY I 371 -2.13 -30.91 16.62
N VAL I 372 -3.10 -31.53 17.28
CA VAL I 372 -3.42 -31.28 18.68
C VAL I 372 -3.84 -32.57 19.35
N SER I 373 -3.34 -32.78 20.57
CA SER I 373 -3.53 -34.05 21.24
C SER I 373 -4.98 -34.26 21.61
N SER I 374 -5.71 -33.18 21.85
CA SER I 374 -7.15 -33.29 22.05
C SER I 374 -7.84 -33.58 20.72
N GLU I 375 -9.02 -34.19 20.80
CA GLU I 375 -9.87 -34.33 19.63
C GLU I 375 -10.39 -32.97 19.21
N VAL I 376 -10.46 -32.74 17.91
CA VAL I 376 -11.01 -31.48 17.41
C VAL I 376 -12.07 -31.70 16.32
N PRO I 377 -13.07 -30.84 16.20
CA PRO I 377 -14.07 -31.02 15.13
C PRO I 377 -13.70 -30.35 13.81
N GLY I 378 -14.48 -30.73 12.78
CA GLY I 378 -14.35 -30.16 11.45
C GLY I 378 -15.37 -29.09 11.11
N TRP I 379 -15.07 -28.35 10.04
CA TRP I 379 -15.94 -27.30 9.50
C TRP I 379 -15.41 -26.96 8.11
N SER I 380 -16.21 -26.20 7.35
CA SER I 380 -15.86 -25.85 5.98
C SER I 380 -15.28 -24.44 5.95
N TRP I 381 -13.96 -24.36 6.10
CA TRP I 381 -13.25 -23.09 6.02
C TRP I 381 -12.84 -22.79 4.57
N ASP I 382 -13.83 -22.54 3.74
CA ASP I 382 -13.59 -22.32 2.31
C ASP I 382 -13.10 -20.90 2.05
N ASP I 383 -12.81 -20.61 0.77
CA ASP I 383 -12.08 -19.40 0.41
C ASP I 383 -12.96 -18.16 0.32
N GLY I 384 -14.24 -18.34 0.06
CA GLY I 384 -15.29 -17.33 0.10
C GLY I 384 -15.21 -16.19 -0.90
N ALA I 385 -14.53 -16.38 -2.03
CA ALA I 385 -14.52 -15.34 -3.04
C ALA I 385 -15.86 -15.29 -3.77
N ILE I 386 -16.10 -14.19 -4.50
CA ILE I 386 -17.32 -14.03 -5.29
C ILE I 386 -16.97 -13.65 -6.72
N LEU I 387 -16.61 -14.65 -7.53
CA LEU I 387 -16.25 -14.44 -8.93
C LEU I 387 -17.51 -14.34 -9.80
N PRO I 388 -17.44 -13.63 -10.93
CA PRO I 388 -16.27 -13.02 -11.61
C PRO I 388 -15.82 -11.69 -11.00
N PHE I 389 -14.53 -11.40 -11.18
CA PHE I 389 -13.93 -10.16 -10.71
C PHE I 389 -14.07 -9.08 -11.76
N ASP I 390 -13.68 -7.87 -11.39
CA ASP I 390 -13.93 -6.72 -12.24
C ASP I 390 -13.08 -6.73 -13.50
N ILE I 391 -12.01 -7.52 -13.56
CA ILE I 391 -11.24 -7.63 -14.80
C ILE I 391 -11.80 -8.71 -15.72
N ASP I 392 -12.66 -9.59 -15.21
CA ASP I 392 -13.33 -10.61 -16.02
C ASP I 392 -14.55 -10.09 -16.75
N LYS I 393 -14.94 -8.85 -16.52
CA LYS I 393 -16.15 -8.30 -17.12
C LYS I 393 -15.91 -7.73 -18.51
N LEU J 1 -61.74 -37.24 21.25
CA LEU J 1 -62.60 -36.81 20.12
C LEU J 1 -63.14 -35.47 20.59
N VAL J 2 -63.41 -34.55 19.66
CA VAL J 2 -63.97 -33.24 19.98
C VAL J 2 -65.16 -32.98 19.07
N LYS J 3 -66.25 -32.41 19.64
CA LYS J 3 -67.42 -32.13 18.80
C LYS J 3 -67.36 -30.71 18.24
N PRO J 4 -67.92 -30.47 17.06
CA PRO J 4 -67.79 -29.14 16.45
C PRO J 4 -68.24 -28.02 17.39
N SER J 5 -67.48 -26.94 17.37
CA SER J 5 -67.65 -25.70 18.13
C SER J 5 -67.38 -25.86 19.62
N GLU J 6 -66.86 -27.01 20.07
CA GLU J 6 -66.33 -27.10 21.42
C GLU J 6 -64.94 -26.47 21.48
N THR J 7 -64.44 -26.32 22.71
CA THR J 7 -63.06 -25.85 22.93
C THR J 7 -62.12 -27.04 22.91
N LEU J 8 -61.22 -27.08 21.93
CA LEU J 8 -60.13 -28.05 21.92
C LEU J 8 -59.04 -27.64 22.90
N SER J 9 -58.42 -28.62 23.56
CA SER J 9 -57.25 -28.37 24.40
C SER J 9 -56.36 -29.59 24.46
N LEU J 10 -55.05 -29.33 24.65
CA LEU J 10 -54.01 -30.36 24.65
C LEU J 10 -52.93 -30.00 25.66
N THR J 11 -52.21 -31.02 26.12
CA THR J 11 -51.14 -30.91 27.11
C THR J 11 -49.88 -31.55 26.55
N CYS J 12 -48.74 -30.86 26.71
CA CYS J 12 -47.43 -31.36 26.29
C CYS J 12 -46.47 -31.28 27.47
N SER J 13 -45.58 -32.28 27.59
CA SER J 13 -44.74 -32.44 28.77
C SER J 13 -43.26 -32.29 28.40
N VAL J 14 -42.46 -31.83 29.36
CA VAL J 14 -41.02 -31.76 29.20
C VAL J 14 -40.36 -32.59 30.30
N SER J 15 -39.25 -33.25 29.96
CA SER J 15 -38.49 -34.05 30.93
C SER J 15 -37.02 -34.11 30.51
N GLY J 16 -36.18 -34.49 31.49
CA GLY J 16 -34.74 -34.44 31.31
C GLY J 16 -34.23 -33.02 31.41
N GLU J 17 -34.67 -32.19 30.48
CA GLU J 17 -34.66 -30.76 30.69
C GLU J 17 -35.80 -30.37 31.63
N SER J 18 -35.83 -29.09 31.98
CA SER J 18 -36.96 -28.50 32.66
C SER J 18 -37.40 -27.29 31.85
N ILE J 19 -38.68 -26.94 31.96
CA ILE J 19 -39.08 -25.65 31.42
C ILE J 19 -38.41 -24.57 32.25
N SER J 20 -37.95 -23.52 31.55
CA SER J 20 -37.07 -22.49 32.09
C SER J 20 -35.62 -22.94 32.16
N SER J 21 -35.26 -23.98 31.42
CA SER J 21 -33.85 -24.33 31.20
C SER J 21 -33.57 -24.32 29.71
N GLY J 22 -32.42 -23.74 29.34
CA GLY J 22 -31.97 -23.72 27.97
C GLY J 22 -32.53 -22.62 27.12
N GLY J 23 -33.55 -21.89 27.57
CA GLY J 23 -34.06 -20.75 26.81
C GLY J 23 -34.69 -21.10 25.49
N TYR J 24 -35.41 -22.22 25.41
CA TYR J 24 -36.10 -22.59 24.19
C TYR J 24 -37.46 -21.91 24.08
N TYR J 25 -37.93 -21.78 22.84
CA TYR J 25 -39.32 -21.46 22.54
C TYR J 25 -40.09 -22.74 22.21
N TRP J 26 -41.24 -22.93 22.85
CA TRP J 26 -42.01 -24.16 22.72
C TRP J 26 -43.14 -23.92 21.71
N THR J 27 -43.29 -24.83 20.74
CA THR J 27 -44.04 -24.59 19.51
C THR J 27 -45.11 -25.64 19.31
N TRP J 28 -46.25 -25.24 18.74
CA TRP J 28 -47.29 -26.18 18.30
C TRP J 28 -47.40 -26.13 16.79
N ILE J 29 -47.35 -27.30 16.16
CA ILE J 29 -47.36 -27.47 14.71
C ILE J 29 -48.43 -28.49 14.38
N ARG J 30 -49.01 -28.40 13.18
CA ARG J 30 -50.24 -29.10 12.83
C ARG J 30 -50.09 -29.73 11.45
N GLN J 31 -50.80 -30.83 11.21
CA GLN J 31 -50.70 -31.56 9.94
C GLN J 31 -52.07 -32.15 9.59
N HIS J 32 -52.74 -31.55 8.61
CA HIS J 32 -54.01 -32.07 8.15
C HIS J 32 -53.78 -33.33 7.29
N PRO J 33 -54.76 -34.23 7.25
CA PRO J 33 -54.54 -35.50 6.54
C PRO J 33 -54.29 -35.27 5.05
N GLY J 34 -53.17 -35.80 4.58
CA GLY J 34 -52.73 -35.62 3.22
C GLY J 34 -51.97 -34.35 2.91
N LYS J 35 -51.86 -33.41 3.83
CA LYS J 35 -51.23 -32.13 3.55
C LYS J 35 -49.87 -32.01 4.22
N GLY J 36 -49.22 -30.90 3.94
CA GLY J 36 -48.01 -30.52 4.62
C GLY J 36 -48.28 -29.82 5.93
N LEU J 37 -47.19 -29.40 6.56
CA LEU J 37 -47.23 -28.91 7.93
C LEU J 37 -47.74 -27.46 7.99
N GLU J 38 -48.19 -27.07 9.19
CA GLU J 38 -48.64 -25.72 9.49
C GLU J 38 -48.17 -25.34 10.89
N TRP J 39 -47.96 -24.06 11.13
CA TRP J 39 -47.37 -23.56 12.38
C TRP J 39 -48.41 -22.77 13.16
N ILE J 40 -48.62 -23.13 14.43
CA ILE J 40 -49.66 -22.49 15.26
C ILE J 40 -49.09 -21.33 16.09
N GLY J 41 -48.08 -21.55 16.94
CA GLY J 41 -47.55 -20.46 17.73
C GLY J 41 -46.43 -20.89 18.65
N ASN J 42 -45.74 -19.89 19.21
CA ASN J 42 -44.61 -20.07 20.13
C ASN J 42 -44.94 -19.54 21.52
N ILE J 43 -44.33 -20.14 22.54
CA ILE J 43 -44.22 -19.54 23.87
C ILE J 43 -42.79 -19.64 24.38
N PHE J 44 -42.29 -18.53 24.95
CA PHE J 44 -41.00 -18.48 25.64
C PHE J 44 -41.19 -18.89 27.10
N ASP J 45 -40.06 -19.24 27.75
CA ASP J 45 -40.15 -19.71 29.14
C ASP J 45 -40.85 -18.71 30.05
N THR J 46 -40.61 -17.42 29.86
CA THR J 46 -41.26 -16.36 30.64
C THR J 46 -42.48 -15.81 29.93
N GLY J 47 -43.24 -16.69 29.28
CA GLY J 47 -44.60 -16.40 28.88
C GLY J 47 -44.82 -15.49 27.68
N SER J 48 -43.79 -14.86 27.12
CA SER J 48 -44.02 -14.03 25.94
C SER J 48 -44.33 -14.91 24.72
N THR J 49 -45.31 -14.47 23.92
CA THR J 49 -46.05 -15.35 23.03
C THR J 49 -46.07 -14.81 21.60
N HIS J 50 -46.15 -15.72 20.62
CA HIS J 50 -46.37 -15.40 19.21
C HIS J 50 -47.48 -16.30 18.67
N TYR J 51 -48.31 -15.77 17.78
CA TYR J 51 -49.39 -16.55 17.17
C TYR J 51 -49.40 -16.40 15.65
N SER J 52 -49.88 -17.45 14.98
CA SER J 52 -50.13 -17.36 13.55
C SER J 52 -51.42 -16.57 13.30
N PRO J 53 -51.43 -15.66 12.32
CA PRO J 53 -52.57 -14.74 12.23
C PRO J 53 -53.87 -15.41 11.85
N SER J 54 -53.83 -16.53 11.13
CA SER J 54 -55.05 -17.23 10.77
C SER J 54 -55.81 -17.77 11.97
N LEU J 55 -55.13 -18.00 13.10
CA LEU J 55 -55.76 -18.57 14.28
C LEU J 55 -55.80 -17.62 15.46
N LYS J 56 -55.33 -16.39 15.31
CA LYS J 56 -55.08 -15.59 16.49
C LYS J 56 -56.37 -15.30 17.25
N THR J 57 -57.52 -15.32 16.57
CA THR J 57 -58.80 -15.08 17.22
C THR J 57 -59.28 -16.28 18.02
N ARG J 58 -58.75 -17.48 17.76
CA ARG J 58 -59.20 -18.69 18.42
C ARG J 58 -58.32 -19.14 19.58
N LEU J 59 -57.02 -18.84 19.55
CA LEU J 59 -56.03 -19.54 20.36
C LEU J 59 -55.91 -19.00 21.78
N THR J 60 -55.31 -19.83 22.64
CA THR J 60 -54.64 -19.41 23.87
C THR J 60 -53.63 -20.47 24.27
N ILE J 61 -52.37 -20.05 24.46
CA ILE J 61 -51.23 -20.93 24.69
C ILE J 61 -50.50 -20.48 25.95
N SER J 62 -50.15 -21.45 26.82
CA SER J 62 -49.67 -21.06 28.15
C SER J 62 -48.73 -22.12 28.72
N ILE J 63 -48.03 -21.73 29.78
CA ILE J 63 -47.03 -22.57 30.44
C ILE J 63 -47.33 -22.64 31.93
N ASP J 64 -46.93 -23.75 32.55
CA ASP J 64 -46.87 -23.87 34.01
C ASP J 64 -45.53 -24.48 34.38
N THR J 65 -44.60 -23.63 34.83
CA THR J 65 -43.25 -24.09 35.14
C THR J 65 -43.19 -25.02 36.34
N SER J 66 -44.20 -25.00 37.21
CA SER J 66 -44.19 -25.90 38.35
C SER J 66 -44.55 -27.33 37.96
N LYS J 67 -45.09 -27.52 36.75
CA LYS J 67 -45.45 -28.85 36.26
C LYS J 67 -44.59 -29.31 35.09
N ASN J 68 -43.72 -28.45 34.55
CA ASN J 68 -43.00 -28.76 33.33
C ASN J 68 -43.95 -29.14 32.20
N GLN J 69 -45.05 -28.40 32.09
CA GLN J 69 -46.07 -28.66 31.07
C GLN J 69 -46.41 -27.36 30.34
N PHE J 70 -46.85 -27.46 29.09
CA PHE J 70 -47.35 -26.30 28.36
C PHE J 70 -48.53 -26.73 27.49
N TYR J 71 -49.40 -25.77 27.14
CA TYR J 71 -50.81 -26.05 26.89
C TYR J 71 -51.33 -25.31 25.67
N LEU J 72 -52.21 -25.97 24.92
CA LEU J 72 -52.89 -25.36 23.78
C LEU J 72 -54.39 -25.32 24.04
N ARG J 73 -55.02 -24.19 23.72
CA ARG J 73 -56.47 -24.10 23.78
C ARG J 73 -56.93 -23.42 22.51
N LEU J 74 -57.93 -24.00 21.85
CA LEU J 74 -58.40 -23.51 20.54
C LEU J 74 -59.92 -23.47 20.58
N ASN J 75 -60.47 -22.27 20.67
CA ASN J 75 -61.91 -22.09 20.80
C ASN J 75 -62.63 -22.28 19.46
N SER J 76 -63.87 -22.77 19.55
CA SER J 76 -64.79 -22.90 18.41
C SER J 76 -64.22 -23.75 17.28
N ALA J 77 -63.73 -24.95 17.63
CA ALA J 77 -63.08 -25.79 16.63
C ALA J 77 -64.06 -26.27 15.55
N THR J 78 -63.67 -26.10 14.29
CA THR J 78 -64.42 -26.62 13.15
C THR J 78 -64.01 -28.05 12.83
N ALA J 79 -64.90 -28.76 12.13
CA ALA J 79 -64.52 -30.02 11.47
C ALA J 79 -63.15 -29.93 10.82
N ALA J 80 -62.83 -28.79 10.20
CA ALA J 80 -61.58 -28.70 9.46
C ALA J 80 -60.37 -28.53 10.34
N ASP J 81 -60.54 -28.40 11.66
CA ASP J 81 -59.39 -28.34 12.54
C ASP J 81 -58.94 -29.73 12.95
N THR J 82 -59.47 -30.76 12.30
CA THR J 82 -58.97 -32.11 12.42
C THR J 82 -57.54 -32.20 11.89
N ALA J 83 -56.64 -32.77 12.67
CA ALA J 83 -55.24 -32.83 12.30
C ALA J 83 -54.48 -33.70 13.30
N VAL J 84 -53.28 -34.08 12.92
CA VAL J 84 -52.26 -34.44 13.91
C VAL J 84 -51.64 -33.17 14.45
N TYR J 85 -51.57 -33.05 15.77
CA TYR J 85 -50.94 -31.91 16.43
C TYR J 85 -49.65 -32.35 17.08
N TYR J 86 -48.55 -31.71 16.71
CA TYR J 86 -47.24 -31.94 17.31
C TYR J 86 -46.87 -30.77 18.20
N CYS J 87 -46.08 -31.04 19.24
CA CYS J 87 -45.42 -29.99 20.01
C CYS J 87 -43.91 -30.16 19.92
N ALA J 88 -43.19 -29.04 19.94
CA ALA J 88 -41.75 -29.05 19.69
C ALA J 88 -41.06 -27.98 20.52
N ARG J 89 -39.75 -27.96 20.46
CA ARG J 89 -38.92 -26.92 21.06
C ARG J 89 -37.95 -26.38 20.02
N VAL J 90 -37.63 -25.09 20.11
CA VAL J 90 -36.66 -24.48 19.19
C VAL J 90 -35.89 -23.37 19.87
N GLY J 91 -34.57 -23.48 19.90
CA GLY J 91 -33.77 -22.42 20.49
C GLY J 91 -33.43 -21.33 19.49
N TYR J 92 -33.69 -20.06 19.81
CA TYR J 92 -33.22 -18.98 18.96
C TYR J 92 -33.34 -17.64 19.66
N SER J 93 -32.60 -16.67 19.15
CA SER J 93 -32.59 -15.32 19.69
C SER J 93 -32.13 -14.36 18.60
N LEU J 94 -32.73 -13.18 18.58
CA LEU J 94 -32.44 -12.17 17.58
C LEU J 94 -31.91 -10.86 18.13
N GLU J 95 -31.99 -10.63 19.44
CA GLU J 95 -31.55 -9.34 19.99
C GLU J 95 -30.04 -9.27 20.04
N THR J 96 -29.40 -10.28 20.61
CA THR J 96 -28.03 -10.17 21.07
C THR J 96 -27.07 -9.95 19.91
N ASP J 97 -25.83 -9.56 20.24
CA ASP J 97 -24.76 -9.40 19.27
C ASP J 97 -24.10 -10.70 18.86
N ARG J 98 -24.69 -11.83 19.24
CA ARG J 98 -24.26 -13.15 18.76
C ARG J 98 -25.51 -13.99 18.56
N PRO J 99 -26.29 -13.70 17.51
CA PRO J 99 -27.54 -14.44 17.33
C PRO J 99 -27.33 -15.92 17.06
N TYR J 100 -28.41 -16.70 17.20
CA TYR J 100 -28.37 -18.11 16.87
C TYR J 100 -29.78 -18.63 16.58
N TYR J 101 -29.84 -19.84 16.01
CA TYR J 101 -31.10 -20.53 15.73
C TYR J 101 -30.83 -22.01 15.56
N PHE J 102 -31.47 -22.87 16.38
CA PHE J 102 -31.25 -24.31 16.27
C PHE J 102 -32.59 -24.97 15.96
N GLY J 103 -33.13 -24.69 14.77
CA GLY J 103 -34.53 -24.95 14.44
C GLY J 103 -35.14 -26.25 14.90
N LEU J 104 -36.29 -26.15 15.57
CA LEU J 104 -37.13 -27.29 15.93
C LEU J 104 -36.27 -28.53 15.98
N ASP J 105 -35.56 -28.71 17.09
CA ASP J 105 -34.62 -29.82 17.14
C ASP J 105 -35.19 -31.02 17.86
N VAL J 106 -36.26 -30.85 18.64
CA VAL J 106 -36.92 -31.96 19.31
C VAL J 106 -38.42 -31.81 19.20
N TRP J 107 -39.07 -32.91 18.79
CA TRP J 107 -40.48 -33.07 18.47
C TRP J 107 -41.08 -34.15 19.37
N GLY J 108 -42.28 -33.91 19.87
CA GLY J 108 -43.03 -34.97 20.52
C GLY J 108 -43.87 -35.77 19.55
N GLN J 109 -44.36 -36.91 20.03
CA GLN J 109 -45.25 -37.76 19.23
C GLN J 109 -46.61 -37.08 19.03
N GLY J 110 -47.19 -37.33 17.85
CA GLY J 110 -48.43 -36.67 17.45
C GLY J 110 -49.67 -37.14 18.20
N THR J 111 -50.63 -36.21 18.32
CA THR J 111 -51.99 -36.47 18.78
C THR J 111 -52.96 -36.26 17.62
N THR J 112 -53.77 -37.28 17.32
CA THR J 112 -54.67 -37.20 16.16
C THR J 112 -56.02 -36.67 16.61
N VAL J 113 -56.21 -35.35 16.52
CA VAL J 113 -57.46 -34.75 16.97
C VAL J 113 -58.50 -34.89 15.85
N THR J 114 -59.62 -35.53 16.16
CA THR J 114 -60.75 -35.64 15.23
C THR J 114 -61.90 -34.79 15.76
N VAL J 115 -62.32 -33.80 14.98
CA VAL J 115 -63.46 -32.94 15.29
C VAL J 115 -64.64 -33.45 14.49
N SER J 116 -65.53 -34.17 15.17
CA SER J 116 -66.73 -34.69 14.54
C SER J 116 -67.75 -35.07 15.61
N SER J 117 -69.02 -35.11 15.20
CA SER J 117 -70.07 -35.72 15.99
C SER J 117 -70.01 -37.24 15.88
N ASP K 1 -47.62 -13.84 4.73
CA ASP K 1 -46.65 -14.96 4.96
C ASP K 1 -45.77 -15.10 3.73
N ILE K 2 -44.56 -15.62 3.92
CA ILE K 2 -43.74 -16.02 2.78
C ILE K 2 -44.36 -17.26 2.16
N VAL K 3 -44.67 -17.18 0.86
CA VAL K 3 -45.15 -18.33 0.11
C VAL K 3 -43.97 -19.20 -0.30
N MET K 4 -44.06 -20.48 0.02
CA MET K 4 -42.96 -21.43 -0.11
C MET K 4 -43.37 -22.46 -1.15
N THR K 5 -42.58 -22.57 -2.23
CA THR K 5 -42.86 -23.46 -3.34
C THR K 5 -41.66 -24.35 -3.60
N GLN K 6 -41.91 -25.56 -4.10
CA GLN K 6 -40.90 -26.62 -4.04
C GLN K 6 -41.10 -27.59 -5.19
N SER K 7 -40.08 -27.71 -6.06
CA SER K 7 -40.37 -28.03 -7.46
C SER K 7 -40.80 -29.49 -7.64
N PRO K 8 -39.94 -30.50 -7.40
CA PRO K 8 -40.38 -31.88 -7.65
C PRO K 8 -41.34 -32.36 -6.57
N LEU K 9 -42.63 -32.49 -6.92
CA LEU K 9 -43.59 -32.90 -5.91
C LEU K 9 -43.47 -34.39 -5.59
N SER K 10 -43.01 -35.20 -6.54
CA SER K 10 -42.42 -36.49 -6.19
C SER K 10 -41.06 -36.62 -6.86
N LEU K 11 -40.14 -37.35 -6.22
CA LEU K 11 -38.80 -37.53 -6.77
C LEU K 11 -38.48 -39.02 -6.84
N PRO K 12 -38.47 -39.63 -8.02
CA PRO K 12 -38.04 -41.02 -8.11
C PRO K 12 -36.52 -41.13 -8.02
N VAL K 13 -36.06 -42.12 -7.27
CA VAL K 13 -34.65 -42.23 -6.89
C VAL K 13 -34.30 -43.71 -6.75
N THR K 14 -33.01 -44.01 -6.64
CA THR K 14 -32.59 -45.39 -6.40
C THR K 14 -31.25 -45.42 -5.66
N PRO K 15 -31.06 -46.38 -4.75
CA PRO K 15 -29.87 -46.40 -3.89
C PRO K 15 -28.58 -46.26 -4.67
N GLY K 16 -27.60 -45.61 -4.03
CA GLY K 16 -26.27 -45.47 -4.55
C GLY K 16 -26.04 -44.23 -5.40
N GLU K 17 -27.07 -43.76 -6.08
CA GLU K 17 -26.92 -42.60 -6.94
C GLU K 17 -27.12 -41.32 -6.13
N PRO K 18 -26.63 -40.18 -6.63
CA PRO K 18 -26.94 -38.92 -5.96
C PRO K 18 -28.30 -38.36 -6.35
N ALA K 19 -28.79 -37.43 -5.52
CA ALA K 19 -30.12 -36.87 -5.69
C ALA K 19 -30.14 -35.43 -5.21
N SER K 20 -31.16 -34.68 -5.67
CA SER K 20 -31.32 -33.28 -5.30
C SER K 20 -32.79 -32.90 -5.18
N ILE K 21 -33.07 -32.00 -4.24
CA ILE K 21 -34.38 -31.38 -4.02
C ILE K 21 -34.14 -29.89 -3.87
N SER K 22 -35.08 -29.05 -4.32
CA SER K 22 -34.86 -27.61 -4.22
C SER K 22 -36.14 -26.83 -3.93
N CYS K 23 -35.95 -25.63 -3.41
CA CYS K 23 -36.98 -24.78 -2.80
C CYS K 23 -36.80 -23.37 -3.32
N ARG K 24 -37.91 -22.62 -3.42
CA ARG K 24 -37.89 -21.20 -3.76
C ARG K 24 -38.97 -20.45 -2.98
N SER K 25 -38.62 -19.26 -2.47
CA SER K 25 -39.49 -18.47 -1.60
C SER K 25 -39.82 -17.12 -2.26
N SER K 26 -41.00 -16.59 -1.91
CA SER K 26 -41.56 -15.41 -2.58
C SER K 26 -40.92 -14.09 -2.17
N GLN K 27 -40.06 -14.10 -1.16
CA GLN K 27 -39.18 -12.99 -0.82
C GLN K 27 -37.86 -13.61 -0.41
N SER K 28 -36.79 -12.83 -0.44
CA SER K 28 -35.52 -13.38 -0.03
C SER K 28 -35.49 -13.55 1.49
N LEU K 29 -34.91 -14.67 1.95
CA LEU K 29 -34.90 -15.01 3.37
C LEU K 29 -33.74 -14.39 4.13
N LEU K 30 -33.05 -13.43 3.52
CA LEU K 30 -31.85 -12.83 4.10
C LEU K 30 -32.29 -11.83 5.16
N HIS K 31 -32.24 -12.24 6.42
CA HIS K 31 -32.80 -11.40 7.48
C HIS K 31 -31.87 -10.23 7.73
N SER K 32 -32.37 -9.22 8.44
CA SER K 32 -31.58 -8.00 8.55
C SER K 32 -30.29 -8.19 9.36
N ASN K 33 -30.30 -8.95 10.45
CA ASN K 33 -29.04 -9.33 11.08
C ASN K 33 -28.12 -10.21 10.19
N GLY K 34 -28.44 -10.47 8.92
CA GLY K 34 -27.47 -11.09 8.04
C GLY K 34 -27.56 -12.60 7.87
N TYR K 35 -28.24 -13.33 8.75
CA TYR K 35 -28.36 -14.78 8.61
C TYR K 35 -29.54 -15.13 7.72
N THR K 36 -29.50 -16.34 7.16
CA THR K 36 -30.50 -16.82 6.20
C THR K 36 -31.30 -17.96 6.81
N TYR K 37 -32.48 -17.65 7.33
CA TYR K 37 -33.25 -18.57 8.17
C TYR K 37 -34.16 -19.47 7.32
N LEU K 38 -33.58 -20.53 6.75
CA LEU K 38 -34.37 -21.62 6.14
C LEU K 38 -33.91 -22.98 6.63
N ASP K 39 -34.85 -23.92 6.85
CA ASP K 39 -34.52 -25.27 7.29
C ASP K 39 -35.04 -26.31 6.30
N TRP K 40 -34.58 -27.56 6.49
CA TRP K 40 -35.13 -28.72 5.81
C TRP K 40 -35.45 -29.81 6.84
N TYR K 41 -36.65 -30.36 6.77
CA TYR K 41 -37.13 -31.39 7.68
C TYR K 41 -37.56 -32.63 6.91
N LEU K 42 -37.37 -33.81 7.50
CA LEU K 42 -37.67 -35.10 6.90
C LEU K 42 -38.67 -35.85 7.77
N GLN K 43 -39.77 -36.30 7.18
CA GLN K 43 -40.79 -37.06 7.89
C GLN K 43 -40.75 -38.49 7.38
N LYS K 44 -40.34 -39.44 8.21
CA LYS K 44 -40.29 -40.77 7.61
C LYS K 44 -41.67 -41.43 7.69
N PRO K 45 -41.89 -42.54 6.96
CA PRO K 45 -43.21 -43.18 7.01
C PRO K 45 -43.64 -43.51 8.44
N GLY K 46 -44.75 -42.92 8.88
CA GLY K 46 -45.31 -43.22 10.18
C GLY K 46 -44.59 -42.60 11.38
N GLN K 47 -44.05 -41.39 11.23
CA GLN K 47 -43.24 -40.73 12.25
C GLN K 47 -43.42 -39.23 12.22
N SER K 48 -43.06 -38.61 13.35
CA SER K 48 -43.00 -37.16 13.45
C SER K 48 -41.71 -36.64 12.83
N PRO K 49 -41.76 -35.46 12.18
CA PRO K 49 -40.58 -35.01 11.41
C PRO K 49 -39.25 -35.02 12.14
N GLN K 50 -38.16 -34.83 11.38
CA GLN K 50 -36.79 -34.85 11.89
C GLN K 50 -35.99 -33.72 11.28
N LEU K 51 -35.10 -33.10 12.06
CA LEU K 51 -34.27 -32.02 11.52
C LEU K 51 -33.15 -32.59 10.67
N LEU K 52 -32.93 -31.99 9.50
CA LEU K 52 -31.75 -32.23 8.67
C LEU K 52 -30.79 -31.05 8.63
N ILE K 53 -31.29 -29.87 8.25
CA ILE K 53 -30.49 -28.68 8.00
C ILE K 53 -31.17 -27.50 8.68
N TYR K 54 -30.40 -26.71 9.46
CA TYR K 54 -31.01 -25.71 10.34
C TYR K 54 -30.71 -24.27 9.98
N LEU K 55 -29.74 -24.00 9.10
CA LEU K 55 -29.71 -22.77 8.34
C LEU K 55 -29.31 -23.17 6.93
N ALA K 56 -29.43 -22.26 5.98
CA ALA K 56 -29.30 -22.62 4.58
C ALA K 56 -28.23 -23.66 4.33
N SER K 57 -27.05 -23.53 4.95
CA SER K 57 -25.95 -24.46 4.71
C SER K 57 -25.72 -25.53 5.79
N ASN K 58 -26.18 -25.32 7.02
CA ASN K 58 -25.66 -26.04 8.17
C ASN K 58 -26.41 -27.34 8.43
N ARG K 59 -25.69 -28.47 8.48
CA ARG K 59 -26.29 -29.70 8.97
C ARG K 59 -26.49 -29.66 10.48
N ALA K 60 -27.53 -30.35 10.94
CA ALA K 60 -27.79 -30.54 12.37
C ALA K 60 -26.98 -31.70 12.92
N SER K 61 -26.97 -31.81 14.25
CA SER K 61 -26.14 -32.81 14.91
C SER K 61 -26.84 -34.16 15.01
N GLY K 62 -26.07 -35.22 14.73
CA GLY K 62 -26.59 -36.56 14.62
C GLY K 62 -27.06 -36.93 13.23
N VAL K 63 -27.16 -35.98 12.32
CA VAL K 63 -27.61 -36.29 10.96
C VAL K 63 -26.47 -36.95 10.18
N PRO K 64 -26.73 -38.00 9.41
CA PRO K 64 -25.63 -38.68 8.71
C PRO K 64 -24.89 -37.75 7.77
N ASP K 65 -23.60 -38.04 7.54
CA ASP K 65 -22.68 -37.18 6.78
C ASP K 65 -22.98 -37.08 5.31
N ARG K 66 -24.07 -37.68 4.82
CA ARG K 66 -24.33 -37.68 3.39
C ARG K 66 -25.08 -36.44 2.89
N PHE K 67 -25.75 -35.67 3.75
CA PHE K 67 -26.57 -34.54 3.30
C PHE K 67 -25.75 -33.26 3.19
N SER K 68 -26.09 -32.40 2.22
CA SER K 68 -25.51 -31.07 2.18
C SER K 68 -26.53 -30.03 1.69
N GLY K 69 -26.27 -28.76 1.97
CA GLY K 69 -27.18 -27.70 1.57
C GLY K 69 -26.46 -26.54 0.92
N SER K 70 -27.20 -25.79 0.10
CA SER K 70 -26.64 -24.63 -0.59
C SER K 70 -27.74 -23.66 -0.98
N GLY K 71 -27.33 -22.48 -1.42
CA GLY K 71 -28.22 -21.47 -1.95
C GLY K 71 -28.24 -20.22 -1.09
N SER K 72 -28.79 -19.17 -1.68
CA SER K 72 -28.92 -17.89 -0.98
C SER K 72 -29.98 -17.06 -1.69
N GLY K 73 -30.48 -16.06 -0.99
CA GLY K 73 -31.52 -15.22 -1.53
C GLY K 73 -32.88 -15.89 -1.49
N THR K 74 -33.41 -16.26 -2.66
CA THR K 74 -34.70 -16.93 -2.74
C THR K 74 -34.60 -18.42 -2.97
N TYR K 75 -33.49 -18.92 -3.52
CA TYR K 75 -33.40 -20.27 -4.06
C TYR K 75 -32.43 -21.12 -3.25
N PHE K 76 -32.92 -22.25 -2.74
CA PHE K 76 -32.15 -23.13 -1.86
C PHE K 76 -32.27 -24.58 -2.32
N THR K 77 -31.25 -25.39 -2.02
CA THR K 77 -31.16 -26.76 -2.54
C THR K 77 -30.62 -27.72 -1.49
N LEU K 78 -31.23 -28.91 -1.40
CA LEU K 78 -30.76 -30.02 -0.57
C LEU K 78 -30.12 -31.08 -1.46
N LYS K 79 -28.88 -31.45 -1.14
CA LYS K 79 -28.11 -32.44 -1.89
C LYS K 79 -27.96 -33.71 -1.06
N ILE K 80 -28.17 -34.86 -1.69
CA ILE K 80 -27.86 -36.16 -1.12
C ILE K 80 -26.74 -36.78 -1.96
N SER K 81 -25.59 -37.01 -1.34
CA SER K 81 -24.42 -37.47 -2.09
C SER K 81 -24.58 -38.90 -2.58
N ARG K 82 -25.05 -39.79 -1.70
CA ARG K 82 -25.52 -41.12 -2.10
C ARG K 82 -26.81 -41.40 -1.35
N VAL K 83 -27.84 -41.81 -2.07
CA VAL K 83 -29.11 -42.16 -1.42
C VAL K 83 -29.02 -43.59 -0.93
N GLU K 84 -29.58 -43.84 0.25
CA GLU K 84 -29.63 -45.18 0.80
C GLU K 84 -31.04 -45.48 1.31
N ALA K 85 -31.27 -46.73 1.69
CA ALA K 85 -32.62 -47.19 1.98
C ALA K 85 -33.24 -46.56 3.23
N GLU K 86 -32.47 -45.84 4.03
CA GLU K 86 -33.09 -45.14 5.16
C GLU K 86 -33.65 -43.77 4.80
N ASP K 87 -33.48 -43.31 3.56
CA ASP K 87 -33.82 -41.94 3.20
C ASP K 87 -35.25 -41.76 2.68
N VAL K 88 -36.06 -42.81 2.67
CA VAL K 88 -37.40 -42.71 2.08
C VAL K 88 -38.36 -41.89 2.95
N GLY K 89 -38.98 -40.87 2.36
CA GLY K 89 -39.91 -40.08 3.12
C GLY K 89 -40.35 -38.80 2.41
N VAL K 90 -40.90 -37.88 3.19
CA VAL K 90 -41.38 -36.59 2.67
C VAL K 90 -40.50 -35.49 3.22
N TYR K 91 -39.93 -34.69 2.33
CA TYR K 91 -39.01 -33.62 2.71
C TYR K 91 -39.73 -32.29 2.63
N TYR K 92 -39.69 -31.52 3.72
CA TYR K 92 -40.27 -30.20 3.79
C TYR K 92 -39.19 -29.15 4.00
N CYS K 93 -39.29 -28.04 3.30
CA CYS K 93 -38.57 -26.86 3.72
C CYS K 93 -39.37 -26.03 4.72
N MET K 94 -38.67 -25.12 5.38
CA MET K 94 -39.20 -24.18 6.36
C MET K 94 -38.42 -22.87 6.30
N GLN K 95 -39.12 -21.77 6.53
CA GLN K 95 -38.51 -20.46 6.71
C GLN K 95 -38.96 -19.84 8.02
N ALA K 96 -38.00 -19.28 8.76
CA ALA K 96 -38.21 -18.70 10.08
C ALA K 96 -37.90 -17.22 10.10
N VAL K 97 -38.07 -16.53 8.98
CA VAL K 97 -37.74 -15.11 8.89
C VAL K 97 -38.83 -14.26 9.54
N GLN K 98 -40.09 -14.50 9.20
CA GLN K 98 -41.19 -13.64 9.61
C GLN K 98 -41.91 -14.23 10.82
N THR K 99 -42.88 -13.48 11.34
CA THR K 99 -43.55 -13.93 12.56
C THR K 99 -44.39 -15.17 12.32
N PRO K 100 -45.08 -15.34 11.17
CA PRO K 100 -45.59 -16.68 10.82
C PRO K 100 -44.57 -17.49 10.05
N TRP K 101 -44.20 -18.65 10.57
CA TRP K 101 -43.32 -19.57 9.86
C TRP K 101 -44.15 -20.44 8.90
N THR K 102 -43.57 -20.76 7.74
CA THR K 102 -44.28 -21.52 6.72
C THR K 102 -43.44 -22.69 6.21
N PHE K 103 -44.10 -23.80 5.88
CA PHE K 103 -43.42 -25.00 5.40
C PHE K 103 -43.64 -25.18 3.90
N GLY K 104 -42.73 -25.94 3.27
CA GLY K 104 -42.84 -26.27 1.86
C GLY K 104 -44.04 -27.18 1.62
N GLN K 105 -44.27 -27.43 0.34
CA GLN K 105 -45.34 -28.30 -0.12
C GLN K 105 -45.07 -29.79 0.13
N GLY K 106 -43.81 -30.21 0.24
CA GLY K 106 -43.47 -31.58 0.61
C GLY K 106 -43.15 -32.56 -0.50
N THR K 107 -41.87 -32.72 -0.83
CA THR K 107 -41.41 -33.65 -1.85
C THR K 107 -41.28 -35.07 -1.29
N LYS K 108 -42.27 -35.92 -1.55
CA LYS K 108 -42.10 -37.37 -1.48
C LYS K 108 -40.96 -37.87 -2.37
N VAL K 109 -40.20 -38.80 -1.81
CA VAL K 109 -39.06 -39.48 -2.42
C VAL K 109 -39.43 -40.96 -2.49
N GLU K 110 -39.41 -41.52 -3.69
CA GLU K 110 -39.90 -42.87 -3.95
C GLU K 110 -38.80 -43.66 -4.64
N ILE K 111 -38.44 -44.81 -4.07
CA ILE K 111 -37.35 -45.61 -4.61
C ILE K 111 -37.85 -46.43 -5.79
N LYS K 112 -37.02 -46.50 -6.83
CA LYS K 112 -37.42 -46.97 -8.14
C LYS K 112 -36.57 -48.16 -8.58
N GLU L 1 11.85 -12.10 31.23
CA GLU L 1 11.23 -12.43 32.55
C GLU L 1 9.74 -12.05 32.59
N PHE L 2 8.95 -12.84 33.30
CA PHE L 2 7.49 -12.70 33.28
C PHE L 2 7.04 -11.38 33.89
N LEU L 3 5.95 -10.85 33.37
CA LEU L 3 5.40 -9.57 33.79
C LEU L 3 4.59 -9.75 35.07
N ASN L 4 4.98 -9.05 36.13
CA ASN L 4 4.17 -8.97 37.34
C ASN L 4 2.94 -8.12 37.09
N ASN L 5 1.92 -8.30 37.94
CA ASN L 5 0.88 -7.27 38.00
C ASN L 5 0.28 -7.22 39.40
N THR L 6 1.03 -7.67 40.41
CA THR L 6 0.58 -7.68 41.80
C THR L 6 0.76 -6.30 42.43
N GLU L 7 0.18 -5.28 41.82
CA GLU L 7 0.42 -3.91 42.22
C GLU L 7 -0.85 -3.08 42.06
N PRO L 8 -1.02 -2.01 42.85
CA PRO L 8 -2.35 -1.41 42.94
C PRO L 8 -2.71 -0.57 41.74
N LEU L 9 -4.01 -0.49 41.46
CA LEU L 9 -4.48 0.39 40.40
C LEU L 9 -4.33 1.84 40.83
N CYS L 10 -3.92 2.67 39.89
CA CYS L 10 -3.63 4.07 40.17
C CYS L 10 -4.92 4.84 40.36
N ASN L 11 -4.89 5.81 41.28
CA ASN L 11 -6.00 6.75 41.40
C ASN L 11 -5.91 7.81 40.32
N VAL L 12 -7.02 8.08 39.64
CA VAL L 12 -7.01 9.00 38.51
C VAL L 12 -8.17 9.96 38.62
N SER L 13 -7.95 11.19 38.14
CA SER L 13 -8.88 12.29 38.31
C SER L 13 -9.60 12.69 37.03
N GLY L 14 -9.05 12.33 35.88
CA GLY L 14 -9.72 12.52 34.60
C GLY L 14 -8.96 11.70 33.59
N PHE L 15 -9.59 11.48 32.43
CA PHE L 15 -9.03 10.64 31.38
C PHE L 15 -8.68 11.48 30.16
N ALA L 16 -7.44 11.37 29.69
CA ALA L 16 -6.94 12.13 28.55
C ALA L 16 -6.81 11.24 27.32
N ILE L 17 -7.08 11.81 26.15
CA ILE L 17 -7.15 11.03 24.92
C ILE L 17 -5.75 10.63 24.46
N VAL L 18 -5.59 9.40 23.95
CA VAL L 18 -4.28 8.84 23.64
C VAL L 18 -4.14 8.52 22.16
N SER L 19 -5.16 7.96 21.52
CA SER L 19 -5.05 7.63 20.10
C SER L 19 -6.42 7.61 19.46
N LYS L 20 -6.43 7.62 18.12
CA LYS L 20 -7.68 7.62 17.35
C LYS L 20 -7.40 7.06 15.96
N ASP L 21 -8.05 5.94 15.61
CA ASP L 21 -7.71 5.22 14.38
C ASP L 21 -7.98 6.07 13.14
N ASN L 22 -9.13 6.71 13.11
CA ASN L 22 -9.73 7.37 11.94
C ASN L 22 -10.03 6.38 10.83
N GLY L 23 -10.05 5.09 11.17
CA GLY L 23 -10.01 4.05 10.15
C GLY L 23 -11.08 4.16 9.08
N ILE L 24 -12.34 4.44 9.46
CA ILE L 24 -13.38 4.55 8.43
C ILE L 24 -13.13 5.77 7.57
N ARG L 25 -12.60 6.84 8.15
CA ARG L 25 -12.39 8.08 7.41
C ARG L 25 -11.23 7.95 6.43
N ILE L 26 -10.20 7.18 6.81
CA ILE L 26 -9.10 6.91 5.90
C ILE L 26 -9.48 5.83 4.90
N GLY L 27 -10.33 4.88 5.30
CA GLY L 27 -10.68 3.75 4.47
C GLY L 27 -11.50 4.10 3.25
N SER L 28 -11.91 5.36 3.12
CA SER L 28 -12.71 5.76 1.97
C SER L 28 -11.90 5.80 0.69
N ARG L 29 -10.57 5.73 0.79
CA ARG L 29 -9.70 5.47 -0.36
C ARG L 29 -8.56 4.52 -0.03
N GLY L 30 -8.01 4.59 1.18
CA GLY L 30 -6.99 3.65 1.57
C GLY L 30 -7.53 2.24 1.72
N HIS L 31 -6.61 1.30 1.86
CA HIS L 31 -6.92 -0.13 1.98
C HIS L 31 -7.03 -0.50 3.45
N VAL L 32 -8.25 -0.39 3.98
CA VAL L 32 -8.54 -0.59 5.40
C VAL L 32 -9.52 -1.77 5.52
N PHE L 33 -9.43 -2.53 6.62
CA PHE L 33 -10.27 -3.71 6.78
C PHE L 33 -11.64 -3.33 7.31
N VAL L 34 -12.65 -4.15 6.98
CA VAL L 34 -13.92 -4.07 7.67
C VAL L 34 -13.81 -4.80 8.98
N ILE L 35 -14.06 -4.10 10.08
CA ILE L 35 -13.97 -4.63 11.44
C ILE L 35 -15.38 -4.89 11.92
N ARG L 36 -15.54 -5.46 13.12
CA ARG L 36 -16.75 -5.17 13.86
C ARG L 36 -16.43 -4.76 15.30
N GLU L 37 -15.59 -5.51 16.02
CA GLU L 37 -15.21 -5.05 17.36
C GLU L 37 -13.70 -5.04 17.53
N PRO L 38 -13.12 -3.93 17.98
CA PRO L 38 -11.69 -3.87 18.27
C PRO L 38 -11.40 -4.05 19.75
N PHE L 39 -10.11 -4.03 20.08
CA PHE L 39 -9.68 -3.82 21.46
C PHE L 39 -8.17 -3.56 21.46
N VAL L 40 -7.63 -3.24 22.64
CA VAL L 40 -6.23 -2.88 22.85
C VAL L 40 -5.67 -3.74 23.95
N ALA L 41 -4.49 -4.34 23.71
CA ALA L 41 -3.73 -4.77 24.86
C ALA L 41 -2.36 -4.11 24.81
N CYS L 42 -1.66 -4.11 25.95
CA CYS L 42 -0.28 -3.65 26.09
C CYS L 42 0.71 -4.74 26.49
N GLY L 43 1.88 -4.71 25.85
CA GLY L 43 3.05 -5.45 26.29
C GLY L 43 4.01 -4.56 27.06
N PRO L 44 5.23 -5.07 27.32
CA PRO L 44 6.27 -4.23 27.91
C PRO L 44 6.88 -3.24 26.94
N THR L 45 6.86 -3.54 25.63
CA THR L 45 7.47 -2.67 24.62
C THR L 45 6.45 -1.72 23.99
N GLU L 46 5.27 -2.21 23.62
CA GLU L 46 4.27 -1.37 22.97
C GLU L 46 2.88 -1.90 23.26
N CYS L 47 1.89 -1.04 23.08
CA CYS L 47 0.50 -1.44 23.07
C CYS L 47 0.04 -1.59 21.62
N ARG L 48 -0.91 -2.50 21.40
CA ARG L 48 -1.38 -2.84 20.06
C ARG L 48 -2.90 -2.89 20.02
N THR L 49 -3.47 -2.38 18.94
CA THR L 49 -4.89 -2.52 18.65
C THR L 49 -5.13 -3.87 17.98
N PHE L 50 -5.89 -4.74 18.64
CA PHE L 50 -6.37 -5.97 18.04
C PHE L 50 -7.74 -5.72 17.44
N PHE L 51 -8.12 -6.51 16.44
CA PHE L 51 -9.46 -6.40 15.89
C PHE L 51 -9.82 -7.66 15.14
N LEU L 52 -11.12 -7.95 15.08
CA LEU L 52 -11.64 -9.12 14.37
C LEU L 52 -12.08 -8.67 12.99
N THR L 53 -11.19 -8.79 12.01
CA THR L 53 -11.53 -8.42 10.65
C THR L 53 -12.70 -9.27 10.16
N GLN L 54 -13.32 -8.82 9.07
CA GLN L 54 -14.33 -9.63 8.40
C GLN L 54 -13.85 -10.13 7.04
N GLY L 55 -12.53 -10.20 6.85
CA GLY L 55 -11.96 -10.76 5.64
C GLY L 55 -12.17 -9.94 4.39
N ALA L 56 -12.48 -8.66 4.52
CA ALA L 56 -12.77 -7.84 3.36
C ALA L 56 -12.40 -6.40 3.67
N LEU L 57 -12.19 -5.63 2.61
CA LEU L 57 -11.83 -4.22 2.75
C LEU L 57 -13.04 -3.32 2.51
N LEU L 58 -12.94 -2.09 3.02
CA LEU L 58 -14.00 -1.11 2.81
C LEU L 58 -14.04 -0.64 1.36
N ASN L 59 -15.27 -0.46 0.87
CA ASN L 59 -15.59 -0.15 -0.53
C ASN L 59 -15.45 -1.34 -1.48
N ASP L 60 -15.07 -2.51 -0.94
CA ASP L 60 -14.93 -3.72 -1.73
C ASP L 60 -16.24 -4.49 -1.73
N LYS L 61 -16.50 -5.25 -2.79
CA LYS L 61 -17.82 -5.89 -2.90
C LYS L 61 -17.99 -7.04 -1.92
N HIS L 62 -16.90 -7.52 -1.32
CA HIS L 62 -16.95 -8.46 -0.20
C HIS L 62 -17.06 -7.78 1.14
N SER L 63 -17.43 -6.51 1.17
CA SER L 63 -17.93 -5.91 2.39
C SER L 63 -19.44 -6.07 2.50
N ASN L 64 -20.09 -6.63 1.49
CA ASN L 64 -21.54 -6.76 1.51
C ASN L 64 -21.95 -7.73 2.59
N ASN L 65 -23.08 -7.44 3.25
CA ASN L 65 -23.60 -8.29 4.32
C ASN L 65 -22.66 -8.45 5.52
N THR L 66 -21.72 -7.56 5.72
CA THR L 66 -20.88 -7.75 6.91
C THR L 66 -21.60 -7.43 8.20
N VAL L 67 -22.94 -7.38 8.24
CA VAL L 67 -23.63 -7.42 9.51
C VAL L 67 -23.49 -8.80 10.12
N LYS L 68 -23.29 -9.83 9.30
CA LYS L 68 -23.18 -11.20 9.75
C LYS L 68 -21.92 -11.40 10.59
N ASP L 69 -22.09 -11.67 11.87
CA ASP L 69 -20.98 -11.58 12.82
C ASP L 69 -20.30 -12.92 13.12
N ARG L 70 -20.71 -14.03 12.51
CA ARG L 70 -20.00 -15.29 12.67
C ARG L 70 -19.92 -16.02 11.34
N SER L 71 -18.70 -16.18 10.83
CA SER L 71 -18.45 -16.78 9.53
C SER L 71 -17.03 -17.32 9.52
N PRO L 72 -16.69 -18.18 8.55
CA PRO L 72 -15.36 -18.79 8.61
C PRO L 72 -14.22 -17.82 8.33
N TYR L 73 -14.51 -16.73 7.62
CA TYR L 73 -13.55 -15.76 7.10
C TYR L 73 -12.94 -14.82 8.13
N ARG L 74 -13.57 -14.64 9.30
CA ARG L 74 -13.05 -13.67 10.28
C ARG L 74 -11.71 -14.17 10.83
N ALA L 75 -10.97 -13.27 11.48
CA ALA L 75 -9.56 -13.47 11.81
C ALA L 75 -9.09 -12.29 12.64
N LEU L 76 -8.51 -12.61 13.79
CA LEU L 76 -7.96 -11.62 14.70
C LEU L 76 -6.61 -11.13 14.18
N MET L 77 -6.44 -9.81 14.09
CA MET L 77 -5.20 -9.21 13.61
C MET L 77 -4.82 -8.04 14.52
N SER L 78 -3.57 -7.58 14.41
CA SER L 78 -2.98 -6.69 15.40
C SER L 78 -2.16 -5.59 14.73
N VAL L 79 -2.34 -4.35 15.19
CA VAL L 79 -1.73 -3.16 14.59
C VAL L 79 -1.32 -2.13 15.63
N PRO L 80 -0.08 -1.65 15.68
CA PRO L 80 0.33 -0.86 16.85
C PRO L 80 -0.61 0.31 17.11
N LEU L 81 -0.77 0.59 18.39
CA LEU L 81 -1.67 1.58 18.96
C LEU L 81 -1.76 2.82 18.07
N GLY L 82 -2.92 3.04 17.46
CA GLY L 82 -3.21 4.28 16.81
C GLY L 82 -3.13 4.25 15.30
N SER L 83 -2.35 3.35 14.73
CA SER L 83 -2.34 3.23 13.28
C SER L 83 -3.67 2.69 12.80
N SER L 84 -4.02 3.00 11.55
CA SER L 84 -5.29 2.53 11.03
C SER L 84 -5.23 1.03 10.79
N PRO L 85 -6.37 0.35 10.75
CA PRO L 85 -6.37 -1.12 10.56
C PRO L 85 -6.21 -1.53 9.11
N ASN L 86 -5.06 -1.18 8.53
CA ASN L 86 -4.87 -1.30 7.09
C ASN L 86 -4.32 -2.65 6.71
N ALA L 87 -4.39 -2.93 5.41
CA ALA L 87 -4.11 -4.26 4.87
C ALA L 87 -2.63 -4.60 4.95
N TYR L 88 -1.74 -3.60 5.00
CA TYR L 88 -0.31 -3.84 4.84
C TYR L 88 0.50 -3.65 6.11
N GLN L 89 -0.11 -3.27 7.22
CA GLN L 89 0.57 -3.26 8.51
C GLN L 89 0.06 -4.31 9.48
N ALA L 90 -1.09 -4.90 9.22
CA ALA L 90 -1.78 -5.75 10.19
C ALA L 90 -1.12 -7.12 10.26
N LYS L 91 -0.58 -7.45 11.44
CA LYS L 91 0.01 -8.75 11.73
C LYS L 91 -1.06 -9.76 12.15
N PHE L 92 -1.13 -10.89 11.44
CA PHE L 92 -2.12 -11.94 11.74
C PHE L 92 -1.85 -12.57 13.09
N GLU L 93 -2.92 -12.73 13.87
CA GLU L 93 -2.82 -13.36 15.19
C GLU L 93 -3.59 -14.67 15.32
N SER L 94 -4.77 -14.82 14.73
CA SER L 94 -5.55 -16.04 14.91
C SER L 94 -6.72 -16.06 13.94
N VAL L 95 -7.21 -17.26 13.61
CA VAL L 95 -8.52 -17.42 12.99
C VAL L 95 -9.55 -17.49 14.11
N ALA L 96 -10.58 -16.64 14.05
CA ALA L 96 -11.41 -16.44 15.22
C ALA L 96 -12.66 -15.65 14.85
N TRP L 97 -13.80 -15.99 15.47
CA TRP L 97 -14.95 -15.09 15.42
C TRP L 97 -15.37 -14.51 16.78
N SER L 98 -14.57 -14.71 17.82
CA SER L 98 -14.61 -14.19 19.18
C SER L 98 -13.28 -14.50 19.86
N ALA L 99 -12.63 -13.50 20.45
CA ALA L 99 -11.23 -13.69 20.85
C ALA L 99 -10.84 -12.79 22.02
N THR L 100 -9.68 -13.09 22.60
CA THR L 100 -9.02 -12.28 23.62
C THR L 100 -7.50 -12.46 23.52
N ALA L 101 -6.74 -11.43 23.89
CA ALA L 101 -5.28 -11.47 23.75
C ALA L 101 -4.58 -10.60 24.79
N CYS L 102 -3.41 -11.06 25.24
CA CYS L 102 -2.63 -10.33 26.24
C CYS L 102 -1.19 -10.82 26.23
N HIS L 103 -0.30 -10.03 26.83
CA HIS L 103 1.14 -10.27 26.82
C HIS L 103 1.60 -10.65 28.22
N ASP L 104 2.29 -11.79 28.37
CA ASP L 104 2.64 -12.27 29.69
C ASP L 104 4.02 -11.80 30.14
N GLY L 105 4.67 -10.95 29.36
CA GLY L 105 6.02 -10.52 29.62
C GLY L 105 7.05 -11.17 28.72
N LYS L 106 6.75 -12.37 28.21
CA LYS L 106 7.58 -13.06 27.23
C LYS L 106 6.99 -12.99 25.83
N LYS L 107 5.76 -13.46 25.64
CA LYS L 107 5.19 -13.54 24.30
C LYS L 107 3.68 -13.35 24.34
N TRP L 108 3.12 -12.91 23.23
CA TRP L 108 1.68 -12.67 23.15
C TRP L 108 0.92 -13.97 23.20
N LEU L 109 -0.17 -13.99 23.96
CA LEU L 109 -1.15 -15.06 23.99
C LEU L 109 -2.43 -14.56 23.32
N ALA L 110 -3.07 -15.42 22.53
CA ALA L 110 -4.28 -15.03 21.82
C ALA L 110 -5.20 -16.22 21.68
N VAL L 111 -6.41 -16.10 22.18
CA VAL L 111 -7.41 -17.16 22.16
C VAL L 111 -8.40 -16.86 21.05
N GLY L 112 -8.47 -17.74 20.05
CA GLY L 112 -9.42 -17.57 18.98
C GLY L 112 -10.43 -18.70 18.86
N ILE L 113 -11.71 -18.36 18.94
CA ILE L 113 -12.79 -19.33 18.87
C ILE L 113 -13.23 -19.49 17.41
N SER L 114 -13.46 -20.72 16.98
CA SER L 114 -13.93 -20.96 15.63
C SER L 114 -14.76 -22.25 15.63
N GLY L 115 -15.22 -22.67 14.45
CA GLY L 115 -16.10 -23.81 14.34
C GLY L 115 -17.57 -23.41 14.28
N ALA L 116 -18.41 -24.42 14.02
CA ALA L 116 -19.83 -24.18 13.77
C ALA L 116 -20.55 -23.84 15.06
N ASP L 117 -21.77 -23.31 14.91
CA ASP L 117 -22.49 -22.78 16.07
C ASP L 117 -22.62 -23.83 17.16
N ASP L 118 -23.05 -25.03 16.77
CA ASP L 118 -23.38 -26.06 17.75
C ASP L 118 -22.17 -26.87 18.21
N ASP L 119 -20.94 -26.46 17.86
CA ASP L 119 -19.78 -27.31 18.09
C ASP L 119 -18.44 -26.57 18.07
N ALA L 120 -18.47 -25.27 18.28
CA ALA L 120 -17.33 -24.36 18.45
C ALA L 120 -16.25 -24.90 19.39
N TYR L 121 -15.01 -24.42 19.15
CA TYR L 121 -13.84 -24.71 19.95
C TYR L 121 -12.85 -23.54 19.88
N ALA L 122 -12.06 -23.38 20.93
CA ALA L 122 -11.07 -22.31 21.05
C ALA L 122 -9.66 -22.84 20.88
N VAL L 123 -8.83 -22.11 20.13
CA VAL L 123 -7.42 -22.44 19.93
C VAL L 123 -6.56 -21.37 20.58
N ILE L 124 -5.79 -21.76 21.59
CA ILE L 124 -4.92 -20.87 22.34
C ILE L 124 -3.58 -20.76 21.64
N HIS L 125 -3.35 -19.65 20.94
CA HIS L 125 -2.05 -19.35 20.37
C HIS L 125 -1.11 -18.73 21.40
N TYR L 126 0.18 -19.08 21.32
CA TYR L 126 1.17 -18.50 22.23
C TYR L 126 2.48 -18.32 21.48
N GLY L 127 2.77 -17.09 21.08
CA GLY L 127 3.95 -16.81 20.32
C GLY L 127 3.86 -17.27 18.88
N GLY L 128 2.64 -17.40 18.35
CA GLY L 128 2.47 -17.74 16.96
C GLY L 128 2.30 -19.21 16.65
N MET L 129 1.88 -20.02 17.61
CA MET L 129 1.67 -21.44 17.39
C MET L 129 0.58 -21.94 18.31
N PRO L 130 -0.28 -22.86 17.84
CA PRO L 130 -1.39 -23.33 18.67
C PRO L 130 -0.90 -24.30 19.73
N THR L 131 -0.88 -23.86 21.00
CA THR L 131 -0.49 -24.77 22.06
C THR L 131 -1.61 -25.63 22.65
N ASP L 132 -2.89 -25.28 22.48
CA ASP L 132 -3.94 -25.99 23.22
C ASP L 132 -5.30 -25.69 22.60
N VAL L 133 -6.30 -26.50 22.95
CA VAL L 133 -7.67 -26.35 22.43
C VAL L 133 -8.68 -26.61 23.54
N VAL L 134 -9.74 -25.81 23.57
CA VAL L 134 -10.83 -25.91 24.55
C VAL L 134 -12.15 -26.04 23.80
N ARG L 135 -12.84 -27.17 23.96
CA ARG L 135 -14.10 -27.37 23.26
C ARG L 135 -15.30 -26.94 24.11
N SER L 136 -16.43 -26.73 23.42
CA SER L 136 -17.70 -26.34 24.03
C SER L 136 -18.16 -27.36 25.07
N TRP L 137 -19.04 -26.97 26.01
CA TRP L 137 -19.58 -27.97 26.93
C TRP L 137 -21.10 -28.03 27.07
N ARG L 138 -21.84 -26.94 26.84
CA ARG L 138 -23.27 -27.01 26.53
C ARG L 138 -23.49 -26.99 25.04
N LYS L 139 -22.46 -26.78 24.23
CA LYS L 139 -22.59 -26.97 22.79
C LYS L 139 -23.55 -25.96 22.17
N GLN L 140 -23.49 -24.72 22.63
CA GLN L 140 -24.07 -23.60 21.93
C GLN L 140 -22.96 -22.60 21.57
N ILE L 141 -23.22 -21.30 21.69
CA ILE L 141 -22.20 -20.39 21.14
C ILE L 141 -21.12 -20.16 22.20
N LEU L 142 -19.92 -20.72 22.00
CA LEU L 142 -18.79 -20.45 22.89
C LEU L 142 -18.30 -19.02 22.71
N ARG L 143 -18.01 -18.33 23.82
CA ARG L 143 -17.57 -16.92 23.80
C ARG L 143 -16.46 -16.68 24.81
N THR L 144 -15.45 -15.88 24.42
CA THR L 144 -14.54 -15.19 25.30
C THR L 144 -14.95 -13.73 25.54
N GLN L 145 -14.24 -13.09 26.48
CA GLN L 145 -14.31 -11.63 26.66
C GLN L 145 -13.67 -10.94 25.47
N GLU L 146 -14.42 -10.06 24.81
CA GLU L 146 -13.89 -9.33 23.65
C GLU L 146 -13.02 -8.16 24.09
N SER L 147 -12.05 -8.44 24.95
CA SER L 147 -11.02 -7.51 25.38
C SER L 147 -9.94 -8.36 26.00
N SER L 148 -8.84 -7.70 26.37
CA SER L 148 -7.62 -8.39 26.77
C SER L 148 -7.85 -9.27 27.99
N CYS L 149 -7.05 -10.33 28.06
CA CYS L 149 -6.94 -11.14 29.26
C CYS L 149 -6.00 -10.49 30.27
N VAL L 150 -5.94 -11.07 31.46
CA VAL L 150 -5.19 -10.52 32.58
C VAL L 150 -4.10 -11.50 32.99
N CYS L 151 -2.85 -11.06 32.94
CA CYS L 151 -1.71 -11.91 33.24
C CYS L 151 -1.08 -11.47 34.55
N MET L 152 -0.83 -12.43 35.44
CA MET L 152 -0.14 -12.15 36.69
C MET L 152 0.88 -13.22 37.00
N ASN L 153 2.07 -12.81 37.41
CA ASN L 153 3.15 -13.74 37.78
C ASN L 153 3.33 -14.82 36.72
N GLY L 154 2.99 -14.50 35.48
CA GLY L 154 3.16 -15.41 34.36
C GLY L 154 1.93 -16.20 33.96
N ASN L 155 0.90 -16.26 34.81
CA ASN L 155 -0.35 -17.00 34.54
C ASN L 155 -1.49 -16.13 34.03
N CYS L 156 -1.90 -16.33 32.79
CA CYS L 156 -2.88 -15.45 32.16
C CYS L 156 -4.29 -16.02 32.26
N TYR L 157 -5.27 -15.16 32.59
CA TYR L 157 -6.61 -15.54 33.00
C TYR L 157 -7.67 -14.98 32.05
N TRP L 158 -8.84 -15.62 32.00
CA TRP L 158 -9.95 -15.12 31.19
C TRP L 158 -11.23 -15.90 31.52
N VAL L 159 -12.38 -15.29 31.16
CA VAL L 159 -13.71 -15.88 31.36
C VAL L 159 -14.24 -16.29 29.99
N MET L 160 -14.84 -17.47 29.90
CA MET L 160 -15.53 -17.95 28.72
C MET L 160 -16.95 -18.35 29.11
N THR L 161 -17.86 -18.43 28.15
CA THR L 161 -19.23 -18.83 28.45
C THR L 161 -19.83 -19.61 27.31
N ASP L 162 -20.71 -20.56 27.65
CA ASP L 162 -21.40 -21.41 26.71
C ASP L 162 -22.84 -21.60 27.15
N GLY L 163 -23.78 -21.44 26.22
CA GLY L 163 -25.18 -21.48 26.56
C GLY L 163 -25.96 -20.33 25.98
N PRO L 164 -27.19 -20.13 26.46
CA PRO L 164 -28.09 -19.19 25.80
C PRO L 164 -27.68 -17.74 25.99
N ALA L 165 -28.32 -16.90 25.18
CA ALA L 165 -28.19 -15.45 25.26
C ALA L 165 -29.22 -14.83 26.20
N ASN L 166 -30.49 -15.14 26.02
CA ASN L 166 -31.57 -14.53 26.78
C ASN L 166 -32.01 -15.35 27.98
N SER L 167 -31.13 -16.17 28.53
CA SER L 167 -31.45 -17.12 29.58
C SER L 167 -30.15 -17.61 30.20
N GLN L 168 -30.28 -18.34 31.31
CA GLN L 168 -29.10 -18.63 32.12
C GLN L 168 -28.15 -19.57 31.39
N ALA L 169 -26.86 -19.24 31.42
CA ALA L 169 -25.80 -19.93 30.69
C ALA L 169 -24.87 -20.64 31.65
N SER L 170 -23.77 -21.16 31.12
CA SER L 170 -22.67 -21.68 31.93
C SER L 170 -21.43 -20.85 31.67
N TYR L 171 -20.81 -20.35 32.74
CA TYR L 171 -19.65 -19.49 32.65
C TYR L 171 -18.47 -20.12 33.37
N LYS L 172 -17.26 -20.03 32.80
CA LYS L 172 -16.07 -20.64 33.40
C LYS L 172 -14.86 -19.71 33.34
N ILE L 173 -14.02 -19.78 34.37
CA ILE L 173 -12.79 -19.01 34.50
C ILE L 173 -11.61 -19.91 34.17
N PHE L 174 -10.73 -19.47 33.27
CA PHE L 174 -9.59 -20.28 32.87
C PHE L 174 -8.28 -19.62 33.33
N LYS L 175 -7.22 -20.43 33.40
CA LYS L 175 -5.90 -20.01 33.83
C LYS L 175 -4.87 -20.78 33.02
N SER L 176 -3.87 -20.10 32.46
CA SER L 176 -2.95 -20.74 31.53
C SER L 176 -1.50 -20.35 31.82
N HIS L 177 -0.58 -21.27 31.52
CA HIS L 177 0.85 -21.03 31.71
C HIS L 177 1.63 -21.42 30.47
N GLU L 178 2.38 -20.47 29.92
CA GLU L 178 3.03 -20.59 28.62
C GLU L 178 2.15 -21.34 27.63
N GLY L 179 0.91 -20.86 27.48
CA GLY L 179 0.03 -21.33 26.42
C GLY L 179 -1.00 -22.36 26.81
N MET L 180 -0.57 -23.44 27.45
CA MET L 180 -1.43 -24.57 27.76
C MET L 180 -2.22 -24.34 29.04
N VAL L 181 -3.45 -24.85 29.11
CA VAL L 181 -4.31 -24.49 30.23
C VAL L 181 -3.92 -25.34 31.44
N THR L 182 -3.97 -24.74 32.63
CA THR L 182 -3.71 -25.45 33.86
C THR L 182 -4.87 -25.51 34.85
N ASN L 183 -5.88 -24.65 34.75
CA ASN L 183 -7.01 -24.74 35.65
C ASN L 183 -8.28 -24.17 35.00
N GLU L 184 -9.43 -24.52 35.57
CA GLU L 184 -10.73 -24.12 35.05
C GLU L 184 -11.77 -24.29 36.15
N ARG L 185 -12.51 -23.21 36.48
CA ARG L 185 -13.55 -23.26 37.50
C ARG L 185 -14.84 -22.59 37.02
N GLU L 186 -15.97 -23.17 37.37
CA GLU L 186 -17.27 -22.69 36.88
C GLU L 186 -17.90 -21.71 37.87
N VAL L 187 -18.48 -20.63 37.34
CA VAL L 187 -19.11 -19.59 38.15
C VAL L 187 -20.56 -19.99 38.38
N SER L 188 -20.90 -20.36 39.62
CA SER L 188 -22.27 -20.67 39.98
C SER L 188 -23.00 -19.37 40.31
N PHE L 189 -23.92 -18.97 39.42
CA PHE L 189 -24.56 -17.65 39.48
C PHE L 189 -25.99 -17.88 39.01
N GLN L 190 -26.91 -18.17 39.92
CA GLN L 190 -28.24 -18.57 39.46
C GLN L 190 -29.14 -17.39 39.08
N GLY L 191 -28.78 -16.16 39.44
CA GLY L 191 -29.67 -15.04 39.24
C GLY L 191 -29.40 -14.12 38.07
N GLY L 192 -28.41 -14.39 37.23
CA GLY L 192 -28.04 -13.41 36.23
C GLY L 192 -27.12 -13.97 35.18
N HIS L 193 -26.56 -13.06 34.37
CA HIS L 193 -25.86 -13.43 33.16
C HIS L 193 -24.56 -12.64 33.04
N ILE L 194 -23.49 -13.33 32.65
CA ILE L 194 -22.13 -12.78 32.65
C ILE L 194 -21.48 -13.05 31.30
N GLU L 195 -21.71 -12.18 30.31
CA GLU L 195 -21.35 -12.57 28.95
C GLU L 195 -19.96 -12.12 28.48
N GLU L 196 -19.63 -10.84 28.60
CA GLU L 196 -18.62 -10.24 27.72
C GLU L 196 -17.66 -9.34 28.51
N CYS L 197 -17.20 -9.84 29.65
CA CYS L 197 -16.56 -9.07 30.71
C CYS L 197 -15.44 -8.10 30.30
N SER L 198 -15.13 -7.09 31.14
CA SER L 198 -13.91 -6.30 30.94
C SER L 198 -13.07 -6.43 32.20
N CYS L 199 -11.83 -6.92 32.07
CA CYS L 199 -11.07 -7.33 33.24
C CYS L 199 -9.75 -6.58 33.36
N TYR L 200 -9.33 -6.35 34.62
CA TYR L 200 -8.07 -5.69 34.94
C TYR L 200 -7.51 -6.23 36.24
N PRO L 201 -6.19 -6.23 36.41
CA PRO L 201 -5.60 -6.69 37.67
C PRO L 201 -5.50 -5.59 38.69
N ASN L 202 -5.57 -5.99 39.96
CA ASN L 202 -5.57 -5.02 41.06
C ASN L 202 -5.16 -5.71 42.35
N LEU L 203 -3.97 -5.38 42.81
CA LEU L 203 -3.34 -5.82 44.06
C LEU L 203 -3.16 -7.34 44.09
N GLY L 204 -3.30 -8.00 42.94
CA GLY L 204 -3.27 -9.44 42.86
C GLY L 204 -4.60 -10.13 42.79
N LYS L 205 -5.70 -9.40 42.83
CA LYS L 205 -6.99 -9.91 42.40
C LYS L 205 -7.24 -9.49 40.96
N VAL L 206 -8.03 -10.28 40.25
CA VAL L 206 -8.53 -9.90 38.94
C VAL L 206 -9.99 -9.50 39.08
N GLU L 207 -10.30 -8.27 38.68
CA GLU L 207 -11.64 -7.72 38.78
C GLU L 207 -12.21 -7.51 37.38
N CYS L 208 -13.41 -8.03 37.16
CA CYS L 208 -14.15 -7.96 35.90
C CYS L 208 -15.51 -7.29 36.10
N VAL L 209 -15.86 -6.37 35.18
CA VAL L 209 -17.18 -5.74 35.15
C VAL L 209 -17.85 -6.04 33.82
N CYS L 210 -18.83 -6.95 33.85
CA CYS L 210 -19.36 -7.65 32.68
C CYS L 210 -20.62 -7.07 32.04
N ARG L 211 -21.50 -7.94 31.53
CA ARG L 211 -22.64 -7.57 30.71
C ARG L 211 -23.82 -8.47 31.05
N ASP L 212 -24.83 -7.91 31.71
CA ASP L 212 -26.01 -8.69 32.13
C ASP L 212 -27.05 -8.65 31.01
N ASN L 213 -27.08 -9.71 30.23
CA ASN L 213 -27.95 -9.82 29.06
C ASN L 213 -29.29 -10.47 29.35
N TRP L 214 -29.65 -10.64 30.62
CA TRP L 214 -30.93 -11.25 30.98
C TRP L 214 -31.41 -10.66 32.29
N ASN L 215 -32.63 -10.13 32.27
CA ASN L 215 -33.33 -9.60 33.44
C ASN L 215 -32.51 -8.58 34.24
N GLY L 216 -31.66 -7.79 33.58
CA GLY L 216 -30.89 -6.79 34.31
C GLY L 216 -30.56 -5.49 33.59
N MET L 217 -30.62 -4.37 34.34
CA MET L 217 -30.10 -3.08 33.90
C MET L 217 -28.68 -2.83 34.39
N ASN L 218 -28.11 -3.74 35.16
CA ASN L 218 -27.00 -3.46 36.06
C ASN L 218 -25.82 -4.39 35.75
N ARG L 219 -24.62 -3.91 36.06
CA ARG L 219 -23.41 -4.62 35.69
C ARG L 219 -23.14 -5.76 36.68
N PRO L 220 -22.86 -6.97 36.22
CA PRO L 220 -22.35 -8.00 37.13
C PRO L 220 -20.87 -7.79 37.37
N ILE L 221 -20.42 -8.13 38.57
CA ILE L 221 -19.01 -8.09 38.94
C ILE L 221 -18.54 -9.50 39.21
N LEU L 222 -17.30 -9.79 38.81
CA LEU L 222 -16.62 -11.03 39.17
C LEU L 222 -15.21 -10.69 39.66
N ILE L 223 -14.81 -11.31 40.77
CA ILE L 223 -13.52 -11.08 41.38
C ILE L 223 -12.90 -12.42 41.71
N PHE L 224 -11.66 -12.66 41.27
CA PHE L 224 -11.02 -13.95 41.49
C PHE L 224 -9.51 -13.73 41.56
N ASP L 225 -8.78 -14.71 42.07
CA ASP L 225 -7.35 -14.53 42.33
C ASP L 225 -6.58 -15.79 41.95
N GLU L 226 -5.40 -15.97 42.56
CA GLU L 226 -4.38 -16.86 42.02
C GLU L 226 -4.91 -18.25 41.72
N ASP L 227 -5.64 -18.88 42.65
CA ASP L 227 -6.12 -20.23 42.43
C ASP L 227 -7.64 -20.31 42.32
N LEU L 228 -8.23 -19.23 41.83
CA LEU L 228 -9.52 -19.17 41.13
C LEU L 228 -10.69 -19.26 42.10
N ASP L 229 -10.46 -18.94 43.37
CA ASP L 229 -11.57 -18.68 44.28
C ASP L 229 -12.20 -17.34 43.92
N TYR L 230 -13.51 -17.23 44.10
CA TYR L 230 -14.18 -16.06 43.56
C TYR L 230 -15.29 -15.51 44.45
N GLU L 231 -15.70 -14.34 44.02
CA GLU L 231 -16.92 -13.62 44.38
C GLU L 231 -17.69 -13.11 43.18
N VAL L 232 -19.00 -13.30 43.23
CA VAL L 232 -19.92 -12.88 42.18
C VAL L 232 -21.01 -12.03 42.78
N GLY L 233 -21.39 -10.98 42.07
CA GLY L 233 -22.44 -10.10 42.53
C GLY L 233 -22.70 -9.03 41.50
N TYR L 234 -23.24 -7.91 41.96
CA TYR L 234 -23.56 -6.77 41.10
C TYR L 234 -22.90 -5.49 41.59
N LEU L 235 -22.63 -4.59 40.63
CA LEU L 235 -22.19 -3.23 40.91
C LEU L 235 -23.27 -2.49 41.68
N CYS L 236 -23.00 -2.24 42.96
CA CYS L 236 -23.93 -1.66 43.92
C CYS L 236 -24.52 -0.32 43.49
N ALA L 237 -24.00 0.32 42.45
CA ALA L 237 -24.25 1.74 42.27
C ALA L 237 -25.72 2.02 42.09
N GLY L 238 -26.17 3.14 42.64
CA GLY L 238 -27.49 3.64 42.36
C GLY L 238 -27.62 4.26 41.00
N ILE L 239 -26.56 4.28 40.20
CA ILE L 239 -26.61 4.81 38.84
C ILE L 239 -26.54 3.62 37.88
N PRO L 240 -27.57 3.35 37.08
CA PRO L 240 -27.52 2.22 36.15
C PRO L 240 -26.72 2.55 34.91
N THR L 241 -26.14 1.52 34.28
CA THR L 241 -25.06 1.77 33.33
C THR L 241 -25.07 0.80 32.15
N ASP L 242 -26.16 0.10 31.89
CA ASP L 242 -26.30 -0.67 30.67
C ASP L 242 -26.95 0.23 29.63
N THR L 243 -27.12 -0.23 28.38
CA THR L 243 -27.74 0.67 27.42
C THR L 243 -29.24 0.78 27.66
N PRO L 244 -30.02 -0.30 27.60
CA PRO L 244 -31.42 -0.17 27.99
C PRO L 244 -31.53 0.04 29.50
N ARG L 245 -32.12 1.17 29.89
CA ARG L 245 -32.29 1.46 31.30
C ARG L 245 -33.37 2.52 31.50
N VAL L 246 -33.93 2.54 32.72
CA VAL L 246 -34.79 3.64 33.12
C VAL L 246 -33.93 4.76 33.69
N GLN L 247 -34.50 5.96 33.76
CA GLN L 247 -33.68 7.10 34.13
C GLN L 247 -33.21 6.98 35.58
N ASP L 248 -32.07 7.59 35.86
CA ASP L 248 -31.40 7.48 37.16
C ASP L 248 -32.31 7.73 38.36
N SER L 249 -33.35 8.55 38.22
CA SER L 249 -34.16 8.84 39.40
C SER L 249 -35.18 7.74 39.70
N SER L 250 -35.37 6.81 38.77
CA SER L 250 -36.34 5.73 38.91
C SER L 250 -35.72 4.43 39.41
N PHE L 251 -34.44 4.23 39.15
CA PHE L 251 -33.71 3.02 39.55
C PHE L 251 -33.39 3.04 41.04
N THR L 252 -33.21 1.85 41.65
CA THR L 252 -32.85 1.74 43.07
C THR L 252 -31.56 0.98 43.38
N GLY L 253 -31.03 0.18 42.45
CA GLY L 253 -29.75 -0.45 42.67
C GLY L 253 -29.94 -1.74 43.42
N SER L 254 -28.91 -2.59 43.41
CA SER L 254 -28.79 -3.73 44.29
C SER L 254 -27.40 -4.31 44.17
N CYS L 255 -26.86 -4.81 45.28
CA CYS L 255 -25.54 -5.41 45.28
C CYS L 255 -25.55 -6.89 44.95
N THR L 256 -26.71 -7.55 45.01
CA THR L 256 -26.76 -9.01 44.91
C THR L 256 -27.82 -9.55 43.95
N ASN L 257 -28.69 -8.73 43.40
CA ASN L 257 -29.80 -9.20 42.57
C ASN L 257 -29.87 -8.41 41.27
N ALA L 258 -30.34 -9.09 40.23
CA ALA L 258 -30.54 -8.44 38.93
C ALA L 258 -31.77 -7.54 38.99
N VAL L 259 -31.59 -6.26 38.73
CA VAL L 259 -32.70 -5.30 38.72
C VAL L 259 -33.18 -5.09 37.30
N GLY L 260 -34.39 -5.57 37.00
CA GLY L 260 -34.96 -5.41 35.68
C GLY L 260 -35.76 -4.13 35.53
N GLY L 261 -36.44 -4.03 34.39
CA GLY L 261 -37.09 -2.80 34.00
C GLY L 261 -38.15 -3.03 32.93
N SER L 262 -38.83 -1.95 32.59
CA SER L 262 -39.82 -1.98 31.51
C SER L 262 -39.09 -1.88 30.18
N GLY L 263 -39.07 -2.99 29.44
CA GLY L 263 -38.44 -3.02 28.14
C GLY L 263 -36.93 -3.12 28.14
N THR L 264 -36.30 -3.38 29.28
CA THR L 264 -34.85 -3.38 29.37
C THR L 264 -34.25 -4.76 29.60
N ASN L 265 -35.03 -5.82 29.51
CA ASN L 265 -34.62 -7.08 30.14
C ASN L 265 -33.75 -7.95 29.27
N ASN L 266 -33.89 -7.92 27.94
CA ASN L 266 -33.23 -8.89 27.08
C ASN L 266 -32.15 -8.31 26.18
N TYR L 267 -31.36 -7.34 26.63
CA TYR L 267 -30.40 -6.67 25.76
C TYR L 267 -29.40 -5.88 26.62
N GLY L 268 -28.32 -5.42 26.00
CA GLY L 268 -27.30 -4.67 26.73
C GLY L 268 -26.17 -4.23 25.82
N VAL L 269 -25.06 -3.80 26.43
CA VAL L 269 -23.84 -3.43 25.69
C VAL L 269 -22.61 -3.61 26.58
N LYS L 270 -21.47 -3.96 25.95
CA LYS L 270 -20.21 -4.14 26.67
C LYS L 270 -19.71 -2.86 27.33
N GLY L 271 -19.18 -2.96 28.55
CA GLY L 271 -18.74 -1.76 29.26
C GLY L 271 -17.69 -1.98 30.34
N PHE L 272 -17.36 -0.95 31.13
CA PHE L 272 -16.26 -1.09 32.08
C PHE L 272 -16.56 -0.33 33.36
N GLY L 273 -15.70 -0.55 34.34
CA GLY L 273 -15.79 0.16 35.60
C GLY L 273 -14.57 -0.05 36.49
N PHE L 274 -13.78 1.01 36.70
CA PHE L 274 -12.57 0.93 37.53
C PHE L 274 -12.90 1.26 38.97
N ARG L 275 -12.59 0.35 39.88
CA ARG L 275 -12.73 0.65 41.30
C ARG L 275 -11.61 1.57 41.74
N GLN L 276 -11.94 2.55 42.57
CA GLN L 276 -10.98 3.50 43.14
C GLN L 276 -11.30 3.61 44.61
N GLY L 277 -10.73 2.73 45.41
CA GLY L 277 -11.13 2.62 46.80
C GLY L 277 -12.50 1.98 46.92
N ASN L 278 -13.52 2.77 47.26
CA ASN L 278 -14.89 2.29 47.20
C ASN L 278 -15.74 2.93 46.10
N SER L 279 -15.42 4.14 45.64
CA SER L 279 -15.93 4.70 44.39
C SER L 279 -15.65 3.84 43.14
N VAL L 280 -16.21 4.27 42.01
CA VAL L 280 -16.10 3.60 40.71
C VAL L 280 -16.19 4.61 39.55
N TRP L 281 -15.26 4.52 38.59
CA TRP L 281 -15.31 5.24 37.31
C TRP L 281 -16.12 4.37 36.34
N ALA L 282 -17.44 4.53 36.31
CA ALA L 282 -18.30 3.75 35.43
C ALA L 282 -18.57 4.48 34.14
N GLY L 283 -18.35 3.80 33.01
CA GLY L 283 -18.64 4.38 31.70
C GLY L 283 -20.01 3.94 31.21
N ARG L 284 -20.76 4.88 30.63
CA ARG L 284 -22.04 4.45 30.07
C ARG L 284 -22.33 5.28 28.82
N THR L 285 -23.29 4.82 28.00
CA THR L 285 -23.77 5.66 26.91
C THR L 285 -24.59 6.82 27.46
N VAL L 286 -24.75 7.86 26.64
CA VAL L 286 -25.54 9.03 27.06
C VAL L 286 -27.03 8.73 26.99
N SER L 287 -27.48 8.07 25.93
CA SER L 287 -28.91 7.79 25.74
C SER L 287 -29.31 6.54 26.51
N ILE L 288 -30.59 6.48 26.90
CA ILE L 288 -31.07 5.39 27.72
C ILE L 288 -31.67 4.26 26.92
N SER L 289 -31.64 4.33 25.59
CA SER L 289 -32.29 3.29 24.81
C SER L 289 -31.58 3.02 23.49
N SER L 290 -30.38 3.54 23.28
CA SER L 290 -29.64 3.33 22.05
C SER L 290 -28.18 3.57 22.35
N ARG L 291 -27.34 3.03 21.47
CA ARG L 291 -25.89 3.13 21.62
C ARG L 291 -25.41 4.43 20.98
N SER L 292 -25.55 5.53 21.72
CA SER L 292 -25.10 6.84 21.27
C SER L 292 -24.49 7.62 22.42
N GLY L 293 -23.47 8.42 22.12
CA GLY L 293 -22.76 9.21 23.11
C GLY L 293 -22.01 8.38 24.13
N PHE L 294 -21.18 9.02 24.96
CA PHE L 294 -20.44 8.27 25.97
C PHE L 294 -20.09 9.19 27.15
N GLU L 295 -20.33 8.70 28.36
CA GLU L 295 -20.03 9.37 29.62
C GLU L 295 -19.06 8.52 30.45
N ILE L 296 -18.30 9.18 31.34
CA ILE L 296 -17.56 8.50 32.41
C ILE L 296 -17.93 9.17 33.73
N LEU L 297 -18.39 8.37 34.70
CA LEU L 297 -18.93 8.87 35.96
C LEU L 297 -18.14 8.32 37.14
N LEU L 298 -17.72 9.19 38.05
CA LEU L 298 -17.10 8.79 39.31
C LEU L 298 -18.15 8.77 40.40
N ILE L 299 -18.64 7.60 40.77
CA ILE L 299 -19.72 7.48 41.74
C ILE L 299 -19.11 7.27 43.13
N GLU L 300 -19.38 8.19 44.06
CA GLU L 300 -18.92 8.04 45.44
C GLU L 300 -19.53 6.80 46.09
N ASP L 301 -18.66 5.89 46.53
CA ASP L 301 -19.00 4.61 47.16
C ASP L 301 -19.92 3.77 46.30
N GLY L 302 -19.84 3.97 44.99
CA GLY L 302 -20.65 3.25 44.06
C GLY L 302 -20.31 1.78 43.91
N TRP L 303 -19.14 1.35 44.39
CA TRP L 303 -18.80 -0.07 44.34
C TRP L 303 -19.42 -0.84 45.49
N ILE L 304 -19.95 -0.16 46.52
CA ILE L 304 -20.52 -0.92 47.61
C ILE L 304 -21.89 -0.44 48.11
N ARG L 305 -22.23 0.85 47.91
CA ARG L 305 -23.08 1.57 48.86
C ARG L 305 -24.49 1.94 48.37
N THR L 306 -24.91 1.49 47.18
CA THR L 306 -26.14 1.93 46.53
C THR L 306 -26.24 3.45 46.36
N SER L 307 -25.11 4.12 46.17
CA SER L 307 -25.04 5.58 46.17
C SER L 307 -25.30 6.19 44.80
N LYS L 308 -25.88 7.40 44.80
CA LYS L 308 -26.19 8.15 43.58
C LYS L 308 -25.27 9.34 43.32
N THR L 309 -24.38 9.66 44.27
CA THR L 309 -23.62 10.92 44.25
C THR L 309 -22.48 10.90 43.24
N ILE L 310 -22.72 11.44 42.05
CA ILE L 310 -21.71 11.52 40.99
C ILE L 310 -20.79 12.70 41.31
N VAL L 311 -19.52 12.41 41.61
CA VAL L 311 -18.59 13.44 42.04
C VAL L 311 -18.01 14.14 40.83
N LYS L 312 -17.81 13.38 39.75
CA LYS L 312 -17.28 13.90 38.51
C LYS L 312 -17.97 13.18 37.34
N LYS L 313 -18.01 13.86 36.21
CA LYS L 313 -18.57 13.38 34.96
C LYS L 313 -17.74 13.96 33.83
N VAL L 314 -17.46 13.13 32.84
CA VAL L 314 -16.73 13.52 31.64
C VAL L 314 -17.53 13.00 30.45
N GLU L 315 -17.41 13.68 29.31
CA GLU L 315 -18.07 13.20 28.10
C GLU L 315 -17.04 13.18 26.98
N VAL L 316 -17.09 12.12 26.18
CA VAL L 316 -16.11 11.92 25.13
C VAL L 316 -16.79 11.69 23.79
N LEU L 317 -18.11 11.62 23.78
CA LEU L 317 -18.89 11.66 22.54
C LEU L 317 -20.22 12.31 22.83
N ASN L 318 -20.78 13.06 21.88
CA ASN L 318 -22.01 13.73 22.24
C ASN L 318 -23.20 12.98 21.67
N ASN L 319 -24.38 13.24 22.23
CA ASN L 319 -25.47 12.30 22.04
C ASN L 319 -25.87 12.14 20.58
N LYS L 320 -25.37 12.99 19.68
CA LYS L 320 -25.73 12.89 18.26
C LYS L 320 -24.81 11.97 17.47
N ASN L 321 -23.90 11.27 18.11
CA ASN L 321 -22.95 10.40 17.43
C ASN L 321 -23.10 8.97 17.94
N TRP L 322 -22.94 8.00 17.05
CA TRP L 322 -23.07 6.61 17.44
C TRP L 322 -21.84 6.13 18.21
N SER L 323 -22.06 5.21 19.16
CA SER L 323 -20.99 4.55 19.90
C SER L 323 -21.26 3.06 19.97
N GLY L 324 -20.61 2.36 20.89
CA GLY L 324 -20.66 0.90 20.90
C GLY L 324 -20.02 0.27 22.11
N TYR L 325 -19.31 -0.85 21.92
CA TYR L 325 -18.63 -1.50 23.03
C TYR L 325 -17.63 -0.54 23.68
N SER L 326 -17.15 -0.91 24.86
CA SER L 326 -16.06 -0.22 25.54
C SER L 326 -15.49 -1.16 26.59
N GLY L 327 -14.20 -1.03 26.90
CA GLY L 327 -13.56 -1.99 27.79
C GLY L 327 -12.35 -1.41 28.48
N ALA L 328 -11.83 -2.15 29.46
CA ALA L 328 -10.75 -1.58 30.24
C ALA L 328 -9.42 -2.08 29.69
N PHE L 329 -8.32 -1.52 30.22
CA PHE L 329 -7.00 -2.15 30.21
C PHE L 329 -6.08 -1.29 31.08
N THR L 330 -4.86 -1.77 31.32
CA THR L 330 -3.91 -1.05 32.15
C THR L 330 -2.52 -1.05 31.53
N ILE L 331 -1.80 0.06 31.70
CA ILE L 331 -0.44 0.20 31.20
C ILE L 331 0.52 -0.16 32.33
N PRO L 332 1.43 -1.10 32.14
CA PRO L 332 2.18 -1.67 33.26
C PRO L 332 3.34 -0.80 33.73
N ILE L 333 3.97 -1.25 34.81
CA ILE L 333 5.13 -0.58 35.38
C ILE L 333 6.28 -0.59 34.39
N THR L 334 6.46 -1.69 33.66
CA THR L 334 7.58 -1.79 32.74
C THR L 334 7.61 -0.63 31.75
N MET L 335 6.46 -0.02 31.47
CA MET L 335 6.42 1.12 30.56
C MET L 335 6.55 2.46 31.30
N THR L 336 5.77 2.67 32.35
CA THR L 336 5.61 3.99 32.96
C THR L 336 6.59 4.26 34.10
N SER L 337 7.18 3.23 34.68
CA SER L 337 8.03 3.31 35.88
C SER L 337 7.30 3.85 37.10
N LYS L 338 5.98 3.97 37.04
CA LYS L 338 5.21 4.26 38.25
C LYS L 338 5.04 2.99 39.06
N GLN L 339 4.98 3.15 40.38
CA GLN L 339 4.77 2.07 41.34
C GLN L 339 3.29 1.78 41.48
N CYS L 340 2.57 1.79 40.36
CA CYS L 340 1.16 1.43 40.29
C CYS L 340 0.75 1.34 38.83
N LEU L 341 -0.39 0.72 38.58
CA LEU L 341 -0.87 0.45 37.22
C LEU L 341 -1.79 1.57 36.76
N VAL L 342 -1.52 2.13 35.58
CA VAL L 342 -2.33 3.23 35.06
C VAL L 342 -3.56 2.68 34.32
N PRO L 343 -4.77 3.00 34.76
CA PRO L 343 -5.99 2.54 34.08
C PRO L 343 -6.19 3.26 32.76
N CYS L 344 -6.74 2.55 31.77
CA CYS L 344 -7.06 3.13 30.47
C CYS L 344 -8.35 2.48 29.99
N PHE L 345 -9.03 3.11 29.02
CA PHE L 345 -10.19 2.48 28.41
C PHE L 345 -10.23 2.81 26.92
N TRP L 346 -10.98 2.00 26.17
CA TRP L 346 -11.20 2.19 24.76
C TRP L 346 -12.69 2.26 24.47
N LEU L 347 -13.04 2.93 23.37
CA LEU L 347 -14.43 3.15 22.97
C LEU L 347 -14.53 2.93 21.47
N GLU L 348 -15.51 2.17 21.04
CA GLU L 348 -15.70 1.97 19.61
C GLU L 348 -16.95 2.65 19.12
N MET L 349 -16.88 3.15 17.89
CA MET L 349 -17.95 3.88 17.24
C MET L 349 -18.34 3.11 15.99
N ILE L 350 -19.56 2.59 15.96
CA ILE L 350 -20.04 1.70 14.91
C ILE L 350 -20.77 2.53 13.87
N ARG L 351 -20.55 2.24 12.59
CA ARG L 351 -21.25 2.87 11.49
C ARG L 351 -21.61 1.82 10.44
N GLY L 352 -22.84 1.91 9.91
CA GLY L 352 -23.29 0.96 8.89
C GLY L 352 -24.70 0.47 9.17
N LYS L 353 -24.99 -0.72 8.63
CA LYS L 353 -26.37 -1.11 8.37
C LYS L 353 -27.26 -1.12 9.61
N PRO L 354 -26.81 -1.56 10.78
CA PRO L 354 -27.75 -1.72 11.90
C PRO L 354 -28.51 -0.45 12.26
N GLU L 355 -27.96 0.73 11.96
CA GLU L 355 -28.68 1.97 12.24
C GLU L 355 -28.72 2.92 11.05
N GLU L 356 -27.83 2.74 10.08
CA GLU L 356 -27.81 3.56 8.88
C GLU L 356 -28.19 2.66 7.72
N ARG L 357 -29.49 2.63 7.43
CA ARG L 357 -30.08 1.55 6.66
C ARG L 357 -29.52 1.45 5.24
N THR L 358 -29.02 2.56 4.68
CA THR L 358 -28.71 2.54 3.25
C THR L 358 -27.35 1.94 2.92
N SER L 359 -26.42 1.87 3.85
CA SER L 359 -25.12 1.27 3.60
C SER L 359 -25.17 -0.25 3.67
N ILE L 360 -24.35 -0.92 2.84
CA ILE L 360 -24.38 -2.38 2.77
C ILE L 360 -23.43 -3.04 3.77
N TRP L 361 -22.52 -2.29 4.39
CA TRP L 361 -21.45 -2.83 5.22
C TRP L 361 -21.65 -2.40 6.68
N THR L 362 -20.79 -2.91 7.57
CA THR L 362 -20.78 -2.47 8.97
C THR L 362 -19.36 -2.53 9.49
N SER L 363 -18.84 -1.39 9.97
CA SER L 363 -17.48 -1.29 10.50
C SER L 363 -17.50 -0.43 11.75
N SER L 364 -16.37 -0.40 12.47
CA SER L 364 -16.25 0.47 13.63
C SER L 364 -14.83 1.01 13.78
N SER L 365 -14.71 2.08 14.58
CA SER L 365 -13.50 2.87 14.75
C SER L 365 -13.23 3.09 16.23
N SER L 366 -11.96 3.10 16.62
CA SER L 366 -11.57 3.04 18.02
C SER L 366 -11.00 4.37 18.49
N THR L 367 -11.32 4.72 19.74
CA THR L 367 -10.66 5.82 20.46
C THR L 367 -10.20 5.30 21.81
N VAL L 368 -9.02 5.72 22.24
CA VAL L 368 -8.39 5.21 23.44
C VAL L 368 -8.06 6.37 24.36
N PHE L 369 -8.34 6.21 25.65
CA PHE L 369 -8.07 7.21 26.67
C PHE L 369 -7.31 6.57 27.82
N CYS L 370 -6.58 7.38 28.58
CA CYS L 370 -5.87 6.91 29.77
C CYS L 370 -5.99 7.90 30.91
N GLY L 371 -6.00 7.39 32.14
CA GLY L 371 -6.23 8.23 33.29
C GLY L 371 -5.00 9.04 33.67
N VAL L 372 -5.25 10.27 34.11
CA VAL L 372 -4.23 11.24 34.50
C VAL L 372 -4.62 11.84 35.83
N SER L 373 -3.63 12.14 36.66
CA SER L 373 -3.92 12.63 38.00
C SER L 373 -4.52 14.03 37.96
N SER L 374 -4.19 14.83 36.95
CA SER L 374 -4.82 16.12 36.77
C SER L 374 -6.27 15.96 36.31
N GLU L 375 -7.09 16.96 36.60
CA GLU L 375 -8.42 17.02 36.01
C GLU L 375 -8.30 17.35 34.53
N VAL L 376 -9.18 16.78 33.72
CA VAL L 376 -9.10 16.91 32.27
C VAL L 376 -10.51 17.12 31.70
N PRO L 377 -10.68 18.03 30.75
CA PRO L 377 -12.03 18.30 30.22
C PRO L 377 -12.44 17.32 29.14
N GLY L 378 -13.74 17.38 28.79
CA GLY L 378 -14.28 16.56 27.72
C GLY L 378 -14.49 17.29 26.41
N TRP L 379 -14.68 16.50 25.36
CA TRP L 379 -14.96 17.00 24.02
C TRP L 379 -15.48 15.83 23.20
N SER L 380 -16.04 16.13 22.03
CA SER L 380 -16.66 15.12 21.19
C SER L 380 -15.71 14.68 20.10
N TRP L 381 -14.90 13.67 20.40
CA TRP L 381 -13.95 13.11 19.44
C TRP L 381 -14.62 12.00 18.61
N ASP L 382 -15.58 12.38 17.79
CA ASP L 382 -16.36 11.42 17.03
C ASP L 382 -15.59 10.95 15.79
N ASP L 383 -16.22 10.04 15.03
CA ASP L 383 -15.50 9.31 13.99
C ASP L 383 -15.40 10.06 12.68
N GLY L 384 -16.33 10.95 12.37
CA GLY L 384 -16.18 11.88 11.27
C GLY L 384 -16.31 11.31 9.87
N ALA L 385 -16.81 10.10 9.71
CA ALA L 385 -17.02 9.59 8.36
C ALA L 385 -18.23 10.27 7.73
N ILE L 386 -18.35 10.11 6.41
CA ILE L 386 -19.46 10.72 5.66
C ILE L 386 -20.11 9.66 4.76
N LEU L 387 -21.01 8.87 5.33
CA LEU L 387 -21.70 7.85 4.55
C LEU L 387 -22.85 8.49 3.77
N PRO L 388 -23.28 7.86 2.65
CA PRO L 388 -22.87 6.57 2.07
C PRO L 388 -21.51 6.60 1.37
N PHE L 389 -20.83 5.47 1.33
CA PHE L 389 -19.58 5.32 0.60
C PHE L 389 -19.88 4.90 -0.84
N ASP L 390 -18.83 4.87 -1.65
CA ASP L 390 -19.02 4.68 -3.08
C ASP L 390 -19.55 3.30 -3.44
N ILE L 391 -19.38 2.30 -2.57
CA ILE L 391 -19.94 0.99 -2.88
C ILE L 391 -21.42 0.91 -2.50
N ASP L 392 -21.89 1.84 -1.66
CA ASP L 392 -23.30 1.91 -1.29
C ASP L 392 -24.17 2.54 -2.37
N LYS L 393 -23.57 3.11 -3.41
CA LYS L 393 -24.34 3.83 -4.42
C LYS L 393 -24.93 2.92 -5.49
C1 NAG M . -17.23 19.86 -0.90
C2 NAG M . -18.00 19.21 -2.05
C3 NAG M . -18.92 20.23 -2.70
C4 NAG M . -19.86 20.80 -1.66
C5 NAG M . -19.08 21.32 -0.45
C6 NAG M . -20.02 21.69 0.68
C7 NAG M . -16.79 17.28 -3.02
C8 NAG M . -15.91 16.81 -4.16
N2 NAG M . -17.16 18.59 -3.04
O3 NAG M . -19.63 19.59 -3.73
O4 NAG M . -20.60 21.82 -2.28
O5 NAG M . -18.17 20.35 0.04
O6 NAG M . -19.31 22.13 1.80
O7 NAG M . -17.12 16.52 -2.14
H1 NAG M . -16.72 20.60 -1.26
H2 NAG M . -18.56 18.51 -1.68
H3 NAG M . -18.37 20.96 -3.03
H4 NAG M . -20.45 20.09 -1.37
H5 NAG M . -18.61 22.12 -0.70
H61 NAG M . -20.65 22.36 0.34
H62 NAG M . -20.57 20.91 0.87
H81 NAG M . -16.44 16.30 -4.79
H82 NAG M . -15.56 17.57 -4.65
H83 NAG M . -15.17 16.26 -3.87
HN2 NAG M . -16.90 19.06 -3.70
HO3 NAG M . -19.06 19.30 -4.28
HO4 NAG M . -20.87 21.55 -3.03
HO6 NAG M . -19.87 22.29 2.42
C1 NAG N . 27.90 15.18 28.43
C2 NAG N . 28.88 14.02 28.18
C3 NAG N . 29.82 13.84 29.38
C4 NAG N . 30.49 15.16 29.73
C5 NAG N . 29.42 16.23 29.96
C6 NAG N . 29.95 17.61 30.25
C7 NAG N . 27.92 12.35 26.63
C8 NAG N . 27.17 11.03 26.54
N2 NAG N . 28.17 12.80 27.88
O3 NAG N . 30.77 12.86 29.09
O4 NAG N . 31.26 14.96 30.90
O5 NAG N . 28.60 16.32 28.81
O6 NAG N . 30.76 18.07 29.18
O7 NAG N . 28.25 12.93 25.62
H1 NAG N . 27.30 14.93 29.16
H2 NAG N . 29.42 14.25 27.42
H3 NAG N . 29.27 13.59 30.14
H4 NAG N . 31.05 15.43 28.99
H5 NAG N . 28.89 15.96 30.73
H61 NAG N . 29.20 18.20 30.40
H62 NAG N . 30.43 17.58 31.09
H81 NAG N . 27.79 10.30 26.61
H82 NAG N . 26.54 10.96 27.28
H83 NAG N . 26.67 10.93 25.72
HN2 NAG N . 27.91 12.32 28.54
HO3 NAG N . 31.32 12.85 29.73
HO4 NAG N . 31.80 15.60 30.99
HO6 NAG N . 31.03 18.85 29.36
CA CA O . 4.08 40.60 11.70
C1 NAG P . 0.92 15.77 -21.47
C2 NAG P . -0.59 15.58 -21.62
C3 NAG P . -1.13 16.11 -22.95
C4 NAG P . -0.67 17.54 -23.18
C5 NAG P . 0.85 17.66 -23.00
C6 NAG P . 1.26 19.11 -22.95
C7 NAG P . -1.51 13.67 -20.39
C8 NAG P . -1.86 12.21 -20.39
N2 NAG P . -0.96 14.20 -21.50
O3 NAG P . -2.53 16.02 -22.89
O4 NAG P . -1.12 17.95 -24.47
O5 NAG P . 1.31 17.06 -21.80
O6 NAG P . 2.64 19.25 -22.68
O7 NAG P . -1.72 14.34 -19.39
H1 NAG P . 1.35 15.17 -22.09
H2 NAG P . -1.03 16.07 -20.91
H3 NAG P . -0.75 15.57 -23.66
H4 NAG P . -1.10 18.09 -22.51
H5 NAG P . 1.29 17.26 -23.76
H61 NAG P . 1.02 19.54 -23.78
H62 NAG P . 0.72 19.56 -22.28
H81 NAG P . -1.51 11.76 -21.17
H82 NAG P . -1.47 11.79 -19.61
H83 NAG P . -2.83 12.04 -20.36
HN2 NAG P . -0.81 13.71 -22.20
HO3 NAG P . -2.73 15.20 -22.91
HO4 NAG P . -1.54 17.30 -24.87
HO6 NAG P . 2.82 20.08 -22.63
C1 NAG Q . 41.52 -7.11 6.50
C2 NAG Q . 41.25 -8.08 7.66
C3 NAG Q . 42.50 -8.28 8.53
C4 NAG Q . 43.65 -8.71 7.65
C5 NAG Q . 43.91 -7.59 6.65
C6 NAG Q . 45.06 -7.81 5.67
C7 NAG Q . 38.87 -7.98 8.32
C8 NAG Q . 37.89 -7.35 9.29
N2 NAG Q . 40.15 -7.62 8.47
O3 NAG Q . 42.24 -9.24 9.52
O4 NAG Q . 44.72 -8.96 8.53
O5 NAG Q . 42.75 -7.43 5.87
O6 NAG Q . 44.90 -9.02 4.99
O7 NAG Q . 38.49 -8.76 7.46
H1 NAG Q . 41.58 -6.20 6.86
H2 NAG Q . 41.00 -8.93 7.29
H3 NAG Q . 42.73 -7.43 8.92
H4 NAG Q . 43.39 -9.51 7.17
H5 NAG Q . 44.13 -6.79 7.15
H61 NAG Q . 45.07 -7.05 5.06
H62 NAG Q . 45.90 -7.76 6.15
H81 NAG Q . 36.98 -7.58 9.01
H82 NAG Q . 38.02 -7.72 10.16
H83 NAG Q . 37.95 -6.39 9.35
HN2 NAG Q . 40.34 -7.06 9.11
HO3 NAG Q . 42.97 -9.39 9.92
HO4 NAG Q . 45.42 -9.17 8.08
HO6 NAG Q . 45.57 -9.13 4.46
CA CA R . 30.94 5.14 -28.59
C1 NAG S . -7.04 -11.54 -22.52
C2 NAG S . -7.97 -10.38 -22.88
C3 NAG S . -8.90 -10.87 -23.98
C4 NAG S . -8.09 -11.29 -25.19
C5 NAG S . -7.00 -12.29 -24.80
C6 NAG S . -6.03 -12.48 -25.94
C7 NAG S . -8.30 -8.89 -20.95
C8 NAG S . -9.26 -8.45 -19.87
N2 NAG S . -8.74 -9.85 -21.79
O3 NAG S . -9.78 -9.84 -24.31
O4 NAG S . -8.99 -11.87 -26.11
O5 NAG S . -6.28 -11.88 -23.65
O6 NAG S . -5.05 -13.44 -25.62
O7 NAG S . -7.19 -8.39 -21.04
H1 NAG S . -7.58 -12.30 -22.25
H2 NAG S . -7.43 -9.66 -23.24
H3 NAG S . -9.36 -11.66 -23.64
H4 NAG S . -7.67 -10.51 -25.56
H5 NAG S . -7.43 -13.16 -24.65
H61 NAG S . -6.53 -12.71 -26.73
H62 NAG S . -5.65 -11.61 -26.13
H81 NAG S . -9.97 -9.11 -19.76
H82 NAG S . -8.79 -8.41 -19.02
H83 NAG S . -9.67 -7.59 -20.01
HN2 NAG S . -9.53 -10.15 -21.67
HO3 NAG S . -10.25 -10.10 -24.96
HO4 NAG S . -8.66 -11.82 -26.89
HO6 NAG S . -4.51 -13.49 -26.28
C1 NAG T . 21.35 -31.71 18.84
C2 NAG T . 21.49 -30.95 20.18
C3 NAG T . 22.64 -31.53 20.98
C4 NAG T . 22.34 -33.00 21.23
C5 NAG T . 22.39 -33.63 19.85
C6 NAG T . 22.29 -35.14 19.83
C7 NAG T . 20.64 -28.62 19.95
C8 NAG T . 21.06 -27.20 19.66
N2 NAG T . 21.63 -29.53 19.96
O3 NAG T . 22.84 -30.82 22.17
O4 NAG T . 23.29 -33.55 22.12
O5 NAG T . 21.33 -33.10 19.08
O6 NAG T . 21.42 -35.59 20.84
O7 NAG T . 19.46 -28.88 20.12
H1 NAG T . 22.13 -31.51 18.31
H2 NAG T . 20.68 -31.08 20.70
H3 NAG T . 23.44 -31.49 20.42
H4 NAG T . 21.44 -33.05 21.59
H5 NAG T . 23.25 -33.41 19.45
H61 NAG T . 21.98 -35.41 18.95
H62 NAG T . 23.17 -35.49 19.91
H81 NAG T . 21.54 -27.16 18.82
H82 NAG T . 20.26 -26.64 19.56
H83 NAG T . 21.61 -26.80 20.36
HN2 NAG T . 22.44 -29.25 19.81
HO3 NAG T . 23.29 -31.31 22.70
HO4 NAG T . 23.27 -34.39 22.06
HO6 NAG T . 21.07 -36.34 20.60
CA CA U . -2.42 -41.19 -10.09
C1 NAG V . -25.21 -6.91 -1.84
C2 NAG V . -25.23 -6.79 -3.36
C3 NAG V . -26.64 -6.35 -3.77
C4 NAG V . -27.61 -7.42 -3.30
C5 NAG V . -27.41 -7.75 -1.82
C6 NAG V . -28.21 -8.98 -1.40
C7 NAG V . -24.08 -4.60 -3.58
C8 NAG V . -22.86 -3.94 -4.17
N2 NAG V . -24.17 -5.92 -3.82
O3 NAG V . -26.68 -6.17 -5.15
O4 NAG V . -28.91 -6.92 -3.54
O5 NAG V . -26.05 -7.99 -1.50
O6 NAG V . -27.64 -10.14 -1.96
O7 NAG V . -24.90 -3.97 -2.95
H1 NAG V . -25.54 -6.10 -1.45
H2 NAG V . -25.07 -7.66 -3.74
H3 NAG V . -26.85 -5.54 -3.29
H4 NAG V . -27.46 -8.21 -3.83
H5 NAG V . -27.75 -7.01 -1.29
H61 NAG V . -28.22 -9.01 -0.43
H62 NAG V . -29.12 -8.85 -1.68
H81 NAG V . -22.92 -2.98 -4.05
H82 NAG V . -22.08 -4.24 -3.69
H83 NAG V . -22.72 -4.14 -5.12
HN2 NAG V . -23.54 -6.29 -4.27
HO3 NAG V . -26.18 -5.52 -5.34
HO4 NAG V . -28.94 -6.63 -4.34
HO6 NAG V . -26.84 -10.21 -1.68
C1 NAG W . 7.67 -9.45 40.88
C2 NAG W . 9.08 -8.85 40.86
C3 NAG W . 9.93 -9.45 41.99
C4 NAG W . 9.25 -9.28 43.33
C5 NAG W . 7.85 -9.90 43.25
C6 NAG W . 7.03 -9.72 44.51
C7 NAG W . 9.67 -8.17 38.56
C8 NAG W . 10.36 -8.62 37.29
N2 NAG W . 9.69 -9.06 39.57
O3 NAG W . 11.20 -8.84 41.98
O4 NAG W . 10.05 -9.93 44.30
O5 NAG W . 7.14 -9.32 42.19
O6 NAG W . 6.90 -8.35 44.84
O7 NAG W . 9.15 -7.08 38.63
H1 NAG W . 7.74 -10.40 40.69
H2 NAG W . 9.01 -7.90 41.01
H3 NAG W . 10.01 -10.40 41.82
H4 NAG W . 9.18 -8.34 43.52
H5 NAG W . 7.95 -10.85 43.12
H61 NAG W . 6.16 -10.14 44.36
H62 NAG W . 7.44 -10.23 45.22
H81 NAG W . 10.21 -7.96 36.59
H82 NAG W . 11.32 -8.65 37.44
H83 NAG W . 10.07 -9.49 36.96
HN2 NAG W . 10.07 -9.82 39.44
HO3 NAG W . 11.61 -9.13 42.67
HO4 NAG W . 9.80 -9.68 45.07
HO6 NAG W . 6.42 -8.29 45.54
CA CA X . -29.24 -5.71 30.21
#